data_2B24
#
_entry.id   2B24
#
_cell.length_a   179.358
_cell.length_b   179.358
_cell.length_c   245.411
_cell.angle_alpha   90.00
_cell.angle_beta   90.00
_cell.angle_gamma   90.00
#
_symmetry.space_group_name_H-M   'P 43 21 2'
#
loop_
_entity.id
_entity.type
_entity.pdbx_description
1 polymer 'naphthalene dioxygenase large subunit'
2 polymer 'naphthalene dioxygenase small subunit'
3 non-polymer 'FE (III) ION'
4 non-polymer 'FE2/S2 (INORGANIC) CLUSTER'
5 non-polymer INDOLE
6 water water
#
loop_
_entity_poly.entity_id
_entity_poly.type
_entity_poly.pdbx_seq_one_letter_code
_entity_poly.pdbx_strand_id
1 'polypeptide(L)'
;MLSNELRQTLQKGLHDVNSDWTVPAAIINDPEVHDVERERIFGHAWVFLAHESEIPERGDYVVRYISEDQFIVCRDEGGE
IRGHLNACRHRGMQVCRAEMGNTSHFRCPYHGWTYSNTGSLVGVPAGKDAYGNQLKKSDWNLRPMPNLASYKGLIFGSLD
PHADSLEDYLGDLKFYLDIVLDRSDAGLQVVGAPQRWVIDANWKLGADNFVGDAYHTMMTHRSMVELGLAPPDPQFALYG
EHIHTGHGHGLGIIGPPPGMPLPEFMGLPENIVEELERRLTPEQVEIFRPTAFIHGTVFPNLSIGNFLMGKDHLSAPTAF
LTLRLWHPLGPDKMEVMSFFLVEKDAPDWFKDESYKSYLRTFGISGGFEQDDAENWRSITRVMGGQFAKTGELNYQMGRG
VLEPDPNWTGPGEAYPLDYAEANQRNFLEYWMQLMLAESPLRDGNSNGSGTADASTPAAAKSKSPAKAEA
;
A,C,E
2 'polypeptide(L)'
;MNTQTRVSDTTVREITEWLYMEAELLDAGKYREWLALVTEDLSYVVPIRVTREREAVTDVVEGMTHMDDDADSMEMRVLR
LETEYAWAEDPPSRSRHFVTNVRVATGDSEDEFKVTSNLLLYRTRGDVATYDVLSGERTDVLRRAGDSFLMAKRVVLLDQ
TTIMTHNLALIM
;
B,D,F
#
# COMPACT_ATOMS: atom_id res chain seq x y z
N MET A 1 21.57 14.69 -14.93
CA MET A 1 20.19 14.75 -14.59
C MET A 1 19.90 15.72 -13.40
N LEU A 2 20.17 17.00 -13.40
CA LEU A 2 19.43 17.80 -12.45
C LEU A 2 18.58 18.16 -13.63
N SER A 3 17.30 18.43 -13.51
CA SER A 3 16.57 18.85 -14.72
C SER A 3 16.86 20.33 -14.92
N ASN A 4 16.21 20.97 -15.90
CA ASN A 4 16.46 22.39 -16.13
C ASN A 4 15.62 23.23 -15.18
N GLU A 5 14.42 22.77 -14.88
CA GLU A 5 13.52 23.49 -13.98
C GLU A 5 14.01 23.46 -12.52
N LEU A 6 14.49 22.30 -12.06
CA LEU A 6 14.98 22.18 -10.69
C LEU A 6 16.29 22.96 -10.49
N ARG A 7 17.18 22.92 -11.46
CA ARG A 7 18.43 23.68 -11.39
C ARG A 7 18.12 25.16 -11.21
N GLN A 8 17.13 25.66 -11.96
CA GLN A 8 16.76 27.08 -11.95
C GLN A 8 16.15 27.49 -10.64
N THR A 9 15.34 26.60 -10.05
CA THR A 9 14.68 26.93 -8.78
C THR A 9 15.60 26.69 -7.58
N LEU A 10 16.62 25.86 -7.76
CA LEU A 10 17.64 25.71 -6.73
C LEU A 10 18.53 26.95 -6.70
N GLN A 11 18.88 27.45 -7.88
CA GLN A 11 19.70 28.65 -8.05
C GLN A 11 18.99 29.92 -7.58
N LYS A 12 17.70 30.03 -7.90
CA LYS A 12 16.89 31.12 -7.43
C LYS A 12 16.81 31.13 -5.90
N GLY A 13 16.83 29.94 -5.31
CA GLY A 13 16.72 29.79 -3.88
C GLY A 13 18.00 30.16 -3.17
N LEU A 14 19.11 29.67 -3.71
CA LEU A 14 20.45 30.01 -3.23
C LEU A 14 20.68 31.53 -3.17
N HIS A 15 20.03 32.23 -4.10
CA HIS A 15 20.00 33.68 -4.12
C HIS A 15 19.12 34.25 -3.00
N ASP A 16 17.93 33.67 -2.83
CA ASP A 16 16.93 34.18 -1.88
C ASP A 16 17.18 33.83 -0.41
N VAL A 17 18.00 32.81 -0.16
CA VAL A 17 18.29 32.37 1.21
C VAL A 17 19.13 33.39 2.00
N ASN A 18 19.82 34.30 1.31
CA ASN A 18 20.65 35.32 1.97
C ASN A 18 20.15 36.75 1.76
N SER A 19 19.28 36.93 0.78
CA SER A 19 18.79 38.25 0.38
C SER A 19 17.35 38.54 0.81
N ASP A 20 16.41 37.72 0.34
CA ASP A 20 14.99 37.83 0.72
C ASP A 20 14.71 37.13 2.05
N TRP A 21 15.59 36.19 2.37
CA TRP A 21 15.45 35.28 3.52
C TRP A 21 14.23 34.35 3.42
N THR A 22 14.02 33.80 2.21
CA THR A 22 13.06 32.75 1.95
C THR A 22 13.76 31.63 1.19
N VAL A 23 13.06 30.51 1.03
CA VAL A 23 13.57 29.34 0.32
C VAL A 23 12.40 28.75 -0.52
N PRO A 24 12.69 28.28 -1.73
CA PRO A 24 11.65 27.73 -2.61
C PRO A 24 10.99 26.55 -1.94
N ALA A 25 9.66 26.49 -1.94
CA ALA A 25 8.93 25.40 -1.28
C ALA A 25 9.02 24.08 -2.01
N ALA A 26 9.46 24.10 -3.26
CA ALA A 26 9.48 22.90 -4.11
C ALA A 26 10.47 21.88 -3.61
N ILE A 27 11.20 22.21 -2.55
CA ILE A 27 12.31 21.39 -2.09
C ILE A 27 11.88 20.38 -1.03
N ILE A 28 10.60 20.42 -0.66
CA ILE A 28 10.14 19.55 0.43
C ILE A 28 9.55 18.23 -0.06
N ASN A 29 8.62 18.29 -1.01
CA ASN A 29 7.95 17.08 -1.46
C ASN A 29 7.98 16.95 -2.98
N ASP A 30 9.17 16.69 -3.53
CA ASP A 30 9.31 16.45 -4.96
C ASP A 30 9.96 15.09 -5.16
N PRO A 31 9.43 14.27 -6.06
CA PRO A 31 10.09 13.02 -6.44
C PRO A 31 11.45 13.28 -7.10
N GLU A 32 11.56 14.40 -7.83
CA GLU A 32 12.78 14.77 -8.53
C GLU A 32 13.84 15.24 -7.56
N VAL A 33 13.47 16.17 -6.69
CA VAL A 33 14.35 16.62 -5.60
C VAL A 33 14.88 15.44 -4.82
N HIS A 34 14.04 14.44 -4.57
CA HIS A 34 14.45 13.33 -3.75
C HIS A 34 15.54 12.48 -4.39
N ASP A 35 15.38 12.16 -5.66
CA ASP A 35 16.35 11.33 -6.38
C ASP A 35 17.71 12.02 -6.54
N VAL A 36 17.70 13.32 -6.82
CA VAL A 36 18.92 14.10 -6.87
C VAL A 36 19.56 14.15 -5.49
N GLU A 37 18.72 14.24 -4.45
CA GLU A 37 19.17 14.31 -3.06
C GLU A 37 19.83 13.01 -2.61
N ARG A 38 19.47 11.91 -3.26
CA ARG A 38 20.03 10.60 -2.95
C ARG A 38 21.53 10.60 -3.23
N GLU A 39 21.92 11.03 -4.43
CA GLU A 39 23.33 11.15 -4.77
C GLU A 39 23.96 12.40 -4.16
N ARG A 40 23.38 13.58 -4.41
CA ARG A 40 24.03 14.84 -4.07
C ARG A 40 24.28 15.07 -2.57
N ILE A 41 23.30 14.74 -1.73
CA ILE A 41 23.41 14.90 -0.28
C ILE A 41 23.84 13.62 0.45
N PHE A 42 23.04 12.56 0.32
CA PHE A 42 23.28 11.32 1.05
C PHE A 42 24.36 10.47 0.43
N GLY A 43 24.75 10.79 -0.81
CA GLY A 43 25.75 10.03 -1.54
C GLY A 43 27.14 10.59 -1.35
N HIS A 44 27.23 11.69 -0.60
CA HIS A 44 28.49 12.37 -0.31
C HIS A 44 28.66 12.75 1.15
N ALA A 45 27.66 13.44 1.73
CA ALA A 45 27.69 13.92 3.11
C ALA A 45 27.99 12.81 4.11
N TRP A 46 28.27 13.21 5.35
CA TRP A 46 28.62 12.27 6.41
C TRP A 46 27.36 11.97 7.17
N VAL A 47 26.85 10.76 6.99
CA VAL A 47 25.62 10.31 7.62
C VAL A 47 25.94 9.46 8.87
N PHE A 48 25.17 9.64 9.93
CA PHE A 48 25.36 8.92 11.21
C PHE A 48 24.85 7.50 11.05
N LEU A 49 25.39 6.57 11.83
CA LEU A 49 24.99 5.16 11.69
C LEU A 49 24.65 4.50 13.02
N ALA A 50 25.60 4.52 13.94
CA ALA A 50 25.46 3.85 15.23
C ALA A 50 26.24 4.63 16.27
N HIS A 51 26.14 4.26 17.54
CA HIS A 51 27.02 4.81 18.55
C HIS A 51 27.88 3.66 18.97
N GLU A 52 29.16 3.93 19.22
CA GLU A 52 30.12 2.91 19.63
C GLU A 52 29.70 2.04 20.82
N SER A 53 28.80 2.56 21.67
CA SER A 53 28.37 1.84 22.87
C SER A 53 27.24 0.90 22.62
N GLU A 54 26.73 0.92 21.40
CA GLU A 54 25.81 -0.10 20.91
C GLU A 54 26.56 -1.40 20.60
N ILE A 55 27.83 -1.27 20.24
CA ILE A 55 28.66 -2.41 19.94
C ILE A 55 29.94 -2.43 20.82
N PRO A 56 29.80 -2.75 22.11
CA PRO A 56 30.95 -2.73 23.03
C PRO A 56 31.91 -3.93 22.84
N GLU A 57 31.44 -5.17 22.95
CA GLU A 57 32.33 -6.32 22.84
C GLU A 57 32.57 -6.77 21.40
N ARG A 58 33.43 -7.78 21.23
CA ARG A 58 33.80 -8.27 19.90
C ARG A 58 32.69 -9.16 19.34
N GLY A 59 32.26 -8.81 18.13
CA GLY A 59 31.21 -9.55 17.44
C GLY A 59 29.90 -8.78 17.35
N ASP A 60 29.65 -7.88 18.31
CA ASP A 60 28.42 -7.08 18.38
C ASP A 60 28.24 -6.28 17.12
N TYR A 61 27.05 -6.34 16.54
CA TYR A 61 26.79 -5.59 15.32
C TYR A 61 25.42 -4.95 15.37
N VAL A 62 25.25 -3.89 14.59
CA VAL A 62 23.94 -3.34 14.32
C VAL A 62 23.83 -3.17 12.80
N VAL A 63 22.62 -3.32 12.26
CA VAL A 63 22.39 -3.07 10.84
C VAL A 63 21.76 -1.68 10.60
N ARG A 64 22.56 -0.78 10.03
CA ARG A 64 22.16 0.60 9.79
C ARG A 64 22.31 1.04 8.32
N TYR A 65 21.85 2.25 7.99
CA TYR A 65 21.64 2.65 6.61
C TYR A 65 22.32 3.97 6.22
N ILE A 66 22.68 4.08 4.95
CA ILE A 66 22.76 5.39 4.29
C ILE A 66 21.73 5.33 3.15
N SER A 67 20.64 6.10 3.31
CA SER A 67 19.46 5.96 2.45
C SER A 67 19.06 4.49 2.33
N GLU A 68 18.97 3.98 1.11
CA GLU A 68 18.52 2.59 0.87
C GLU A 68 19.58 1.53 1.13
N ASP A 69 20.84 1.96 1.31
CA ASP A 69 21.97 1.06 1.46
C ASP A 69 22.08 0.51 2.89
N GLN A 70 22.08 -0.81 2.99
CA GLN A 70 22.14 -1.47 4.28
C GLN A 70 23.57 -1.87 4.65
N PHE A 71 24.02 -1.43 5.83
CA PHE A 71 25.38 -1.66 6.25
C PHE A 71 25.42 -2.30 7.60
N ILE A 72 26.15 -3.41 7.73
CA ILE A 72 26.48 -3.96 9.03
C ILE A 72 27.52 -3.03 9.65
N VAL A 73 27.21 -2.48 10.81
CA VAL A 73 28.20 -1.71 11.57
C VAL A 73 28.56 -2.57 12.79
N CYS A 74 29.80 -3.05 12.86
CA CYS A 74 30.18 -4.02 13.89
C CYS A 74 31.62 -3.87 14.42
N ARG A 75 31.92 -4.60 15.49
CA ARG A 75 33.24 -4.57 16.10
C ARG A 75 33.91 -5.92 15.86
N ASP A 76 34.79 -6.01 14.85
CA ASP A 76 35.32 -7.30 14.40
C ASP A 76 36.18 -7.96 15.46
N GLU A 77 36.58 -9.20 15.24
CA GLU A 77 37.26 -9.96 16.29
C GLU A 77 38.66 -9.44 16.67
N GLY A 78 39.14 -8.45 15.94
CA GLY A 78 40.40 -7.81 16.24
C GLY A 78 40.20 -6.57 17.08
N GLY A 79 38.94 -6.18 17.28
CA GLY A 79 38.60 -5.05 18.13
C GLY A 79 38.19 -3.77 17.44
N GLU A 80 38.43 -3.69 16.13
CA GLU A 80 38.22 -2.46 15.37
C GLU A 80 36.77 -2.32 14.90
N ILE A 81 36.38 -1.10 14.55
CA ILE A 81 35.05 -0.83 14.03
C ILE A 81 35.03 -1.03 12.53
N ARG A 82 34.08 -1.82 12.04
CA ARG A 82 33.89 -2.10 10.62
C ARG A 82 32.50 -1.66 10.16
N GLY A 83 32.38 -1.27 8.90
CA GLY A 83 31.10 -0.99 8.29
C GLY A 83 31.01 -1.68 6.95
N HIS A 84 30.54 -2.92 6.95
CA HIS A 84 30.43 -3.74 5.74
C HIS A 84 29.12 -3.46 5.06
N LEU A 85 29.09 -3.53 3.73
CA LEU A 85 27.83 -3.45 3.03
C LEU A 85 27.18 -4.79 3.26
N ASN A 86 25.86 -4.79 3.45
CA ASN A 86 25.13 -6.01 3.76
C ASN A 86 24.63 -6.76 2.53
N ALA A 87 25.53 -6.94 1.57
CA ALA A 87 25.21 -7.64 0.34
C ALA A 87 26.37 -8.56 -0.06
N CYS A 88 26.10 -9.86 -0.09
CA CYS A 88 27.09 -10.87 -0.46
C CYS A 88 27.80 -10.51 -1.73
N ARG A 89 29.00 -11.04 -1.93
CA ARG A 89 29.78 -10.73 -3.12
C ARG A 89 29.37 -11.65 -4.27
N HIS A 90 28.86 -12.82 -3.93
CA HIS A 90 28.39 -13.78 -4.91
C HIS A 90 27.19 -13.29 -5.73
N ARG A 91 26.00 -13.35 -5.11
CA ARG A 91 24.76 -12.90 -5.76
C ARG A 91 24.03 -11.80 -5.02
N GLY A 92 24.65 -11.23 -4.00
CA GLY A 92 24.12 -10.03 -3.37
C GLY A 92 22.98 -10.25 -2.38
N MET A 93 23.01 -11.38 -1.69
CA MET A 93 22.04 -11.65 -0.64
C MET A 93 22.45 -10.96 0.66
N GLN A 94 21.47 -10.70 1.51
CA GLN A 94 21.73 -10.19 2.85
C GLN A 94 22.54 -11.26 3.59
N VAL A 95 23.76 -10.90 3.97
CA VAL A 95 24.58 -11.82 4.75
C VAL A 95 24.06 -11.86 6.19
N CYS A 96 23.36 -10.81 6.61
CA CYS A 96 22.75 -10.73 7.93
C CYS A 96 21.35 -10.15 7.86
N ARG A 97 20.37 -10.88 8.38
CA ARG A 97 18.97 -10.49 8.33
C ARG A 97 18.36 -10.07 9.65
N ALA A 98 19.17 -9.99 10.69
CA ALA A 98 18.75 -9.41 11.97
C ALA A 98 19.03 -7.91 11.90
N GLU A 99 18.67 -7.18 12.95
CA GLU A 99 18.97 -5.75 13.02
C GLU A 99 20.02 -5.49 14.07
N MET A 100 20.12 -6.41 15.01
CA MET A 100 21.10 -6.34 16.09
C MET A 100 21.59 -7.73 16.41
N GLY A 101 22.74 -7.81 17.05
CA GLY A 101 23.21 -9.10 17.52
C GLY A 101 24.67 -9.19 17.86
N ASN A 102 25.14 -10.43 18.03
CA ASN A 102 26.54 -10.71 18.21
C ASN A 102 26.91 -12.00 17.52
N THR A 103 27.79 -11.90 16.54
CA THR A 103 28.25 -13.08 15.81
C THR A 103 29.72 -12.91 15.46
N SER A 104 30.42 -14.04 15.39
CA SER A 104 31.80 -14.04 14.95
C SER A 104 31.81 -13.98 13.43
N HIS A 105 31.01 -14.85 12.81
CA HIS A 105 30.98 -14.96 11.36
C HIS A 105 29.62 -14.60 10.77
N PHE A 106 29.61 -14.36 9.46
CA PHE A 106 28.38 -14.08 8.73
C PHE A 106 28.22 -15.06 7.56
N ARG A 107 27.57 -16.19 7.81
CA ARG A 107 27.29 -17.16 6.77
C ARG A 107 26.11 -16.76 5.89
N CYS A 108 26.37 -16.54 4.60
CA CYS A 108 25.32 -16.16 3.65
C CYS A 108 24.43 -17.36 3.37
N PRO A 109 23.12 -17.20 3.51
CA PRO A 109 22.18 -18.31 3.35
C PRO A 109 22.09 -18.91 1.96
N TYR A 110 22.27 -18.11 0.91
CA TYR A 110 22.08 -18.59 -0.47
C TYR A 110 23.01 -19.76 -0.79
N HIS A 111 24.31 -19.48 -0.97
CA HIS A 111 25.25 -20.54 -1.37
C HIS A 111 26.18 -21.04 -0.25
N GLY A 112 26.44 -20.19 0.72
CA GLY A 112 27.18 -20.59 1.90
C GLY A 112 28.45 -19.82 2.17
N TRP A 113 28.78 -18.85 1.32
CA TRP A 113 30.01 -18.09 1.48
C TRP A 113 30.07 -17.52 2.89
N THR A 114 31.01 -17.99 3.71
CA THR A 114 31.14 -17.52 5.08
C THR A 114 32.13 -16.37 5.16
N TYR A 115 31.74 -15.29 5.84
CA TYR A 115 32.58 -14.13 6.01
C TYR A 115 32.91 -14.00 7.50
N SER A 116 34.09 -13.50 7.83
CA SER A 116 34.37 -13.14 9.21
C SER A 116 33.62 -11.84 9.45
N ASN A 117 33.48 -11.43 10.71
CA ASN A 117 32.94 -10.11 10.99
C ASN A 117 34.00 -9.10 10.64
N THR A 118 35.18 -9.62 10.34
CA THR A 118 36.32 -8.82 9.90
C THR A 118 36.16 -8.30 8.46
N GLY A 119 35.33 -8.99 7.67
CA GLY A 119 35.04 -8.58 6.31
C GLY A 119 35.51 -9.57 5.26
N SER A 120 36.62 -10.24 5.54
CA SER A 120 37.24 -11.09 4.53
C SER A 120 36.58 -12.44 4.41
N LEU A 121 36.40 -12.89 3.17
CA LEU A 121 35.77 -14.17 2.87
C LEU A 121 36.71 -15.28 3.28
N VAL A 122 36.26 -16.11 4.22
CA VAL A 122 37.09 -17.14 4.82
C VAL A 122 36.81 -18.53 4.24
N GLY A 123 35.58 -18.76 3.80
CA GLY A 123 35.21 -20.08 3.31
C GLY A 123 34.16 -20.15 2.22
N VAL A 124 34.55 -20.75 1.09
CA VAL A 124 33.63 -20.99 -0.01
C VAL A 124 33.35 -22.49 -0.17
N PRO A 125 32.14 -22.90 0.17
CA PRO A 125 31.72 -24.30 -0.01
C PRO A 125 32.06 -24.80 -1.43
N ALA A 126 32.52 -26.04 -1.52
CA ALA A 126 32.95 -26.61 -2.80
C ALA A 126 34.04 -25.74 -3.46
N GLY A 127 35.11 -25.47 -2.70
CA GLY A 127 36.26 -24.75 -3.21
C GLY A 127 36.94 -25.54 -4.31
N LYS A 128 37.24 -26.81 -4.04
CA LYS A 128 37.81 -27.71 -5.05
C LYS A 128 36.74 -28.18 -6.04
N ASP A 129 35.59 -28.61 -5.51
CA ASP A 129 34.54 -29.21 -6.33
C ASP A 129 34.00 -28.28 -7.40
N ALA A 130 33.61 -27.07 -7.00
CA ALA A 130 33.01 -26.11 -7.94
C ALA A 130 34.04 -25.25 -8.65
N TYR A 131 34.83 -24.52 -7.86
CA TYR A 131 35.75 -23.49 -8.35
C TYR A 131 37.13 -24.02 -8.71
N GLY A 132 37.45 -25.22 -8.23
CA GLY A 132 38.75 -25.84 -8.46
C GLY A 132 39.92 -25.04 -7.92
N ASN A 133 39.75 -24.53 -6.70
CA ASN A 133 40.70 -23.61 -6.05
C ASN A 133 41.08 -22.33 -6.83
N GLN A 134 40.49 -22.14 -8.01
CA GLN A 134 40.81 -20.98 -8.85
C GLN A 134 40.18 -19.67 -8.36
N LEU A 135 39.41 -19.76 -7.27
CA LEU A 135 38.74 -18.60 -6.68
C LEU A 135 39.66 -17.91 -5.67
N LYS A 136 40.01 -16.67 -5.97
CA LYS A 136 40.77 -15.83 -5.05
C LYS A 136 39.82 -15.12 -4.08
N LYS A 137 39.90 -15.48 -2.80
CA LYS A 137 38.98 -14.98 -1.78
C LYS A 137 39.18 -13.49 -1.48
N SER A 138 40.43 -13.09 -1.24
CA SER A 138 40.79 -11.70 -0.92
C SER A 138 40.10 -10.60 -1.75
N ASP A 139 39.75 -10.90 -3.00
CA ASP A 139 39.13 -9.90 -3.88
C ASP A 139 37.60 -9.82 -3.72
N TRP A 140 37.06 -10.73 -2.90
CA TRP A 140 35.62 -10.85 -2.73
C TRP A 140 35.20 -10.70 -1.27
N ASN A 141 35.63 -9.61 -0.65
CA ASN A 141 35.25 -9.30 0.73
C ASN A 141 34.16 -8.24 0.77
N LEU A 142 33.33 -8.28 1.82
CA LEU A 142 32.21 -7.37 1.96
C LEU A 142 32.67 -5.94 1.69
N ARG A 143 32.03 -5.28 0.74
CA ARG A 143 32.48 -3.94 0.34
C ARG A 143 32.57 -3.09 1.59
N PRO A 144 33.73 -2.52 1.87
CA PRO A 144 33.88 -1.61 3.01
C PRO A 144 33.16 -0.31 2.73
N MET A 145 32.41 0.19 3.69
CA MET A 145 31.82 1.53 3.61
C MET A 145 32.93 2.52 3.22
N PRO A 146 32.83 3.12 2.03
CA PRO A 146 33.90 3.92 1.46
C PRO A 146 34.70 4.68 2.51
N ASN A 147 33.99 5.48 3.31
CA ASN A 147 34.61 6.29 4.35
C ASN A 147 33.98 5.97 5.69
N LEU A 148 34.79 5.60 6.66
CA LEU A 148 34.29 5.19 7.99
C LEU A 148 35.14 5.82 9.08
N ALA A 149 34.49 6.48 10.02
CA ALA A 149 35.19 7.17 11.10
C ALA A 149 34.24 7.47 12.24
N SER A 150 34.76 7.53 13.46
CA SER A 150 33.93 7.84 14.60
C SER A 150 34.37 9.17 15.22
N TYR A 151 33.43 9.91 15.83
CA TYR A 151 33.80 11.08 16.62
C TYR A 151 33.26 11.03 18.04
N LYS A 152 34.17 10.81 19.00
CA LYS A 152 33.83 10.66 20.41
C LYS A 152 32.64 9.75 20.57
N GLY A 153 32.66 8.60 19.90
CA GLY A 153 31.60 7.63 20.00
C GLY A 153 30.69 7.51 18.78
N LEU A 154 30.53 8.59 18.04
CA LEU A 154 29.52 8.68 16.99
C LEU A 154 30.03 8.13 15.66
N ILE A 155 29.59 6.93 15.28
CA ILE A 155 30.10 6.29 14.06
C ILE A 155 29.41 6.82 12.80
N PHE A 156 30.04 7.78 12.13
CA PHE A 156 29.49 8.35 10.91
C PHE A 156 30.03 7.55 9.73
N GLY A 157 29.32 7.56 8.61
CA GLY A 157 29.76 6.89 7.40
C GLY A 157 29.48 7.76 6.20
N SER A 158 30.28 7.59 5.15
CA SER A 158 30.11 8.32 3.89
C SER A 158 30.39 7.47 2.67
N LEU A 159 29.64 7.70 1.61
CA LEU A 159 29.66 6.88 0.40
C LEU A 159 30.71 7.37 -0.60
N ASP A 160 31.27 8.55 -0.32
CA ASP A 160 32.24 9.23 -1.17
C ASP A 160 33.64 9.02 -0.62
N PRO A 161 34.53 8.35 -1.36
CA PRO A 161 35.87 8.05 -0.86
C PRO A 161 36.79 9.26 -0.91
N HIS A 162 36.44 10.25 -1.74
CA HIS A 162 37.20 11.48 -1.90
C HIS A 162 36.51 12.62 -1.17
N ALA A 163 36.10 12.38 0.07
CA ALA A 163 35.46 13.43 0.85
C ALA A 163 36.29 13.77 2.07
N ASP A 164 36.05 14.98 2.59
CA ASP A 164 36.71 15.49 3.79
C ASP A 164 36.63 14.49 4.94
N SER A 165 37.71 14.41 5.71
CA SER A 165 37.73 13.59 6.90
C SER A 165 36.61 14.03 7.84
N LEU A 166 36.08 13.08 8.61
CA LEU A 166 34.95 13.35 9.49
C LEU A 166 35.21 14.47 10.47
N GLU A 167 36.46 14.62 10.93
CA GLU A 167 36.85 15.69 11.84
C GLU A 167 36.79 17.06 11.14
N ASP A 168 37.27 17.12 9.90
CA ASP A 168 37.19 18.37 9.14
C ASP A 168 35.76 18.74 8.79
N TYR A 169 34.95 17.71 8.57
CA TYR A 169 33.58 17.89 8.13
C TYR A 169 32.73 18.47 9.24
N LEU A 170 32.95 17.99 10.46
CA LEU A 170 32.26 18.50 11.63
C LEU A 170 32.79 19.87 11.91
N GLY A 171 34.09 20.03 11.73
CA GLY A 171 34.73 21.33 11.83
C GLY A 171 34.56 21.98 13.18
N ASP A 172 34.05 23.20 13.19
CA ASP A 172 33.94 23.99 14.41
C ASP A 172 32.82 23.51 15.32
N LEU A 173 31.96 22.63 14.80
CA LEU A 173 30.87 22.06 15.59
C LEU A 173 31.42 21.16 16.71
N LYS A 174 32.54 20.50 16.44
CA LYS A 174 33.21 19.66 17.42
C LYS A 174 33.19 20.31 18.81
N PHE A 175 33.29 21.63 18.85
CA PHE A 175 33.31 22.37 20.10
C PHE A 175 32.05 22.14 20.90
N TYR A 176 30.91 22.04 20.21
CA TYR A 176 29.60 21.94 20.83
C TYR A 176 29.19 20.50 21.01
N LEU A 177 29.57 19.63 20.09
CA LEU A 177 29.35 18.19 20.25
C LEU A 177 29.99 17.71 21.54
N ASP A 178 31.11 18.32 21.90
CA ASP A 178 31.92 17.94 23.05
C ASP A 178 31.21 18.16 24.35
N ILE A 179 30.49 19.28 24.45
CA ILE A 179 29.78 19.63 25.69
C ILE A 179 28.61 18.68 25.97
N VAL A 180 28.31 17.83 25.00
CA VAL A 180 27.21 16.90 25.02
C VAL A 180 27.76 15.45 25.10
N LEU A 181 28.88 15.18 24.45
CA LEU A 181 29.43 13.83 24.39
C LEU A 181 30.62 13.57 25.30
N ASP A 182 31.39 14.60 25.61
CA ASP A 182 32.67 14.41 26.30
C ASP A 182 32.66 14.79 27.76
N ARG A 183 31.47 14.78 28.38
CA ARG A 183 31.28 15.26 29.75
C ARG A 183 31.86 14.35 30.83
N SER A 184 31.93 13.04 30.57
CA SER A 184 32.40 12.09 31.58
C SER A 184 33.49 11.11 31.09
N ASP A 185 34.21 10.50 32.03
CA ASP A 185 35.35 9.63 31.70
C ASP A 185 34.96 8.36 30.96
N ALA A 186 33.90 7.70 31.42
CA ALA A 186 33.51 6.40 30.88
C ALA A 186 32.79 6.48 29.55
N GLY A 187 32.31 7.69 29.22
CA GLY A 187 31.61 7.94 27.97
C GLY A 187 30.11 7.84 28.09
N LEU A 188 29.41 8.14 27.00
CA LEU A 188 27.96 8.08 26.91
C LEU A 188 27.54 6.66 26.54
N GLN A 189 26.32 6.27 26.88
CA GLN A 189 25.83 4.98 26.41
C GLN A 189 24.42 5.02 25.82
N VAL A 190 24.21 4.30 24.72
CA VAL A 190 22.90 4.15 24.12
C VAL A 190 22.21 3.05 24.85
N VAL A 191 21.04 3.39 25.44
CA VAL A 191 20.27 2.49 26.32
C VAL A 191 19.29 1.63 25.52
N GLY A 192 19.56 0.34 25.46
CA GLY A 192 18.64 -0.59 24.85
C GLY A 192 18.71 -0.66 23.34
N ALA A 193 18.01 0.26 22.69
CA ALA A 193 17.89 0.29 21.23
C ALA A 193 17.10 1.56 20.87
N PRO A 194 17.23 2.08 19.65
CA PRO A 194 16.45 3.26 19.25
C PRO A 194 14.99 2.92 19.06
N GLN A 195 14.09 3.87 19.23
CA GLN A 195 12.72 3.69 18.76
C GLN A 195 12.71 3.94 17.27
N ARG A 196 12.15 3.02 16.51
CA ARG A 196 12.12 3.16 15.06
C ARG A 196 10.67 3.17 14.59
N TRP A 197 10.25 4.24 13.94
CA TRP A 197 8.88 4.35 13.45
C TRP A 197 8.79 5.17 12.17
N VAL A 198 7.66 5.08 11.49
CA VAL A 198 7.48 5.74 10.20
C VAL A 198 6.54 6.96 10.23
N ILE A 199 7.07 8.17 10.06
CA ILE A 199 6.25 9.39 9.86
C ILE A 199 6.09 9.60 8.37
N ASP A 200 4.94 10.09 7.94
CA ASP A 200 4.72 10.41 6.52
C ASP A 200 5.01 11.87 6.24
N ALA A 201 6.28 12.23 6.41
CA ALA A 201 6.78 13.59 6.33
C ALA A 201 8.19 13.58 5.77
N ASN A 202 8.56 14.57 4.95
CA ASN A 202 9.90 14.65 4.37
C ASN A 202 10.88 14.92 5.49
N TRP A 203 12.04 14.26 5.43
CA TRP A 203 13.03 14.29 6.50
C TRP A 203 13.50 15.68 6.89
N LYS A 204 13.64 16.57 5.91
CA LYS A 204 14.21 17.89 6.14
C LYS A 204 13.44 18.73 7.14
N LEU A 205 12.19 18.34 7.39
CA LEU A 205 11.27 19.07 8.24
C LEU A 205 11.57 18.84 9.70
N GLY A 206 12.07 17.65 10.01
CA GLY A 206 12.49 17.37 11.36
C GLY A 206 13.86 17.97 11.58
N ALA A 207 14.70 17.82 10.57
CA ALA A 207 16.06 18.36 10.56
C ALA A 207 16.04 19.87 10.68
N ASP A 208 15.20 20.52 9.90
CA ASP A 208 14.88 21.94 10.03
C ASP A 208 14.43 22.31 11.44
N ASN A 209 13.61 21.48 12.08
CA ASN A 209 13.07 21.77 13.40
C ASN A 209 14.11 21.86 14.50
N PHE A 210 15.11 20.99 14.46
CA PHE A 210 16.12 20.94 15.54
C PHE A 210 17.26 21.94 15.42
N VAL A 211 17.59 22.36 14.18
CA VAL A 211 18.72 23.29 13.94
C VAL A 211 18.59 24.56 14.75
N GLY A 212 17.38 25.14 14.73
CA GLY A 212 17.11 26.33 15.49
C GLY A 212 15.67 26.73 15.67
N ASP A 213 14.78 25.77 15.82
CA ASP A 213 13.37 26.09 16.02
C ASP A 213 12.99 25.90 17.47
N ALA A 214 13.17 26.97 18.25
CA ALA A 214 12.68 27.04 19.64
C ALA A 214 11.45 27.90 19.66
N TYR A 215 11.32 28.76 18.65
CA TYR A 215 10.11 29.56 18.41
C TYR A 215 8.79 28.75 18.43
N HIS A 216 8.81 27.53 17.90
CA HIS A 216 7.61 26.69 17.82
C HIS A 216 7.09 26.13 19.14
N THR A 217 7.97 25.99 20.12
CA THR A 217 7.60 25.52 21.45
C THR A 217 6.26 26.02 21.97
N MET A 218 5.86 27.23 21.62
CA MET A 218 4.72 27.87 22.28
C MET A 218 3.36 27.64 21.65
N MET A 219 3.31 27.46 20.33
CA MET A 219 2.04 27.09 19.70
C MET A 219 1.85 25.57 19.62
N THR A 220 2.81 24.88 19.01
CA THR A 220 2.65 23.46 18.81
C THR A 220 2.73 22.68 20.11
N HIS A 221 3.65 23.10 21.00
CA HIS A 221 3.76 22.52 22.34
C HIS A 221 3.06 23.35 23.41
N ARG A 222 1.96 23.99 23.00
CA ARG A 222 1.11 24.78 23.90
C ARG A 222 0.41 23.92 24.94
N SER A 223 0.10 22.69 24.56
CA SER A 223 -0.52 21.71 25.45
C SER A 223 0.41 21.52 26.63
N MET A 224 1.70 21.38 26.34
CA MET A 224 2.71 21.17 27.37
C MET A 224 3.04 22.43 28.18
N VAL A 225 2.75 23.60 27.63
CA VAL A 225 2.97 24.87 28.34
C VAL A 225 1.90 25.03 29.42
N GLU A 226 0.72 24.51 29.14
CA GLU A 226 -0.40 24.55 30.06
C GLU A 226 -0.21 23.60 31.24
N LEU A 227 0.50 22.49 31.02
CA LEU A 227 0.70 21.47 32.04
C LEU A 227 1.93 21.74 32.90
N GLY A 228 2.75 22.70 32.46
CA GLY A 228 3.95 23.09 33.17
C GLY A 228 5.15 22.25 32.82
N LEU A 229 5.14 21.67 31.61
CA LEU A 229 6.23 20.84 31.15
C LEU A 229 7.07 21.61 30.13
N ALA A 230 6.53 22.73 29.67
CA ALA A 230 7.26 23.63 28.79
C ALA A 230 7.34 25.01 29.44
N PRO A 231 8.41 25.75 29.13
CA PRO A 231 8.56 27.11 29.66
C PRO A 231 7.33 28.01 29.37
N PRO A 232 6.73 28.55 30.42
CA PRO A 232 5.52 29.38 30.31
C PRO A 232 5.74 30.79 29.77
N ASP A 233 6.98 31.28 29.82
CA ASP A 233 7.30 32.64 29.42
C ASP A 233 7.45 32.71 27.91
N PRO A 234 6.61 33.51 27.25
CA PRO A 234 6.62 33.61 25.78
C PRO A 234 7.95 34.07 25.19
N GLN A 235 8.88 34.53 26.02
CA GLN A 235 10.18 35.00 25.55
C GLN A 235 11.29 34.21 26.21
N PHE A 236 11.05 32.90 26.39
CA PHE A 236 11.99 32.02 27.07
C PHE A 236 13.23 31.72 26.23
N ALA A 237 13.09 31.83 24.91
CA ALA A 237 14.17 31.53 23.99
C ALA A 237 15.10 32.72 23.83
N LEU A 238 14.61 33.90 24.17
CA LEU A 238 15.39 35.12 24.14
C LEU A 238 16.63 35.03 25.04
N TYR A 239 16.51 34.27 26.14
CA TYR A 239 17.66 33.87 26.93
C TYR A 239 18.23 32.61 26.28
N GLY A 240 18.93 32.80 25.17
CA GLY A 240 19.51 31.71 24.42
C GLY A 240 20.54 32.20 23.43
N GLU A 241 21.00 31.32 22.57
CA GLU A 241 22.10 31.62 21.66
C GLU A 241 21.91 30.83 20.36
N HIS A 242 22.23 31.44 19.23
CA HIS A 242 21.94 30.85 17.94
C HIS A 242 23.20 30.62 17.11
N ILE A 243 23.86 29.49 17.37
CA ILE A 243 25.15 29.16 16.75
C ILE A 243 25.01 28.28 15.51
N HIS A 244 25.82 28.56 14.49
CA HIS A 244 25.99 27.63 13.37
C HIS A 244 27.40 27.63 12.78
N THR A 245 27.70 26.57 12.04
CA THR A 245 29.00 26.30 11.46
C THR A 245 28.83 26.30 9.95
N GLY A 246 29.90 25.97 9.24
CA GLY A 246 29.79 25.68 7.82
C GLY A 246 29.37 24.24 7.72
N HIS A 247 29.18 23.75 6.51
CA HIS A 247 28.68 22.39 6.28
C HIS A 247 27.22 22.19 6.74
N GLY A 248 26.49 23.28 6.89
CA GLY A 248 25.07 23.22 7.20
C GLY A 248 24.71 23.00 8.66
N HIS A 249 25.68 22.62 9.49
CA HIS A 249 25.41 22.34 10.91
C HIS A 249 24.85 23.56 11.63
N GLY A 250 24.57 23.41 12.91
CA GLY A 250 24.00 24.50 13.70
C GLY A 250 23.23 23.95 14.86
N LEU A 251 23.13 24.75 15.92
CA LEU A 251 22.48 24.34 17.16
C LEU A 251 21.87 25.56 17.83
N GLY A 252 21.34 25.41 19.03
CA GLY A 252 20.73 26.49 19.76
C GLY A 252 20.75 26.21 21.25
N ILE A 253 21.21 27.16 22.04
CA ILE A 253 21.34 26.94 23.48
C ILE A 253 20.43 27.88 24.22
N ILE A 254 19.60 27.34 25.12
CA ILE A 254 18.69 28.17 25.91
C ILE A 254 18.97 27.90 27.36
N GLY A 255 19.07 28.96 28.16
CA GLY A 255 19.18 28.84 29.59
C GLY A 255 17.98 29.49 30.24
N PRO A 256 17.94 29.57 31.57
CA PRO A 256 16.80 30.15 32.29
C PRO A 256 16.93 31.67 32.46
N PRO A 257 15.82 32.37 32.72
CA PRO A 257 15.85 33.81 32.98
C PRO A 257 16.78 34.19 34.15
N PRO A 258 17.28 35.44 34.18
CA PRO A 258 18.23 35.88 35.22
C PRO A 258 17.80 35.56 36.65
N GLY A 259 16.54 35.84 36.97
CA GLY A 259 15.98 35.52 38.28
C GLY A 259 15.88 34.03 38.52
N MET A 260 15.02 33.37 37.73
CA MET A 260 14.76 31.93 37.85
C MET A 260 16.05 31.11 38.10
N PRO A 261 16.13 30.47 39.27
CA PRO A 261 17.29 29.66 39.60
C PRO A 261 17.11 28.17 39.23
N LEU A 262 17.99 27.70 38.35
CA LEU A 262 18.03 26.28 38.04
C LEU A 262 19.44 25.76 38.33
N PRO A 263 19.55 24.54 38.86
CA PRO A 263 20.87 24.00 39.24
C PRO A 263 21.90 24.25 38.16
N GLU A 264 23.14 24.45 38.57
CA GLU A 264 24.23 24.63 37.62
C GLU A 264 24.40 23.34 36.86
N PHE A 265 24.68 23.46 35.56
CA PHE A 265 24.62 22.32 34.64
C PHE A 265 23.19 21.77 34.72
N MET A 266 22.81 20.87 33.83
CA MET A 266 21.39 20.49 33.76
C MET A 266 20.88 19.76 35.00
N GLY A 267 21.60 19.86 36.11
CA GLY A 267 21.28 19.15 37.32
C GLY A 267 21.91 17.78 37.30
N LEU A 268 22.91 17.61 36.43
CA LEU A 268 23.60 16.33 36.25
C LEU A 268 24.23 15.89 37.55
N PRO A 269 24.36 14.58 37.76
CA PRO A 269 24.85 14.05 39.04
C PRO A 269 26.16 14.68 39.48
N GLU A 270 26.23 14.98 40.78
CA GLU A 270 27.42 15.47 41.46
C GLU A 270 28.71 14.90 40.89
N ASN A 271 28.73 13.59 40.68
CA ASN A 271 29.91 12.86 40.21
C ASN A 271 30.33 13.08 38.75
N ILE A 272 29.43 13.64 37.93
CA ILE A 272 29.75 13.84 36.52
C ILE A 272 30.02 15.31 36.16
N VAL A 273 29.53 16.24 36.97
CA VAL A 273 29.89 17.65 36.80
C VAL A 273 31.31 17.91 37.31
N GLU A 274 31.78 17.04 38.21
CA GLU A 274 33.17 17.04 38.66
C GLU A 274 34.07 16.59 37.53
N GLU A 275 33.60 15.61 36.75
CA GLU A 275 34.34 15.08 35.62
C GLU A 275 34.25 15.99 34.40
N LEU A 276 33.15 16.76 34.30
CA LEU A 276 32.95 17.65 33.16
C LEU A 276 33.67 18.97 33.29
N GLU A 277 33.94 19.39 34.52
CA GLU A 277 34.67 20.60 34.80
C GLU A 277 36.13 20.51 34.33
N ARG A 278 36.69 19.31 34.38
CA ARG A 278 38.08 19.09 33.97
C ARG A 278 38.25 18.50 32.57
N ARG A 279 37.19 17.89 32.03
CA ARG A 279 37.24 17.26 30.71
C ARG A 279 37.03 18.25 29.56
N LEU A 280 36.32 19.34 29.85
CA LEU A 280 35.98 20.35 28.87
C LEU A 280 36.73 21.67 29.08
N THR A 281 37.14 22.27 27.96
CA THR A 281 37.69 23.62 27.89
C THR A 281 37.05 24.53 28.93
N PRO A 282 37.83 25.34 29.64
CA PRO A 282 37.28 26.23 30.66
C PRO A 282 36.15 27.10 30.12
N GLU A 283 36.16 27.35 28.81
CA GLU A 283 35.11 28.15 28.18
C GLU A 283 33.85 27.31 28.00
N GLN A 284 34.04 26.09 27.49
CA GLN A 284 32.94 25.15 27.27
C GLN A 284 32.09 24.96 28.51
N VAL A 285 32.72 24.98 29.68
CA VAL A 285 32.04 24.70 30.94
C VAL A 285 31.13 25.88 31.26
N GLU A 286 31.59 27.08 30.92
CA GLU A 286 30.84 28.30 31.22
C GLU A 286 29.63 28.44 30.32
N ILE A 287 29.72 27.95 29.09
CA ILE A 287 28.59 27.91 28.16
C ILE A 287 27.55 26.93 28.70
N PHE A 288 28.02 25.81 29.23
CA PHE A 288 27.17 24.74 29.76
C PHE A 288 26.64 24.96 31.19
N ARG A 289 27.22 25.88 31.95
CA ARG A 289 26.80 26.11 33.32
C ARG A 289 25.32 26.49 33.46
N PRO A 290 24.83 27.47 32.67
CA PRO A 290 23.43 27.92 32.81
C PRO A 290 22.45 27.18 31.91
N THR A 291 22.92 26.57 30.82
CA THR A 291 22.05 25.97 29.80
C THR A 291 21.01 24.97 30.33
N ALA A 292 19.85 24.97 29.68
CA ALA A 292 18.71 24.14 30.03
C ALA A 292 18.13 23.39 28.83
N PHE A 293 18.34 23.92 27.64
CA PHE A 293 18.00 23.21 26.40
C PHE A 293 19.14 23.39 25.36
N ILE A 294 19.57 22.32 24.73
CA ILE A 294 20.49 22.40 23.60
C ILE A 294 19.88 21.61 22.48
N HIS A 295 19.62 22.24 21.34
CA HIS A 295 18.98 21.55 20.23
C HIS A 295 19.73 21.88 18.96
N GLY A 296 20.15 20.87 18.20
CA GLY A 296 20.86 21.12 16.97
C GLY A 296 20.80 20.00 15.97
N THR A 297 21.24 20.21 14.74
CA THR A 297 21.46 19.08 13.84
C THR A 297 22.86 19.07 13.28
N VAL A 298 23.40 17.87 13.10
CA VAL A 298 24.71 17.67 12.54
C VAL A 298 24.37 17.38 11.09
N PHE A 299 24.42 18.42 10.27
CA PHE A 299 23.84 18.40 8.94
C PHE A 299 22.90 17.21 8.68
N PRO A 300 23.25 16.27 7.81
CA PRO A 300 22.22 15.74 6.90
C PRO A 300 20.97 15.56 7.75
N ASN A 301 20.92 14.51 8.55
CA ASN A 301 19.71 14.09 9.20
C ASN A 301 19.88 13.58 10.60
N LEU A 302 20.92 13.99 11.31
CA LEU A 302 21.09 13.60 12.71
C LEU A 302 20.81 14.80 13.56
N SER A 303 19.96 14.66 14.58
CA SER A 303 19.66 15.75 15.48
C SER A 303 19.94 15.42 16.93
N ILE A 304 20.45 16.39 17.67
CA ILE A 304 20.74 16.22 19.08
C ILE A 304 19.73 16.98 19.93
N GLY A 305 19.34 16.41 21.06
CA GLY A 305 18.47 17.09 21.99
C GLY A 305 18.90 16.85 23.41
N ASN A 306 19.36 17.91 24.08
CA ASN A 306 19.72 17.83 25.47
C ASN A 306 18.78 18.74 26.23
N PHE A 307 17.63 18.22 26.64
CA PHE A 307 16.58 19.05 27.22
C PHE A 307 16.37 18.75 28.70
N LEU A 308 16.23 19.79 29.51
CA LEU A 308 15.86 19.67 30.92
C LEU A 308 14.35 19.74 31.05
N MET A 309 13.71 18.60 31.25
CA MET A 309 12.27 18.46 31.16
C MET A 309 11.68 17.46 32.15
N GLY A 310 10.38 17.58 32.43
CA GLY A 310 9.70 16.74 33.39
C GLY A 310 9.08 15.46 32.83
N LYS A 311 9.09 14.40 33.64
CA LYS A 311 8.57 13.10 33.24
C LYS A 311 7.04 13.05 33.30
N ASP A 312 6.44 14.00 33.99
CA ASP A 312 5.00 14.15 34.10
C ASP A 312 4.68 15.53 34.69
N HIS A 313 3.41 15.81 34.91
CA HIS A 313 2.98 17.14 35.31
C HIS A 313 3.24 17.46 36.79
N LEU A 314 3.75 16.48 37.54
CA LEU A 314 3.96 16.59 38.98
C LEU A 314 5.41 16.37 39.37
N SER A 315 6.30 16.19 38.41
CA SER A 315 7.70 15.94 38.72
C SER A 315 8.59 17.09 38.28
N ALA A 316 9.61 17.35 39.09
CA ALA A 316 10.64 18.31 38.77
C ALA A 316 11.39 17.80 37.55
N PRO A 317 11.84 18.72 36.70
CA PRO A 317 12.60 18.36 35.50
C PRO A 317 13.91 17.63 35.79
N THR A 318 14.24 16.65 34.93
CA THR A 318 15.58 16.06 34.89
C THR A 318 16.09 15.94 33.44
N ALA A 319 17.41 16.04 33.27
CA ALA A 319 18.05 16.16 31.95
C ALA A 319 18.06 14.88 31.15
N PHE A 320 17.95 14.97 29.83
CA PHE A 320 18.09 13.80 28.99
C PHE A 320 18.79 14.13 27.68
N LEU A 321 19.56 13.17 27.17
CA LEU A 321 20.21 13.29 25.87
C LEU A 321 19.47 12.41 24.90
N THR A 322 19.30 12.90 23.68
CA THR A 322 18.75 12.09 22.59
C THR A 322 19.39 12.41 21.25
N LEU A 323 19.85 11.38 20.55
CA LEU A 323 20.30 11.49 19.18
C LEU A 323 19.26 10.82 18.34
N ARG A 324 18.93 11.41 17.20
CA ARG A 324 17.89 10.82 16.35
C ARG A 324 18.22 10.97 14.87
N LEU A 325 17.92 9.95 14.10
CA LEU A 325 18.08 9.99 12.67
C LEU A 325 16.76 10.26 12.01
N TRP A 326 16.74 11.19 11.08
CA TRP A 326 15.59 11.38 10.23
C TRP A 326 15.90 10.62 8.95
N HIS A 327 15.65 9.32 8.98
CA HIS A 327 16.00 8.50 7.83
C HIS A 327 15.03 8.71 6.67
N PRO A 328 15.54 9.07 5.48
CA PRO A 328 14.71 9.35 4.32
C PRO A 328 14.24 8.08 3.65
N LEU A 329 12.94 7.84 3.63
CA LEU A 329 12.36 6.68 2.95
C LEU A 329 11.83 7.00 1.54
N GLY A 330 11.32 8.20 1.37
CA GLY A 330 10.86 8.71 0.09
C GLY A 330 10.65 10.21 0.18
N PRO A 331 10.08 10.83 -0.86
CA PRO A 331 9.81 12.27 -0.87
C PRO A 331 8.94 12.70 0.28
N ASP A 332 8.01 11.84 0.69
CA ASP A 332 6.99 12.18 1.70
C ASP A 332 6.94 11.14 2.79
N LYS A 333 8.10 10.66 3.20
CA LYS A 333 8.20 9.59 4.18
C LYS A 333 9.57 9.61 4.80
N MET A 334 9.61 9.47 6.12
CA MET A 334 10.84 9.22 6.82
C MET A 334 10.65 8.12 7.84
N GLU A 335 11.75 7.63 8.40
CA GLU A 335 11.70 6.70 9.52
C GLU A 335 12.50 7.30 10.66
N VAL A 336 11.84 7.72 11.74
CA VAL A 336 12.61 8.25 12.85
C VAL A 336 13.35 7.11 13.56
N MET A 337 14.64 7.30 13.84
CA MET A 337 15.39 6.38 14.66
C MET A 337 15.88 7.14 15.89
N SER A 338 15.07 7.23 16.95
CA SER A 338 15.41 8.12 18.05
C SER A 338 16.12 7.40 19.16
N PHE A 339 17.40 7.73 19.38
CA PHE A 339 18.23 7.13 20.42
C PHE A 339 18.10 7.88 21.74
N PHE A 340 18.37 7.19 22.84
CA PHE A 340 18.50 7.84 24.14
C PHE A 340 19.82 7.46 24.81
N LEU A 341 20.65 8.46 25.10
CA LEU A 341 21.97 8.25 25.68
C LEU A 341 22.07 8.81 27.10
N VAL A 342 22.85 8.13 27.93
CA VAL A 342 23.09 8.57 29.30
C VAL A 342 24.51 8.20 29.65
N GLU A 343 25.13 9.02 30.51
CA GLU A 343 26.50 8.78 30.97
C GLU A 343 26.57 7.45 31.71
N LYS A 344 27.57 6.65 31.37
CA LYS A 344 27.71 5.30 31.93
C LYS A 344 27.78 5.32 33.46
N ASP A 345 28.60 6.22 34.01
CA ASP A 345 28.89 6.29 35.44
C ASP A 345 27.85 7.09 36.24
N ALA A 346 26.80 7.53 35.58
CA ALA A 346 25.71 8.23 36.25
C ALA A 346 24.94 7.23 37.14
N PRO A 347 24.40 7.69 38.27
CA PRO A 347 23.69 6.82 39.20
C PRO A 347 22.52 6.16 38.51
N ASP A 348 22.13 4.97 38.95
CA ASP A 348 20.97 4.29 38.37
C ASP A 348 19.71 5.14 38.51
N TRP A 349 19.54 5.80 39.66
CA TRP A 349 18.39 6.67 39.89
C TRP A 349 18.27 7.73 38.83
N PHE A 350 19.39 8.34 38.44
CA PHE A 350 19.38 9.39 37.41
C PHE A 350 19.22 8.78 36.03
N LYS A 351 19.79 7.61 35.80
CA LYS A 351 19.63 6.90 34.54
C LYS A 351 18.17 6.59 34.28
N ASP A 352 17.46 6.20 35.33
CA ASP A 352 16.04 5.87 35.26
C ASP A 352 15.18 7.12 35.14
N GLU A 353 15.50 8.16 35.89
CA GLU A 353 14.74 9.40 35.88
C GLU A 353 14.91 10.16 34.56
N SER A 354 16.13 10.15 34.03
CA SER A 354 16.46 10.81 32.77
C SER A 354 15.76 10.13 31.60
N TYR A 355 15.57 8.82 31.68
CA TYR A 355 14.90 8.03 30.64
C TYR A 355 13.38 8.29 30.59
N LYS A 356 12.79 8.51 31.75
CA LYS A 356 11.36 8.82 31.83
C LYS A 356 11.03 10.26 31.44
N SER A 357 12.01 11.16 31.52
CA SER A 357 11.83 12.51 31.01
C SER A 357 11.89 12.49 29.50
N TYR A 358 12.72 11.65 28.93
CA TYR A 358 12.80 11.51 27.47
C TYR A 358 11.51 10.89 26.94
N LEU A 359 11.15 9.73 27.48
CA LEU A 359 9.99 8.99 27.03
C LEU A 359 8.70 9.82 26.99
N ARG A 360 8.39 10.50 28.08
CA ARG A 360 7.08 11.11 28.23
C ARG A 360 7.01 12.43 27.48
N THR A 361 8.16 12.93 27.03
CA THR A 361 8.21 14.18 26.27
C THR A 361 8.55 13.96 24.80
N PHE A 362 9.66 13.28 24.51
CA PHE A 362 10.05 13.04 23.14
C PHE A 362 9.91 11.58 22.76
N GLY A 363 10.22 11.23 21.52
CA GLY A 363 10.07 9.86 21.05
C GLY A 363 8.71 9.60 20.47
N ILE A 364 8.40 8.32 20.21
CA ILE A 364 7.15 7.91 19.55
C ILE A 364 5.85 8.37 20.25
N SER A 365 5.79 8.22 21.57
CA SER A 365 4.61 8.50 22.36
C SER A 365 4.73 9.75 23.25
N GLY A 366 5.68 10.62 22.93
CA GLY A 366 5.99 11.77 23.78
C GLY A 366 4.86 12.74 23.66
N GLY A 367 4.72 13.64 24.63
CA GLY A 367 3.69 14.66 24.57
C GLY A 367 4.14 15.83 23.71
N PHE A 368 5.45 15.95 23.54
CA PHE A 368 6.02 16.98 22.70
C PHE A 368 6.13 16.45 21.26
N GLU A 369 6.90 15.38 21.07
CA GLU A 369 7.23 14.95 19.73
C GLU A 369 6.05 14.40 18.92
N GLN A 370 4.95 14.01 19.58
CA GLN A 370 3.82 13.50 18.81
C GLN A 370 3.08 14.61 18.05
N ASP A 371 3.16 15.84 18.56
CA ASP A 371 2.62 17.02 17.90
C ASP A 371 3.56 17.52 16.83
N ASP A 372 4.86 17.32 17.04
CA ASP A 372 5.85 17.62 16.00
C ASP A 372 5.61 16.73 14.78
N ALA A 373 5.34 15.45 14.99
CA ALA A 373 5.14 14.53 13.88
C ALA A 373 3.84 14.77 13.13
N GLU A 374 2.92 15.50 13.75
CA GLU A 374 1.64 15.79 13.12
C GLU A 374 1.76 17.02 12.25
N ASN A 375 2.63 17.95 12.68
CA ASN A 375 2.89 19.17 11.94
C ASN A 375 3.73 18.91 10.70
N TRP A 376 4.80 18.15 10.85
CA TRP A 376 5.63 17.76 9.74
C TRP A 376 4.88 16.98 8.70
N ARG A 377 4.01 16.08 9.13
CA ARG A 377 3.30 15.17 8.22
C ARG A 377 2.21 15.87 7.42
N SER A 378 1.80 17.02 7.92
CA SER A 378 0.79 17.85 7.27
C SER A 378 1.37 18.92 6.33
N ILE A 379 2.55 19.44 6.67
CA ILE A 379 3.32 20.30 5.79
C ILE A 379 3.58 19.55 4.50
N THR A 380 4.13 18.34 4.64
CA THR A 380 4.45 17.46 3.51
C THR A 380 3.25 17.16 2.59
N ARG A 381 2.06 17.07 3.17
CA ARG A 381 0.86 16.71 2.43
C ARG A 381 0.53 17.78 1.43
N VAL A 382 0.41 19.00 1.95
CA VAL A 382 0.00 20.15 1.18
C VAL A 382 1.11 20.65 0.25
N MET A 383 2.37 20.43 0.64
CA MET A 383 3.54 20.85 -0.13
C MET A 383 3.82 19.89 -1.27
N GLY A 384 2.82 19.11 -1.63
CA GLY A 384 2.96 18.13 -2.70
C GLY A 384 2.10 18.41 -3.92
N GLY A 385 1.54 19.60 -4.00
CA GLY A 385 0.78 20.00 -5.16
C GLY A 385 1.56 21.06 -5.88
N GLN A 386 1.23 21.27 -7.15
CA GLN A 386 2.02 22.14 -8.02
C GLN A 386 1.91 23.63 -7.68
N PHE A 387 0.73 24.08 -7.26
CA PHE A 387 0.56 25.50 -6.97
C PHE A 387 1.28 25.87 -5.68
N ALA A 388 1.46 24.88 -4.81
CA ALA A 388 2.13 25.06 -3.53
C ALA A 388 3.64 25.09 -3.70
N LYS A 389 4.16 24.21 -4.56
CA LYS A 389 5.60 24.12 -4.82
C LYS A 389 6.15 25.35 -5.55
N THR A 390 5.21 26.17 -6.02
CA THR A 390 5.43 27.46 -6.65
C THR A 390 5.82 28.51 -5.60
N GLY A 391 5.18 28.46 -4.44
CA GLY A 391 5.43 29.42 -3.35
C GLY A 391 6.78 29.29 -2.68
N GLU A 392 6.89 29.82 -1.46
CA GLU A 392 8.17 29.87 -0.77
C GLU A 392 8.03 29.79 0.76
N LEU A 393 9.02 29.19 1.41
CA LEU A 393 9.10 29.10 2.86
C LEU A 393 9.74 30.35 3.42
N ASN A 394 9.18 30.89 4.48
CA ASN A 394 9.61 32.17 4.99
C ASN A 394 10.57 31.99 6.12
N TYR A 395 11.79 32.49 5.96
CA TYR A 395 12.82 32.41 7.01
C TYR A 395 13.34 33.80 7.34
N GLN A 396 12.43 34.73 7.61
CA GLN A 396 12.79 36.15 7.73
C GLN A 396 12.90 36.63 9.16
N MET A 397 13.07 35.73 10.10
CA MET A 397 13.05 36.11 11.51
C MET A 397 14.36 36.76 11.90
N GLY A 398 14.29 38.04 12.24
CA GLY A 398 15.47 38.80 12.60
C GLY A 398 15.98 39.73 11.51
N ARG A 399 15.40 39.65 10.31
CA ARG A 399 15.87 40.49 9.20
C ARG A 399 15.95 41.97 9.60
N GLY A 400 17.18 42.49 9.55
CA GLY A 400 17.50 43.82 10.04
C GLY A 400 17.50 43.93 11.55
N VAL A 401 18.02 42.91 12.23
CA VAL A 401 18.19 42.93 13.69
C VAL A 401 19.30 41.96 14.16
N LEU A 402 19.56 40.94 13.35
CA LEU A 402 20.55 39.93 13.71
C LEU A 402 21.99 40.45 13.67
N GLU A 403 22.50 40.77 14.85
CA GLU A 403 23.88 41.24 15.01
C GLU A 403 24.70 40.17 15.71
N PRO A 404 25.70 39.60 15.03
CA PRO A 404 26.57 38.58 15.64
C PRO A 404 27.10 38.98 17.01
N ASP A 405 27.17 38.02 17.93
CA ASP A 405 27.57 38.27 19.31
C ASP A 405 29.06 38.53 19.46
N PRO A 406 29.44 39.74 19.88
CA PRO A 406 30.85 40.06 20.15
C PRO A 406 31.34 39.38 21.43
N ASN A 407 30.41 39.06 22.32
CA ASN A 407 30.74 38.52 23.64
C ASN A 407 30.72 37.00 23.71
N TRP A 408 30.39 36.34 22.59
CA TRP A 408 30.33 34.89 22.56
C TRP A 408 31.73 34.28 22.57
N THR A 409 31.86 33.20 23.34
CA THR A 409 33.15 32.63 23.70
C THR A 409 33.38 31.29 23.03
N GLY A 410 32.60 30.99 22.00
CA GLY A 410 32.76 29.77 21.22
C GLY A 410 32.75 30.02 19.71
N PRO A 411 33.18 29.05 18.92
CA PRO A 411 33.34 29.24 17.48
C PRO A 411 32.01 29.26 16.71
N GLY A 412 32.08 29.62 15.43
CA GLY A 412 30.90 29.67 14.58
C GLY A 412 30.20 31.01 14.68
N GLU A 413 29.15 31.17 13.89
CA GLU A 413 28.45 32.44 13.85
C GLU A 413 27.34 32.41 14.88
N ALA A 414 27.46 33.20 15.94
CA ALA A 414 26.48 33.15 17.00
C ALA A 414 25.63 34.40 17.04
N TYR A 415 24.39 34.27 17.50
CA TYR A 415 23.53 35.41 17.74
C TYR A 415 23.03 35.35 19.19
N PRO A 416 22.77 36.48 19.81
CA PRO A 416 22.56 36.53 21.26
C PRO A 416 21.11 36.35 21.71
N LEU A 417 20.38 35.41 21.07
CA LEU A 417 18.99 35.06 21.37
C LEU A 417 18.67 33.76 20.61
N ASP A 418 17.57 33.07 20.95
CA ASP A 418 17.20 31.83 20.23
C ASP A 418 16.00 31.93 19.28
N TYR A 419 15.34 33.08 19.24
CA TYR A 419 14.32 33.35 18.23
C TYR A 419 14.98 33.86 16.95
N ALA A 420 15.55 32.95 16.18
CA ALA A 420 16.19 33.28 14.91
C ALA A 420 16.09 32.08 13.96
N GLU A 421 16.30 32.32 12.68
CA GLU A 421 16.18 31.26 11.70
C GLU A 421 17.40 31.28 10.77
N ALA A 422 18.50 31.79 11.29
CA ALA A 422 19.76 31.88 10.55
C ALA A 422 20.45 30.54 10.51
N ASN A 423 20.11 29.68 11.47
CA ASN A 423 20.57 28.29 11.51
C ASN A 423 19.93 27.47 10.41
N GLN A 424 18.61 27.65 10.24
CA GLN A 424 17.80 26.93 9.28
C GLN A 424 18.10 27.36 7.85
N ARG A 425 18.42 28.63 7.68
CA ARG A 425 18.78 29.16 6.37
C ARG A 425 20.13 28.62 5.92
N ASN A 426 21.10 28.64 6.83
CA ASN A 426 22.42 28.08 6.56
C ASN A 426 22.35 26.58 6.25
N PHE A 427 21.49 25.87 6.99
CA PHE A 427 21.26 24.44 6.78
C PHE A 427 20.78 24.19 5.37
N LEU A 428 19.86 25.02 4.89
CA LEU A 428 19.32 24.83 3.55
C LEU A 428 20.31 25.31 2.48
N GLU A 429 21.07 26.35 2.78
CA GLU A 429 22.11 26.84 1.89
C GLU A 429 23.10 25.73 1.54
N TYR A 430 23.63 25.04 2.55
CA TYR A 430 24.56 23.94 2.31
C TYR A 430 23.85 22.84 1.59
N TRP A 431 22.57 22.70 1.90
CA TRP A 431 21.74 21.69 1.25
C TRP A 431 21.76 22.00 -0.25
N MET A 432 21.49 23.26 -0.60
CA MET A 432 21.42 23.66 -2.00
C MET A 432 22.77 23.63 -2.69
N GLN A 433 23.82 24.08 -2.00
CA GLN A 433 25.19 24.03 -2.54
C GLN A 433 25.55 22.62 -3.01
N LEU A 434 25.35 21.65 -2.13
CA LEU A 434 25.60 20.24 -2.44
C LEU A 434 24.70 19.70 -3.56
N MET A 435 23.53 20.31 -3.71
CA MET A 435 22.54 19.87 -4.69
C MET A 435 22.97 20.19 -6.11
N LEU A 436 23.50 21.40 -6.30
CA LEU A 436 23.91 21.92 -7.59
C LEU A 436 25.30 21.43 -8.02
N ALA A 437 26.16 21.18 -7.04
CA ALA A 437 27.51 20.67 -7.25
C ALA A 437 27.64 19.60 -8.36
N GLU A 438 28.01 20.04 -9.57
CA GLU A 438 28.24 19.11 -10.69
C GLU A 438 29.44 18.22 -10.39
N SER A 439 30.49 18.82 -9.85
CA SER A 439 31.62 18.11 -9.26
C SER A 439 31.55 18.30 -7.74
N PRO A 440 31.55 17.19 -7.00
CA PRO A 440 31.43 17.20 -5.52
C PRO A 440 31.96 18.46 -4.82
N SER B 8 -12.74 -20.50 35.35
CA SER B 8 -13.24 -19.23 35.94
C SER B 8 -14.76 -19.09 35.74
N ASP B 9 -15.17 -19.03 34.48
CA ASP B 9 -16.56 -18.74 34.05
C ASP B 9 -17.29 -17.61 34.78
N THR B 10 -18.12 -16.86 34.04
CA THR B 10 -18.86 -15.69 34.56
C THR B 10 -17.95 -14.53 34.98
N THR B 11 -16.71 -14.88 35.33
CA THR B 11 -15.63 -13.93 35.51
C THR B 11 -15.03 -13.73 34.13
N VAL B 12 -15.12 -14.75 33.29
CA VAL B 12 -14.80 -14.62 31.87
C VAL B 12 -15.80 -13.68 31.20
N ARG B 13 -17.09 -13.92 31.39
CA ARG B 13 -18.13 -13.05 30.85
C ARG B 13 -17.99 -11.61 31.31
N GLU B 14 -17.33 -11.39 32.44
CA GLU B 14 -17.27 -10.07 33.07
C GLU B 14 -16.00 -9.33 32.75
N ILE B 15 -14.92 -10.08 32.57
CA ILE B 15 -13.66 -9.52 32.14
C ILE B 15 -13.71 -9.23 30.65
N THR B 16 -14.32 -10.13 29.90
CA THR B 16 -14.48 -9.96 28.45
C THR B 16 -15.30 -8.73 28.11
N GLU B 17 -16.40 -8.52 28.83
CA GLU B 17 -17.24 -7.35 28.63
C GLU B 17 -16.62 -6.06 29.19
N TRP B 18 -15.65 -6.19 30.08
CA TRP B 18 -14.88 -5.06 30.57
C TRP B 18 -13.97 -4.58 29.43
N LEU B 19 -13.25 -5.53 28.83
CA LEU B 19 -12.33 -5.26 27.72
C LEU B 19 -13.02 -4.66 26.49
N TYR B 20 -14.31 -4.96 26.31
CA TYR B 20 -15.10 -4.38 25.22
C TYR B 20 -15.59 -2.99 25.59
N MET B 21 -15.86 -2.77 26.86
CA MET B 21 -16.31 -1.47 27.34
C MET B 21 -15.15 -0.51 27.38
N GLU B 22 -13.98 -1.01 27.78
CA GLU B 22 -12.73 -0.26 27.73
C GLU B 22 -12.41 0.19 26.31
N ALA B 23 -12.52 -0.72 25.34
CA ALA B 23 -12.36 -0.41 23.92
C ALA B 23 -13.40 0.58 23.43
N GLU B 24 -14.63 0.46 23.90
CA GLU B 24 -15.74 1.32 23.50
C GLU B 24 -15.54 2.76 23.96
N LEU B 25 -14.83 2.93 25.07
CA LEU B 25 -14.49 4.21 25.63
C LEU B 25 -13.35 4.85 24.88
N LEU B 26 -12.38 4.03 24.49
CA LEU B 26 -11.16 4.44 23.78
C LEU B 26 -11.41 4.88 22.33
N ASP B 27 -12.24 4.13 21.62
CA ASP B 27 -12.68 4.48 20.26
C ASP B 27 -13.67 5.63 20.20
N ALA B 28 -14.19 6.04 21.36
CA ALA B 28 -15.14 7.13 21.46
C ALA B 28 -14.46 8.40 21.94
N GLY B 29 -13.16 8.30 22.22
CA GLY B 29 -12.36 9.43 22.61
C GLY B 29 -12.44 9.79 24.08
N LYS B 30 -13.19 9.01 24.83
CA LYS B 30 -13.41 9.23 26.25
C LYS B 30 -12.24 8.67 27.05
N TYR B 31 -11.11 9.35 26.96
CA TYR B 31 -9.90 8.94 27.66
C TYR B 31 -9.98 9.22 29.16
N ARG B 32 -10.58 10.34 29.54
CA ARG B 32 -10.74 10.69 30.95
C ARG B 32 -11.60 9.66 31.65
N GLU B 33 -12.67 9.25 31.01
CA GLU B 33 -13.54 8.21 31.54
C GLU B 33 -12.81 6.88 31.63
N TRP B 34 -11.88 6.63 30.70
CA TRP B 34 -11.04 5.42 30.71
C TRP B 34 -10.09 5.42 31.90
N LEU B 35 -9.74 6.61 32.36
CA LEU B 35 -8.74 6.77 33.41
C LEU B 35 -9.34 6.41 34.76
N ALA B 36 -10.66 6.27 34.80
CA ALA B 36 -11.38 5.84 36.00
C ALA B 36 -11.13 4.36 36.23
N LEU B 37 -10.93 3.62 35.13
CA LEU B 37 -10.28 2.32 35.19
C LEU B 37 -8.84 2.62 35.56
N VAL B 38 -7.92 1.67 35.41
CA VAL B 38 -6.54 1.85 35.89
C VAL B 38 -6.41 2.11 37.40
N THR B 39 -5.25 1.73 37.92
CA THR B 39 -4.97 1.61 39.33
C THR B 39 -3.83 2.57 39.71
N GLU B 40 -3.77 3.03 40.96
CA GLU B 40 -2.72 3.99 41.33
C GLU B 40 -1.30 3.45 41.14
N ASP B 41 -1.14 2.13 41.14
CA ASP B 41 0.13 1.52 40.76
C ASP B 41 0.12 0.91 39.34
N LEU B 42 -0.58 1.59 38.43
CA LEU B 42 -0.66 1.17 37.04
C LEU B 42 0.73 1.09 36.43
N SER B 43 0.91 0.14 35.52
CA SER B 43 2.07 0.13 34.65
C SER B 43 1.61 -0.17 33.24
N TYR B 44 1.65 0.84 32.38
CA TYR B 44 1.29 0.67 30.98
C TYR B 44 2.54 0.77 30.12
N VAL B 45 3.01 -0.36 29.59
CA VAL B 45 4.27 -0.38 28.85
C VAL B 45 4.10 -0.96 27.46
N VAL B 46 4.79 -0.39 26.49
CA VAL B 46 4.80 -0.87 25.09
C VAL B 46 6.25 -1.19 24.69
N PRO B 47 6.71 -2.42 24.87
CA PRO B 47 8.13 -2.75 24.59
C PRO B 47 8.59 -2.49 23.14
N ILE B 48 9.91 -2.37 22.96
CA ILE B 48 10.51 -2.28 21.63
C ILE B 48 10.88 -3.69 21.22
N ARG B 49 10.76 -3.99 19.94
CA ARG B 49 11.11 -5.29 19.42
C ARG B 49 12.21 -5.13 18.37
N VAL B 50 13.07 -6.13 18.21
CA VAL B 50 14.07 -6.12 17.14
C VAL B 50 14.16 -7.50 16.53
N THR B 51 14.49 -7.59 15.25
CA THR B 51 14.59 -8.87 14.58
C THR B 51 15.81 -9.55 15.11
N ARG B 52 15.62 -10.73 15.68
CA ARG B 52 16.73 -11.56 16.12
C ARG B 52 16.42 -12.96 15.64
N GLU B 53 17.41 -13.84 15.71
CA GLU B 53 17.23 -15.24 15.31
C GLU B 53 16.44 -16.04 16.36
N ARG B 54 15.85 -17.15 15.92
CA ARG B 54 15.15 -18.07 16.82
C ARG B 54 16.02 -18.47 18.03
N GLU B 55 17.28 -18.80 17.77
CA GLU B 55 18.25 -19.20 18.79
C GLU B 55 18.30 -18.24 19.98
N ALA B 56 18.55 -16.95 19.68
CA ALA B 56 18.71 -15.88 20.68
C ALA B 56 17.64 -15.90 21.77
N VAL B 57 18.04 -15.49 22.97
CA VAL B 57 17.18 -15.59 24.15
C VAL B 57 15.81 -14.93 24.01
N THR B 58 15.79 -13.72 23.43
CA THR B 58 14.58 -12.93 23.33
C THR B 58 14.56 -11.88 22.20
N ASP B 59 13.35 -11.39 21.91
CA ASP B 59 13.08 -10.43 20.85
C ASP B 59 13.04 -9.04 21.44
N VAL B 60 12.55 -8.95 22.67
CA VAL B 60 12.16 -7.70 23.29
C VAL B 60 13.37 -7.00 23.86
N VAL B 61 13.53 -5.73 23.50
CA VAL B 61 14.60 -4.88 24.02
C VAL B 61 14.40 -4.63 25.52
N GLU B 62 15.47 -4.79 26.32
CA GLU B 62 15.44 -4.38 27.74
C GLU B 62 16.07 -3.01 27.97
N GLY B 63 15.41 -2.22 28.81
CA GLY B 63 15.92 -0.90 29.18
C GLY B 63 15.28 0.24 28.42
N MET B 64 14.66 -0.08 27.29
CA MET B 64 14.03 0.90 26.44
C MET B 64 12.67 0.39 25.95
N THR B 65 11.79 1.35 25.69
CA THR B 65 10.36 1.14 25.52
C THR B 65 9.81 2.23 24.58
N HIS B 66 8.64 1.98 23.99
CA HIS B 66 7.91 2.95 23.19
C HIS B 66 7.03 3.82 24.07
N MET B 67 6.58 3.25 25.18
CA MET B 67 5.66 3.92 26.11
C MET B 67 5.74 3.18 27.43
N ASP B 68 5.99 3.89 28.53
CA ASP B 68 6.20 3.27 29.83
C ASP B 68 5.63 4.18 30.91
N ASP B 69 4.30 4.07 31.10
CA ASP B 69 3.58 4.99 31.97
C ASP B 69 3.21 4.38 33.31
N ASP B 70 3.22 5.21 34.34
CA ASP B 70 2.57 4.91 35.58
C ASP B 70 1.29 5.75 35.62
N ALA B 71 0.60 5.82 36.75
CA ALA B 71 -0.70 6.48 36.80
C ALA B 71 -0.61 8.00 36.66
N ASP B 72 0.47 8.60 37.18
CA ASP B 72 0.69 10.05 37.08
C ASP B 72 0.96 10.42 35.65
N SER B 73 1.85 9.66 35.01
CA SER B 73 2.30 9.94 33.66
C SER B 73 1.18 9.71 32.66
N MET B 74 0.37 8.68 32.93
CA MET B 74 -0.85 8.41 32.17
C MET B 74 -1.92 9.47 32.37
N GLU B 75 -1.99 10.06 33.55
CA GLU B 75 -2.91 11.17 33.82
C GLU B 75 -2.49 12.42 33.07
N MET B 76 -1.18 12.60 32.88
CA MET B 76 -0.67 13.70 32.07
C MET B 76 -1.08 13.50 30.62
N ARG B 77 -1.05 12.26 30.17
CA ARG B 77 -1.31 11.93 28.78
C ARG B 77 -2.74 12.24 28.44
N VAL B 78 -3.64 12.09 29.40
CA VAL B 78 -5.05 12.34 29.18
C VAL B 78 -5.29 13.84 29.37
N LEU B 79 -4.64 14.42 30.39
CA LEU B 79 -4.64 15.86 30.65
C LEU B 79 -4.25 16.67 29.42
N ARG B 80 -3.30 16.17 28.66
CA ARG B 80 -2.81 16.83 27.46
C ARG B 80 -3.88 16.86 26.40
N LEU B 81 -4.67 15.79 26.31
CA LEU B 81 -5.69 15.65 25.29
C LEU B 81 -6.98 16.42 25.62
N GLU B 82 -7.11 16.81 26.89
CA GLU B 82 -8.25 17.58 27.38
C GLU B 82 -8.05 19.05 27.17
N THR B 83 -6.81 19.42 26.94
CA THR B 83 -6.44 20.76 26.51
C THR B 83 -6.89 20.92 25.06
N GLU B 84 -7.08 22.15 24.61
CA GLU B 84 -7.55 22.34 23.24
C GLU B 84 -6.43 22.62 22.22
N TYR B 85 -5.19 22.26 22.57
CA TYR B 85 -4.02 22.41 21.69
C TYR B 85 -3.21 21.09 21.58
N ALA B 86 -3.94 19.98 21.46
CA ALA B 86 -3.34 18.68 21.30
C ALA B 86 -3.41 18.27 19.85
N TRP B 87 -2.61 18.94 19.03
CA TRP B 87 -2.66 18.85 17.55
C TRP B 87 -2.57 17.46 16.99
N ALA B 88 -1.91 16.55 17.71
CA ALA B 88 -1.76 15.19 17.22
C ALA B 88 -3.11 14.48 17.16
N GLU B 89 -4.06 14.97 17.94
CA GLU B 89 -5.37 14.36 18.02
C GLU B 89 -6.54 15.35 18.09
N ASP B 90 -6.33 16.62 17.69
CA ASP B 90 -7.37 17.64 17.93
C ASP B 90 -8.42 17.88 16.87
N PRO B 91 -8.09 17.61 15.61
CA PRO B 91 -9.03 16.86 14.77
C PRO B 91 -8.68 15.42 15.11
N PRO B 92 -9.56 14.70 15.81
CA PRO B 92 -9.26 13.37 16.35
C PRO B 92 -9.20 12.29 15.31
N SER B 93 -8.38 11.27 15.59
CA SER B 93 -8.30 10.06 14.78
C SER B 93 -9.61 9.29 14.82
N ARG B 94 -9.80 8.42 13.84
CA ARG B 94 -10.82 7.42 13.90
C ARG B 94 -10.09 6.12 14.19
N SER B 95 -10.34 5.57 15.37
CA SER B 95 -9.70 4.33 15.75
C SER B 95 -10.75 3.29 15.99
N ARG B 96 -10.39 2.03 15.79
CA ARG B 96 -11.20 0.90 16.21
C ARG B 96 -10.26 -0.09 16.88
N HIS B 97 -10.56 -0.44 18.13
CA HIS B 97 -9.74 -1.39 18.85
C HIS B 97 -10.42 -2.72 18.69
N PHE B 98 -9.79 -3.65 17.99
CA PHE B 98 -10.41 -4.95 17.72
C PHE B 98 -9.90 -5.95 18.74
N VAL B 99 -10.64 -6.11 19.85
CA VAL B 99 -10.22 -7.01 20.92
C VAL B 99 -10.70 -8.43 20.65
N THR B 100 -9.77 -9.31 20.29
CA THR B 100 -10.11 -10.69 20.01
C THR B 100 -9.27 -11.65 20.87
N ASN B 101 -9.48 -12.95 20.73
CA ASN B 101 -8.70 -13.97 21.42
C ASN B 101 -8.52 -13.72 22.92
N VAL B 102 -9.59 -13.35 23.63
CA VAL B 102 -9.46 -13.10 25.07
C VAL B 102 -9.25 -14.40 25.88
N ARG B 103 -8.17 -14.43 26.64
CA ARG B 103 -7.81 -15.58 27.48
C ARG B 103 -7.68 -15.16 28.95
N VAL B 104 -8.65 -15.52 29.76
CA VAL B 104 -8.65 -15.19 31.20
C VAL B 104 -8.07 -16.33 32.05
N ALA B 105 -7.15 -15.97 32.94
CA ALA B 105 -6.44 -16.94 33.78
C ALA B 105 -6.11 -16.30 35.11
N THR B 106 -6.16 -17.09 36.18
CA THR B 106 -6.03 -16.58 37.55
C THR B 106 -4.68 -15.89 37.81
N GLY B 107 -4.68 -14.96 38.76
CA GLY B 107 -3.53 -14.09 38.99
C GLY B 107 -2.55 -14.59 40.02
N ASP B 108 -1.53 -13.77 40.30
CA ASP B 108 -0.50 -14.07 41.29
C ASP B 108 -1.05 -13.97 42.69
N SER B 109 -2.11 -13.17 42.83
CA SER B 109 -2.86 -13.03 44.07
C SER B 109 -4.29 -13.49 43.87
N GLU B 110 -5.11 -13.36 44.91
CA GLU B 110 -6.55 -13.59 44.78
C GLU B 110 -7.18 -12.29 44.28
N ASP B 111 -8.26 -12.43 43.51
CA ASP B 111 -8.96 -11.27 42.95
C ASP B 111 -8.18 -10.52 41.86
N GLU B 112 -7.08 -11.12 41.38
CA GLU B 112 -6.31 -10.63 40.25
C GLU B 112 -6.35 -11.66 39.16
N PHE B 113 -6.39 -11.20 37.91
CA PHE B 113 -6.50 -12.10 36.75
C PHE B 113 -5.57 -11.64 35.66
N LYS B 114 -4.82 -12.56 35.08
CA LYS B 114 -3.96 -12.25 33.93
C LYS B 114 -4.81 -12.34 32.67
N VAL B 115 -5.11 -11.19 32.09
CA VAL B 115 -6.02 -11.10 30.95
C VAL B 115 -5.32 -10.80 29.64
N THR B 116 -5.20 -11.80 28.78
CA THR B 116 -4.49 -11.66 27.50
C THR B 116 -5.45 -11.52 26.30
N SER B 117 -5.25 -10.46 25.52
CA SER B 117 -6.07 -10.22 24.32
C SER B 117 -5.22 -9.96 23.08
N ASN B 118 -5.81 -10.17 21.92
CA ASN B 118 -5.20 -9.77 20.67
C ASN B 118 -5.80 -8.45 20.21
N LEU B 119 -4.95 -7.48 19.93
CA LEU B 119 -5.44 -6.20 19.46
C LEU B 119 -5.05 -5.99 18.01
N LEU B 120 -6.01 -5.46 17.25
CA LEU B 120 -5.78 -4.94 15.90
C LEU B 120 -6.32 -3.51 15.90
N LEU B 121 -5.46 -2.52 16.10
CA LEU B 121 -5.88 -1.13 16.13
C LEU B 121 -5.90 -0.61 14.72
N TYR B 122 -7.04 -0.05 14.30
CA TYR B 122 -7.19 0.53 12.98
C TYR B 122 -7.27 2.04 13.14
N ARG B 123 -6.34 2.75 12.49
CA ARG B 123 -6.23 4.19 12.66
C ARG B 123 -6.38 4.90 11.35
N THR B 124 -7.14 5.98 11.35
CA THR B 124 -7.36 6.80 10.17
C THR B 124 -7.29 8.29 10.53
N ARG B 125 -6.75 9.13 9.64
CA ARG B 125 -6.52 10.53 9.98
C ARG B 125 -6.91 11.54 8.90
N GLY B 126 -8.21 11.77 8.79
CA GLY B 126 -8.72 12.93 8.11
C GLY B 126 -8.61 12.98 6.63
N ASP B 127 -9.55 12.39 5.92
CA ASP B 127 -9.76 12.69 4.49
C ASP B 127 -8.75 12.14 3.45
N VAL B 128 -7.50 11.96 3.85
CA VAL B 128 -6.54 11.23 3.03
C VAL B 128 -6.92 9.74 2.95
N ALA B 129 -6.60 9.10 1.83
CA ALA B 129 -7.04 7.73 1.54
C ALA B 129 -5.99 6.70 1.92
N THR B 130 -5.63 6.72 3.21
CA THR B 130 -4.67 5.78 3.78
C THR B 130 -5.11 5.39 5.21
N TYR B 131 -4.74 4.19 5.65
CA TYR B 131 -5.03 3.76 7.02
C TYR B 131 -3.85 3.08 7.71
N ASP B 132 -3.82 3.13 9.03
CA ASP B 132 -2.77 2.43 9.75
C ASP B 132 -3.34 1.27 10.58
N VAL B 133 -2.55 0.22 10.72
CA VAL B 133 -2.97 -0.99 11.41
C VAL B 133 -1.83 -1.38 12.37
N LEU B 134 -2.12 -1.36 13.66
CA LEU B 134 -1.20 -1.89 14.67
C LEU B 134 -1.76 -3.20 15.20
N SER B 135 -0.92 -4.23 15.19
CA SER B 135 -1.30 -5.55 15.65
C SER B 135 -0.38 -5.92 16.78
N GLY B 136 -0.94 -6.41 17.87
CA GLY B 136 -0.18 -6.67 19.07
C GLY B 136 -0.92 -7.59 20.01
N GLU B 137 -0.32 -7.90 21.14
CA GLU B 137 -0.99 -8.71 22.12
C GLU B 137 -0.86 -8.06 23.47
N ARG B 138 -1.98 -7.68 24.06
CA ARG B 138 -1.94 -7.11 25.40
C ARG B 138 -2.00 -8.20 26.45
N THR B 139 -1.12 -8.12 27.44
CA THR B 139 -1.13 -8.99 28.59
C THR B 139 -1.43 -8.13 29.80
N ASP B 140 -2.68 -8.14 30.26
CA ASP B 140 -3.11 -7.29 31.38
C ASP B 140 -3.09 -7.98 32.75
N VAL B 141 -3.31 -7.20 33.80
CA VAL B 141 -3.56 -7.72 35.14
C VAL B 141 -4.75 -6.94 35.71
N LEU B 142 -5.92 -7.56 35.70
CA LEU B 142 -7.14 -6.91 36.18
C LEU B 142 -7.40 -7.21 37.66
N ARG B 143 -7.41 -6.17 38.49
CA ARG B 143 -7.75 -6.29 39.90
C ARG B 143 -9.25 -6.21 40.06
N ARG B 144 -9.78 -6.71 41.17
CA ARG B 144 -11.19 -6.49 41.50
C ARG B 144 -11.32 -5.20 42.25
N ALA B 145 -12.35 -4.44 41.92
CA ALA B 145 -12.68 -3.22 42.65
C ALA B 145 -14.18 -3.05 42.64
N GLY B 146 -14.83 -3.54 43.68
CA GLY B 146 -16.27 -3.45 43.81
C GLY B 146 -16.93 -4.56 43.01
N ASP B 147 -17.87 -4.18 42.16
CA ASP B 147 -18.57 -5.13 41.30
C ASP B 147 -18.05 -5.09 39.87
N SER B 148 -16.84 -4.55 39.70
CA SER B 148 -16.17 -4.52 38.41
C SER B 148 -14.68 -4.67 38.63
N PHE B 149 -13.88 -4.32 37.63
CA PHE B 149 -12.43 -4.48 37.71
C PHE B 149 -11.69 -3.17 37.50
N LEU B 150 -10.41 -3.20 37.81
CA LEU B 150 -9.51 -2.06 37.62
C LEU B 150 -8.21 -2.62 37.05
N MET B 151 -7.59 -1.91 36.12
CA MET B 151 -6.35 -2.37 35.48
C MET B 151 -5.11 -2.01 36.26
N ALA B 152 -4.39 -3.03 36.71
CA ALA B 152 -3.17 -2.87 37.47
C ALA B 152 -1.96 -2.72 36.56
N LYS B 153 -1.99 -3.37 35.40
CA LYS B 153 -0.86 -3.40 34.49
C LYS B 153 -1.29 -3.80 33.10
N ARG B 154 -0.62 -3.26 32.07
CA ARG B 154 -0.77 -3.73 30.69
C ARG B 154 0.57 -3.79 29.97
N VAL B 155 0.82 -4.85 29.20
CA VAL B 155 1.95 -4.86 28.28
C VAL B 155 1.49 -5.07 26.83
N VAL B 156 1.47 -4.00 26.04
CA VAL B 156 1.14 -4.11 24.63
C VAL B 156 2.38 -4.53 23.86
N LEU B 157 2.48 -5.80 23.49
CA LEU B 157 3.57 -6.24 22.65
C LEU B 157 3.13 -6.35 21.18
N LEU B 158 3.55 -5.35 20.39
CA LEU B 158 3.19 -5.21 18.98
C LEU B 158 3.97 -6.14 18.07
N ASP B 159 3.39 -6.55 16.95
CA ASP B 159 4.00 -7.51 16.03
C ASP B 159 4.82 -6.81 14.98
N GLN B 160 5.60 -5.85 15.44
CA GLN B 160 6.38 -5.05 14.53
C GLN B 160 7.61 -4.66 15.28
N THR B 161 8.69 -4.50 14.54
CA THR B 161 9.87 -3.86 15.05
C THR B 161 9.87 -2.37 14.65
N THR B 162 9.75 -2.06 13.36
CA THR B 162 9.57 -0.67 12.90
C THR B 162 8.10 -0.38 12.94
N ILE B 163 7.68 0.53 13.84
CA ILE B 163 6.26 0.81 14.06
C ILE B 163 5.60 1.55 12.91
N MET B 164 4.50 1.01 12.40
CA MET B 164 3.80 1.63 11.28
C MET B 164 2.69 2.61 11.71
N THR B 165 3.07 3.64 12.47
CA THR B 165 2.28 4.86 12.63
C THR B 165 3.26 5.98 12.94
N HIS B 166 2.85 7.20 12.64
CA HIS B 166 3.69 8.36 12.83
C HIS B 166 3.88 8.75 14.29
N ASN B 167 2.98 8.31 15.16
CA ASN B 167 3.12 8.48 16.60
C ASN B 167 2.19 7.55 17.34
N LEU B 168 2.39 7.39 18.65
CA LEU B 168 1.57 6.52 19.46
C LEU B 168 0.69 7.37 20.35
N ALA B 169 -0.14 8.20 19.72
CA ALA B 169 -1.02 9.13 20.43
C ALA B 169 -2.33 8.49 20.87
N LEU B 170 -2.54 7.25 20.46
CA LEU B 170 -3.69 6.49 20.91
C LEU B 170 -3.29 5.44 21.97
N ILE B 171 -4.09 5.37 23.03
CA ILE B 171 -3.94 4.30 24.00
C ILE B 171 -4.46 3.01 23.36
N MET B 172 -3.78 1.90 23.63
CA MET B 172 -4.15 0.60 23.11
C MET B 172 -4.78 -0.23 24.23
N MET C 1 14.82 6.53 -25.20
CA MET C 1 14.71 6.32 -23.70
C MET C 1 15.46 5.06 -23.32
N LEU C 2 16.79 4.80 -23.20
CA LEU C 2 17.79 3.82 -22.42
C LEU C 2 18.70 4.49 -21.42
N SER C 3 18.75 5.36 -20.88
CA SER C 3 19.41 6.60 -20.53
C SER C 3 20.85 6.41 -20.91
N ASN C 4 21.67 7.43 -20.68
CA ASN C 4 23.10 7.33 -20.94
C ASN C 4 23.85 6.47 -19.93
N GLU C 5 23.47 6.56 -18.65
CA GLU C 5 24.12 5.79 -17.59
C GLU C 5 23.83 4.28 -17.71
N LEU C 6 22.57 3.93 -17.99
CA LEU C 6 22.16 2.54 -18.07
C LEU C 6 22.75 1.86 -19.30
N ARG C 7 22.82 2.58 -20.43
CA ARG C 7 23.46 2.07 -21.65
C ARG C 7 24.91 1.69 -21.37
N GLN C 8 25.62 2.57 -20.67
CA GLN C 8 27.04 2.41 -20.38
C GLN C 8 27.29 1.24 -19.45
N THR C 9 26.44 1.07 -18.45
CA THR C 9 26.60 -0.03 -17.51
C THR C 9 26.11 -1.36 -18.08
N LEU C 10 25.21 -1.31 -19.04
CA LEU C 10 24.82 -2.51 -19.76
C LEU C 10 25.94 -2.99 -20.68
N GLN C 11 26.58 -2.04 -21.38
CA GLN C 11 27.72 -2.32 -22.25
C GLN C 11 28.92 -2.80 -21.47
N LYS C 12 29.21 -2.16 -20.33
CA LYS C 12 30.30 -2.59 -19.46
C LYS C 12 30.08 -4.03 -18.99
N GLY C 13 28.82 -4.39 -18.77
CA GLY C 13 28.46 -5.72 -18.31
C GLY C 13 28.62 -6.77 -19.40
N LEU C 14 28.13 -6.44 -20.58
CA LEU C 14 28.25 -7.31 -21.76
C LEU C 14 29.72 -7.66 -22.01
N HIS C 15 30.60 -6.73 -21.66
CA HIS C 15 32.03 -6.93 -21.71
C HIS C 15 32.53 -7.87 -20.60
N ASP C 16 32.02 -7.68 -19.38
CA ASP C 16 32.45 -8.44 -18.19
C ASP C 16 31.89 -9.86 -18.09
N VAL C 17 30.76 -10.11 -18.74
CA VAL C 17 30.07 -11.40 -18.65
C VAL C 17 30.87 -12.56 -19.29
N ASN C 18 31.83 -12.22 -20.15
CA ASN C 18 32.64 -13.25 -20.81
C ASN C 18 34.13 -13.18 -20.41
N SER C 19 34.53 -12.02 -19.90
CA SER C 19 35.93 -11.75 -19.58
C SER C 19 36.24 -11.87 -18.07
N ASP C 20 35.67 -10.99 -17.25
CA ASP C 20 35.84 -11.03 -15.79
C ASP C 20 34.96 -12.10 -15.15
N TRP C 21 33.90 -12.48 -15.89
CA TRP C 21 32.84 -13.38 -15.42
C TRP C 21 32.06 -12.79 -14.23
N THR C 22 31.75 -11.50 -14.31
CA THR C 22 30.83 -10.85 -13.41
C THR C 22 29.74 -10.14 -14.23
N VAL C 23 28.74 -9.60 -13.54
CA VAL C 23 27.66 -8.85 -14.18
C VAL C 23 27.34 -7.65 -13.26
N PRO C 24 27.02 -6.49 -13.83
CA PRO C 24 26.72 -5.31 -13.00
C PRO C 24 25.49 -5.60 -12.16
N ALA C 25 25.54 -5.24 -10.87
CA ALA C 25 24.43 -5.52 -9.96
C ALA C 25 23.21 -4.62 -10.18
N ALA C 26 23.40 -3.49 -10.87
CA ALA C 26 22.34 -2.51 -11.11
C ALA C 26 21.19 -3.05 -11.92
N ILE C 27 21.30 -4.31 -12.35
CA ILE C 27 20.31 -4.88 -13.25
C ILE C 27 19.24 -5.63 -12.52
N ILE C 28 19.31 -5.69 -11.18
CA ILE C 28 18.31 -6.43 -10.41
C ILE C 28 17.13 -5.60 -9.96
N ASN C 29 17.39 -4.46 -9.29
CA ASN C 29 16.33 -3.66 -8.69
C ASN C 29 16.40 -2.19 -9.12
N ASP C 30 16.17 -1.92 -10.40
CA ASP C 30 16.15 -0.55 -10.91
C ASP C 30 14.80 -0.25 -11.58
N PRO C 31 14.16 0.87 -11.24
CA PRO C 31 12.91 1.28 -11.89
C PRO C 31 13.11 1.56 -13.37
N GLU C 32 14.29 2.06 -13.73
CA GLU C 32 14.71 2.31 -15.11
C GLU C 32 14.94 1.01 -15.85
N VAL C 33 15.75 0.13 -15.29
CA VAL C 33 15.96 -1.20 -15.90
C VAL C 33 14.62 -1.85 -16.19
N HIS C 34 13.68 -1.77 -15.24
CA HIS C 34 12.43 -2.48 -15.37
C HIS C 34 11.57 -1.99 -16.53
N ASP C 35 11.53 -0.68 -16.74
CA ASP C 35 10.70 -0.09 -17.78
C ASP C 35 11.25 -0.43 -19.17
N VAL C 36 12.58 -0.33 -19.30
CA VAL C 36 13.27 -0.71 -20.52
C VAL C 36 13.04 -2.20 -20.78
N GLU C 37 13.15 -3.00 -19.72
CA GLU C 37 12.91 -4.44 -19.79
C GLU C 37 11.51 -4.79 -20.29
N ARG C 38 10.56 -3.88 -20.09
CA ARG C 38 9.16 -4.12 -20.45
C ARG C 38 9.02 -4.22 -21.96
N GLU C 39 9.65 -3.29 -22.67
CA GLU C 39 9.68 -3.32 -24.13
C GLU C 39 10.74 -4.29 -24.63
N ARG C 40 11.98 -4.11 -24.17
CA ARG C 40 13.13 -4.79 -24.78
C ARG C 40 13.09 -6.31 -24.67
N ILE C 41 12.71 -6.82 -23.51
CA ILE C 41 12.65 -8.26 -23.22
C ILE C 41 11.26 -8.83 -23.40
N PHE C 42 10.30 -8.35 -22.61
CA PHE C 42 8.94 -8.88 -22.60
C PHE C 42 8.09 -8.37 -23.76
N GLY C 43 8.52 -7.29 -24.40
CA GLY C 43 7.85 -6.78 -25.59
C GLY C 43 8.26 -7.47 -26.91
N HIS C 44 9.24 -8.37 -26.84
CA HIS C 44 9.77 -9.06 -28.01
C HIS C 44 9.92 -10.57 -27.79
N ALA C 45 10.58 -10.96 -26.71
CA ALA C 45 10.85 -12.37 -26.40
C ALA C 45 9.59 -13.23 -26.42
N TRP C 46 9.75 -14.55 -26.34
CA TRP C 46 8.61 -15.45 -26.38
C TRP C 46 8.29 -15.81 -24.96
N VAL C 47 7.16 -15.31 -24.47
CA VAL C 47 6.72 -15.55 -23.10
C VAL C 47 5.67 -16.68 -23.07
N PHE C 48 5.75 -17.53 -22.07
CA PHE C 48 4.83 -18.66 -21.88
C PHE C 48 3.50 -18.14 -21.34
N LEU C 49 2.41 -18.85 -21.63
CA LEU C 49 1.09 -18.40 -21.19
C LEU C 49 0.33 -19.51 -20.50
N ALA C 50 0.11 -20.60 -21.22
CA ALA C 50 -0.73 -21.68 -20.71
C ALA C 50 -0.22 -23.00 -21.24
N HIS C 51 -0.78 -24.09 -20.74
CA HIS C 51 -0.52 -25.39 -21.33
C HIS C 51 -1.81 -25.87 -21.98
N GLU C 52 -1.68 -26.45 -23.17
CA GLU C 52 -2.81 -26.86 -23.98
C GLU C 52 -3.81 -27.74 -23.24
N SER C 53 -3.38 -28.39 -22.16
CA SER C 53 -4.22 -29.33 -21.43
C SER C 53 -5.06 -28.62 -20.37
N GLU C 54 -4.80 -27.32 -20.20
CA GLU C 54 -5.62 -26.48 -19.34
C GLU C 54 -6.90 -26.16 -20.10
N ILE C 55 -6.80 -26.10 -21.43
CA ILE C 55 -7.95 -25.85 -22.29
C ILE C 55 -8.26 -26.98 -23.30
N PRO C 56 -8.74 -28.13 -22.81
CA PRO C 56 -8.94 -29.30 -23.68
C PRO C 56 -10.15 -29.16 -24.61
N GLU C 57 -11.36 -28.96 -24.08
CA GLU C 57 -12.57 -28.86 -24.91
C GLU C 57 -12.82 -27.45 -25.46
N ARG C 58 -13.87 -27.32 -26.28
CA ARG C 58 -14.17 -26.07 -26.97
C ARG C 58 -14.87 -25.09 -26.04
N GLY C 59 -14.33 -23.88 -25.96
CA GLY C 59 -14.82 -22.86 -25.07
C GLY C 59 -13.93 -22.59 -23.87
N ASP C 60 -13.20 -23.61 -23.40
CA ASP C 60 -12.30 -23.50 -22.25
C ASP C 60 -11.32 -22.38 -22.45
N TYR C 61 -11.16 -21.52 -21.45
CA TYR C 61 -10.21 -20.42 -21.53
C TYR C 61 -9.48 -20.25 -20.21
N VAL C 62 -8.31 -19.63 -20.27
CA VAL C 62 -7.62 -19.16 -19.10
C VAL C 62 -7.18 -17.74 -19.40
N VAL C 63 -7.06 -16.91 -18.36
CA VAL C 63 -6.63 -15.52 -18.55
C VAL C 63 -5.19 -15.36 -18.08
N ARG C 64 -4.29 -15.11 -19.03
CA ARG C 64 -2.84 -15.06 -18.79
C ARG C 64 -2.21 -13.80 -19.35
N TYR C 65 -0.95 -13.55 -18.98
CA TYR C 65 -0.32 -12.26 -19.19
C TYR C 65 0.98 -12.30 -19.99
N ILE C 66 1.27 -11.21 -20.67
CA ILE C 66 2.65 -10.83 -20.95
C ILE C 66 2.83 -9.47 -20.23
N SER C 67 3.63 -9.50 -19.17
CA SER C 67 3.75 -8.35 -18.28
C SER C 67 2.37 -7.84 -17.85
N GLU C 68 2.08 -6.56 -18.08
CA GLU C 68 0.79 -6.00 -17.67
C GLU C 68 -0.40 -6.35 -18.56
N ASP C 69 -0.11 -6.89 -19.75
CA ASP C 69 -1.11 -7.19 -20.77
C ASP C 69 -1.86 -8.47 -20.45
N GLN C 70 -3.18 -8.37 -20.41
CA GLN C 70 -4.01 -9.48 -20.06
C GLN C 70 -4.59 -10.09 -21.32
N PHE C 71 -4.37 -11.40 -21.47
CA PHE C 71 -4.79 -12.13 -22.66
C PHE C 71 -5.66 -13.31 -22.31
N ILE C 72 -6.82 -13.42 -22.96
CA ILE C 72 -7.60 -14.64 -22.89
C ILE C 72 -6.90 -15.65 -23.80
N VAL C 73 -6.51 -16.78 -23.23
CA VAL C 73 -5.96 -17.87 -24.01
C VAL C 73 -7.01 -18.97 -24.01
N CYS C 74 -7.60 -19.26 -25.16
CA CYS C 74 -8.72 -20.22 -25.23
C CYS C 74 -8.75 -21.11 -26.47
N ARG C 75 -9.66 -22.08 -26.46
CA ARG C 75 -9.89 -22.97 -27.59
C ARG C 75 -11.23 -22.64 -28.25
N ASP C 76 -11.21 -21.89 -29.34
CA ASP C 76 -12.45 -21.40 -29.95
C ASP C 76 -13.34 -22.51 -30.46
N GLU C 77 -14.57 -22.18 -30.86
CA GLU C 77 -15.55 -23.22 -31.19
C GLU C 77 -15.24 -24.03 -32.45
N GLY C 78 -14.19 -23.60 -33.16
CA GLY C 78 -13.69 -24.29 -34.33
C GLY C 78 -12.58 -25.26 -33.97
N GLY C 79 -12.13 -25.20 -32.73
CA GLY C 79 -11.13 -26.13 -32.23
C GLY C 79 -9.73 -25.55 -32.03
N GLU C 80 -9.46 -24.40 -32.64
CA GLU C 80 -8.12 -23.82 -32.68
C GLU C 80 -7.79 -23.04 -31.41
N ILE C 81 -6.51 -22.79 -31.19
CA ILE C 81 -6.03 -22.04 -30.02
C ILE C 81 -5.97 -20.57 -30.36
N ARG C 82 -6.62 -19.75 -29.53
CA ARG C 82 -6.67 -18.31 -29.73
C ARG C 82 -6.05 -17.61 -28.55
N GLY C 83 -5.45 -16.46 -28.80
CA GLY C 83 -4.94 -15.62 -27.74
C GLY C 83 -5.43 -14.22 -27.99
N HIS C 84 -6.61 -13.90 -27.47
CA HIS C 84 -7.18 -12.56 -27.60
C HIS C 84 -6.68 -11.62 -26.53
N LEU C 85 -6.55 -10.34 -26.84
CA LEU C 85 -6.30 -9.35 -25.80
C LEU C 85 -7.61 -9.17 -25.06
N ASN C 86 -7.53 -9.02 -23.74
CA ASN C 86 -8.73 -8.95 -22.92
C ASN C 86 -9.21 -7.54 -22.73
N ALA C 87 -9.32 -6.80 -23.82
CA ALA C 87 -9.79 -5.42 -23.79
C ALA C 87 -10.73 -5.20 -24.96
N CYS C 88 -11.99 -4.91 -24.66
CA CYS C 88 -13.00 -4.58 -25.67
C CYS C 88 -12.51 -3.57 -26.70
N ARG C 89 -13.10 -3.62 -27.89
CA ARG C 89 -12.69 -2.73 -28.96
C ARG C 89 -13.40 -1.36 -28.85
N HIS C 90 -14.54 -1.34 -28.19
CA HIS C 90 -15.30 -0.12 -27.99
C HIS C 90 -14.57 0.84 -27.06
N ARG C 91 -14.60 0.56 -25.75
CA ARG C 91 -13.96 1.41 -24.74
C ARG C 91 -12.97 0.67 -23.86
N GLY C 92 -12.62 -0.56 -24.22
CA GLY C 92 -11.48 -1.25 -23.63
C GLY C 92 -11.71 -1.92 -22.29
N MET C 93 -12.94 -2.37 -22.06
CA MET C 93 -13.30 -3.05 -20.83
C MET C 93 -12.90 -4.52 -20.87
N GLN C 94 -12.69 -5.12 -19.71
CA GLN C 94 -12.36 -6.52 -19.67
C GLN C 94 -13.58 -7.23 -20.18
N VAL C 95 -13.45 -7.93 -21.29
CA VAL C 95 -14.54 -8.73 -21.84
C VAL C 95 -14.73 -9.99 -21.00
N CYS C 96 -13.70 -10.35 -20.21
CA CYS C 96 -13.76 -11.49 -19.30
C CYS C 96 -13.05 -11.21 -17.98
N ARG C 97 -13.80 -11.29 -16.87
CA ARG C 97 -13.26 -10.96 -15.56
C ARG C 97 -12.98 -12.17 -14.62
N ALA C 98 -13.17 -13.38 -15.13
CA ALA C 98 -12.75 -14.60 -14.44
C ALA C 98 -11.30 -14.84 -14.80
N GLU C 99 -10.71 -15.88 -14.21
CA GLU C 99 -9.34 -16.26 -14.57
C GLU C 99 -9.33 -17.57 -15.34
N MET C 100 -10.39 -18.34 -15.16
CA MET C 100 -10.56 -19.62 -15.82
C MET C 100 -12.02 -19.80 -16.15
N GLY C 101 -12.30 -20.64 -17.13
CA GLY C 101 -13.68 -21.03 -17.37
C GLY C 101 -13.96 -21.69 -18.68
N ASN C 102 -15.24 -21.79 -19.00
CA ASN C 102 -15.68 -22.25 -20.30
C ASN C 102 -16.89 -21.46 -20.77
N THR C 103 -16.72 -20.78 -21.89
CA THR C 103 -17.80 -19.99 -22.47
C THR C 103 -17.72 -20.04 -24.00
N SER C 104 -18.87 -19.97 -24.64
CA SER C 104 -18.92 -19.88 -26.10
C SER C 104 -18.66 -18.44 -26.53
N HIS C 105 -19.33 -17.50 -25.88
CA HIS C 105 -19.20 -16.07 -26.20
C HIS C 105 -18.63 -15.26 -25.06
N PHE C 106 -18.19 -14.04 -25.39
CA PHE C 106 -17.68 -13.09 -24.39
C PHE C 106 -18.44 -11.77 -24.48
N ARG C 107 -19.54 -11.64 -23.73
CA ARG C 107 -20.31 -10.41 -23.72
C ARG C 107 -19.66 -9.38 -22.80
N CYS C 108 -19.25 -8.24 -23.37
CA CYS C 108 -18.66 -7.12 -22.64
C CYS C 108 -19.74 -6.40 -21.83
N PRO C 109 -19.51 -6.25 -20.53
CA PRO C 109 -20.52 -5.71 -19.62
C PRO C 109 -20.88 -4.23 -19.86
N TYR C 110 -19.94 -3.41 -20.32
CA TYR C 110 -20.15 -1.98 -20.47
C TYR C 110 -21.33 -1.72 -21.40
N HIS C 111 -21.15 -1.93 -22.71
CA HIS C 111 -22.22 -1.59 -23.66
C HIS C 111 -22.96 -2.77 -24.27
N GLY C 112 -22.30 -3.93 -24.32
CA GLY C 112 -22.97 -5.14 -24.77
C GLY C 112 -22.38 -5.84 -25.96
N TRP C 113 -21.27 -5.31 -26.50
CA TRP C 113 -20.62 -5.90 -27.65
C TRP C 113 -20.26 -7.35 -27.34
N THR C 114 -20.96 -8.28 -27.98
CA THR C 114 -20.72 -9.72 -27.82
C THR C 114 -19.70 -10.20 -28.83
N TYR C 115 -18.72 -10.94 -28.34
CA TYR C 115 -17.66 -11.53 -29.16
C TYR C 115 -17.78 -13.04 -29.09
N SER C 116 -17.45 -13.73 -30.17
CA SER C 116 -17.30 -15.18 -30.11
C SER C 116 -16.00 -15.49 -29.41
N ASN C 117 -15.82 -16.72 -28.93
CA ASN C 117 -14.51 -17.08 -28.40
C ASN C 117 -13.53 -17.21 -29.55
N THR C 118 -14.08 -17.10 -30.76
CA THR C 118 -13.36 -17.09 -32.02
C THR C 118 -12.61 -15.78 -32.23
N GLY C 119 -13.11 -14.71 -31.61
CA GLY C 119 -12.47 -13.40 -31.67
C GLY C 119 -13.31 -12.34 -32.36
N SER C 120 -14.15 -12.74 -33.31
CA SER C 120 -14.86 -11.78 -34.15
C SER C 120 -16.12 -11.28 -33.48
N LEU C 121 -16.34 -9.98 -33.59
CA LEU C 121 -17.52 -9.33 -33.03
C LEU C 121 -18.76 -9.77 -33.81
N VAL C 122 -19.66 -10.44 -33.10
CA VAL C 122 -20.85 -11.04 -33.69
C VAL C 122 -22.13 -10.19 -33.50
N GLY C 123 -22.19 -9.43 -32.41
CA GLY C 123 -23.36 -8.62 -32.11
C GLY C 123 -23.13 -7.30 -31.39
N VAL C 124 -23.62 -6.22 -32.02
CA VAL C 124 -23.58 -4.89 -31.42
C VAL C 124 -25.01 -4.43 -31.14
N PRO C 125 -25.38 -4.38 -29.86
CA PRO C 125 -26.68 -3.84 -29.43
C PRO C 125 -26.98 -2.49 -30.09
N ALA C 126 -28.23 -2.30 -30.49
CA ALA C 126 -28.62 -1.10 -31.23
C ALA C 126 -27.75 -0.90 -32.48
N GLY C 127 -27.71 -1.92 -33.34
CA GLY C 127 -27.04 -1.82 -34.62
C GLY C 127 -27.71 -0.79 -35.50
N LYS C 128 -29.02 -0.92 -35.67
CA LYS C 128 -29.79 0.05 -36.45
C LYS C 128 -29.99 1.32 -35.67
N ASP C 129 -30.41 1.19 -34.41
CA ASP C 129 -30.79 2.33 -33.59
C ASP C 129 -29.65 3.32 -33.35
N ALA C 130 -28.50 2.82 -32.92
CA ALA C 130 -27.35 3.68 -32.63
C ALA C 130 -26.47 3.98 -33.83
N TYR C 131 -25.97 2.92 -34.46
CA TYR C 131 -24.94 2.99 -35.50
C TYR C 131 -25.50 3.09 -36.90
N GLY C 132 -26.77 2.71 -37.06
CA GLY C 132 -27.47 2.76 -38.33
C GLY C 132 -26.89 1.80 -39.35
N ASN C 133 -26.55 0.61 -38.88
CA ASN C 133 -25.86 -0.41 -39.67
C ASN C 133 -24.49 0.00 -40.27
N GLN C 134 -24.08 1.24 -40.05
CA GLN C 134 -22.83 1.74 -40.63
C GLN C 134 -21.56 1.23 -39.91
N LEU C 135 -21.76 0.41 -38.87
CA LEU C 135 -20.66 -0.21 -38.16
C LEU C 135 -20.20 -1.51 -38.83
N LYS C 136 -18.95 -1.51 -39.29
CA LYS C 136 -18.34 -2.72 -39.84
C LYS C 136 -17.71 -3.55 -38.71
N LYS C 137 -18.27 -4.73 -38.46
CA LYS C 137 -17.87 -5.55 -37.32
C LYS C 137 -16.49 -6.19 -37.46
N SER C 138 -16.22 -6.81 -38.61
CA SER C 138 -14.92 -7.42 -38.95
C SER C 138 -13.66 -6.62 -38.56
N ASP C 139 -13.73 -5.29 -38.57
CA ASP C 139 -12.57 -4.46 -38.22
C ASP C 139 -12.37 -4.25 -36.72
N TRP C 140 -13.33 -4.73 -35.92
CA TRP C 140 -13.33 -4.50 -34.47
C TRP C 140 -13.38 -5.81 -33.68
N ASN C 141 -12.48 -6.72 -34.01
CA ASN C 141 -12.37 -7.98 -33.29
C ASN C 141 -11.25 -7.92 -32.25
N LEU C 142 -11.35 -8.76 -31.23
CA LEU C 142 -10.37 -8.75 -30.15
C LEU C 142 -8.97 -8.87 -30.72
N ARG C 143 -8.11 -7.90 -30.42
CA ARG C 143 -6.77 -7.85 -31.00
C ARG C 143 -6.11 -9.19 -30.77
N PRO C 144 -5.67 -9.83 -31.84
CA PRO C 144 -5.00 -11.12 -31.71
C PRO C 144 -3.61 -10.90 -31.16
N MET C 145 -3.19 -11.76 -30.22
CA MET C 145 -1.82 -11.76 -29.73
C MET C 145 -0.86 -11.84 -30.91
N PRO C 146 -0.07 -10.79 -31.14
CA PRO C 146 0.69 -10.63 -32.37
C PRO C 146 1.21 -11.95 -32.90
N ASN C 147 1.92 -12.68 -32.05
CA ASN C 147 2.50 -13.96 -32.41
C ASN C 147 2.07 -15.04 -31.44
N LEU C 148 1.43 -16.08 -31.97
CA LEU C 148 0.90 -17.15 -31.15
C LEU C 148 1.28 -18.51 -31.72
N ALA C 149 1.90 -19.34 -30.89
CA ALA C 149 2.33 -20.67 -31.30
C ALA C 149 2.50 -21.58 -30.09
N SER C 150 2.30 -22.87 -30.28
CA SER C 150 2.49 -23.82 -29.20
C SER C 150 3.65 -24.76 -29.52
N TYR C 151 4.40 -25.18 -28.49
CA TYR C 151 5.40 -26.24 -28.66
C TYR C 151 5.15 -27.48 -27.79
N LYS C 152 4.67 -28.56 -28.43
CA LYS C 152 4.37 -29.81 -27.74
C LYS C 152 3.57 -29.51 -26.48
N GLY C 153 2.50 -28.72 -26.63
CA GLY C 153 1.63 -28.35 -25.53
C GLY C 153 1.81 -26.94 -24.99
N LEU C 154 3.03 -26.41 -25.06
CA LEU C 154 3.36 -25.16 -24.38
C LEU C 154 2.96 -23.96 -25.23
N ILE C 155 1.87 -23.26 -24.85
CA ILE C 155 1.38 -22.11 -25.61
C ILE C 155 2.16 -20.84 -25.29
N PHE C 156 3.16 -20.53 -26.11
CA PHE C 156 3.95 -19.32 -25.90
C PHE C 156 3.31 -18.17 -26.67
N GLY C 157 3.62 -16.94 -26.29
CA GLY C 157 3.10 -15.79 -27.00
C GLY C 157 4.14 -14.69 -27.09
N SER C 158 4.03 -13.84 -28.10
CA SER C 158 4.96 -12.74 -28.27
C SER C 158 4.29 -11.50 -28.84
N LEU C 159 4.73 -10.33 -28.38
CA LEU C 159 4.12 -9.04 -28.70
C LEU C 159 4.66 -8.45 -29.99
N ASP C 160 5.74 -9.06 -30.49
CA ASP C 160 6.45 -8.61 -31.70
C ASP C 160 6.06 -9.46 -32.91
N PRO C 161 5.43 -8.85 -33.91
CA PRO C 161 4.94 -9.60 -35.08
C PRO C 161 6.07 -10.01 -36.02
N HIS C 162 7.19 -9.29 -35.98
CA HIS C 162 8.35 -9.57 -36.81
C HIS C 162 9.43 -10.27 -35.99
N ALA C 163 9.05 -11.34 -35.31
CA ALA C 163 10.02 -12.05 -34.50
C ALA C 163 10.09 -13.48 -34.96
N ASP C 164 11.20 -14.13 -34.62
CA ASP C 164 11.47 -15.52 -34.96
C ASP C 164 10.34 -16.44 -34.55
N SER C 165 10.03 -17.43 -35.39
CA SER C 165 9.02 -18.42 -35.08
C SER C 165 9.42 -19.14 -33.80
N LEU C 166 8.42 -19.61 -33.06
CA LEU C 166 8.65 -20.16 -31.72
C LEU C 166 9.60 -21.34 -31.79
N GLU C 167 9.52 -22.09 -32.88
CA GLU C 167 10.40 -23.24 -33.09
C GLU C 167 11.87 -22.82 -33.23
N ASP C 168 12.12 -21.79 -34.03
CA ASP C 168 13.47 -21.26 -34.20
C ASP C 168 14.00 -20.60 -32.93
N TYR C 169 13.09 -20.01 -32.15
CA TYR C 169 13.45 -19.28 -30.94
C TYR C 169 13.92 -20.26 -29.87
N LEU C 170 13.20 -21.36 -29.72
CA LEU C 170 13.60 -22.41 -28.78
C LEU C 170 14.90 -23.01 -29.28
N GLY C 171 15.01 -23.16 -30.60
CA GLY C 171 16.21 -23.65 -31.24
C GLY C 171 16.62 -25.03 -30.77
N ASP C 172 17.86 -25.14 -30.30
CA ASP C 172 18.44 -26.42 -29.93
C ASP C 172 17.95 -26.93 -28.59
N LEU C 173 17.25 -26.09 -27.84
CA LEU C 173 16.64 -26.49 -26.58
C LEU C 173 15.52 -27.51 -26.79
N LYS C 174 14.84 -27.43 -27.94
CA LYS C 174 13.76 -28.37 -28.27
C LYS C 174 14.15 -29.79 -27.89
N PHE C 175 15.44 -30.08 -28.03
CA PHE C 175 15.99 -31.41 -27.77
C PHE C 175 15.77 -31.83 -26.33
N TYR C 176 15.94 -30.87 -25.42
CA TYR C 176 15.80 -31.09 -23.99
C TYR C 176 14.37 -30.91 -23.47
N LEU C 177 13.61 -29.99 -24.08
CA LEU C 177 12.19 -29.85 -23.76
C LEU C 177 11.45 -31.15 -24.03
N ASP C 178 11.92 -31.87 -25.06
CA ASP C 178 11.31 -33.13 -25.49
C ASP C 178 11.40 -34.20 -24.43
N ILE C 179 12.55 -34.29 -23.77
CA ILE C 179 12.79 -35.37 -22.81
C ILE C 179 11.91 -35.21 -21.57
N VAL C 180 11.25 -34.05 -21.51
CA VAL C 180 10.40 -33.64 -20.40
C VAL C 180 8.92 -33.61 -20.84
N LEU C 181 8.67 -33.19 -22.08
CA LEU C 181 7.29 -33.05 -22.56
C LEU C 181 6.78 -34.17 -23.45
N ASP C 182 7.67 -34.87 -24.14
CA ASP C 182 7.29 -35.80 -25.21
C ASP C 182 7.43 -37.28 -24.84
N ARG C 183 7.45 -37.57 -23.54
CA ARG C 183 7.70 -38.92 -23.02
C ARG C 183 6.57 -39.91 -23.26
N SER C 184 5.32 -39.46 -23.36
CA SER C 184 4.21 -40.38 -23.50
C SER C 184 3.24 -40.01 -24.64
N ASP C 185 2.43 -40.98 -25.06
CA ASP C 185 1.52 -40.79 -26.20
C ASP C 185 0.44 -39.75 -25.94
N ALA C 186 -0.23 -39.86 -24.79
CA ALA C 186 -1.40 -39.03 -24.51
C ALA C 186 -1.03 -37.57 -24.19
N GLY C 187 0.25 -37.36 -23.87
CA GLY C 187 0.76 -36.04 -23.50
C GLY C 187 0.75 -35.75 -22.00
N LEU C 188 1.31 -34.60 -21.63
CA LEU C 188 1.36 -34.13 -20.25
C LEU C 188 0.06 -33.41 -19.87
N GLN C 189 -0.27 -33.39 -18.59
CA GLN C 189 -1.43 -32.61 -18.16
C GLN C 189 -1.18 -31.70 -16.96
N VAL C 190 -1.73 -30.48 -17.01
CA VAL C 190 -1.70 -29.53 -15.90
C VAL C 190 -2.83 -29.87 -14.97
N VAL C 191 -2.48 -30.16 -13.72
CA VAL C 191 -3.42 -30.68 -12.74
C VAL C 191 -4.03 -29.54 -11.95
N GLY C 192 -5.34 -29.34 -12.16
CA GLY C 192 -6.11 -28.37 -11.38
C GLY C 192 -5.96 -26.93 -11.83
N ALA C 193 -4.91 -26.27 -11.33
CA ALA C 193 -4.62 -24.88 -11.61
C ALA C 193 -3.27 -24.54 -10.99
N PRO C 194 -2.57 -23.49 -11.47
CA PRO C 194 -1.27 -23.14 -10.91
C PRO C 194 -1.43 -22.52 -9.54
N GLN C 195 -0.45 -22.64 -8.65
CA GLN C 195 -0.41 -21.81 -7.44
C GLN C 195 0.07 -20.43 -7.87
N ARG C 196 -0.66 -19.40 -7.43
CA ARG C 196 -0.32 -18.05 -7.81
C ARG C 196 -0.09 -17.28 -6.53
N TRP C 197 1.12 -16.76 -6.34
CA TRP C 197 1.45 -15.97 -5.15
C TRP C 197 2.47 -14.86 -5.41
N VAL C 198 2.60 -13.93 -4.48
CA VAL C 198 3.44 -12.74 -4.69
C VAL C 198 4.71 -12.75 -3.83
N ILE C 199 5.87 -12.88 -4.47
CA ILE C 199 7.14 -12.71 -3.75
C ILE C 199 7.65 -11.30 -4.00
N ASP C 200 8.28 -10.69 -3.01
CA ASP C 200 8.82 -9.34 -3.18
C ASP C 200 10.28 -9.36 -3.60
N ALA C 201 10.48 -9.88 -4.81
CA ALA C 201 11.80 -10.18 -5.38
C ALA C 201 11.76 -10.00 -6.90
N ASN C 202 12.81 -9.43 -7.49
CA ASN C 202 12.87 -9.24 -8.95
C ASN C 202 12.89 -10.58 -9.66
N TRP C 203 12.19 -10.68 -10.80
CA TRP C 203 11.92 -12.00 -11.40
C TRP C 203 13.17 -12.76 -11.83
N LYS C 204 14.19 -12.02 -12.27
CA LYS C 204 15.41 -12.61 -12.80
C LYS C 204 16.13 -13.51 -11.81
N LEU C 205 15.85 -13.33 -10.52
CA LEU C 205 16.53 -14.05 -9.45
C LEU C 205 16.05 -15.47 -9.36
N GLY C 206 14.78 -15.69 -9.69
CA GLY C 206 14.24 -17.04 -9.72
C GLY C 206 14.67 -17.67 -11.02
N ALA C 207 14.68 -16.88 -12.09
CA ALA C 207 15.03 -17.38 -13.39
C ALA C 207 16.50 -17.80 -13.39
N ASP C 208 17.33 -16.91 -12.85
CA ASP C 208 18.75 -17.18 -12.61
C ASP C 208 18.96 -18.45 -11.80
N ASN C 209 18.08 -18.72 -10.83
CA ASN C 209 18.22 -19.91 -9.98
C ASN C 209 18.06 -21.23 -10.69
N PHE C 210 17.12 -21.31 -11.62
CA PHE C 210 16.81 -22.57 -12.29
C PHE C 210 17.71 -22.90 -13.51
N VAL C 211 18.26 -21.87 -14.18
CA VAL C 211 19.10 -22.10 -15.36
C VAL C 211 20.25 -23.04 -15.09
N GLY C 212 20.94 -22.82 -13.96
CA GLY C 212 22.04 -23.67 -13.53
C GLY C 212 22.54 -23.44 -12.12
N ASP C 213 21.64 -23.29 -11.17
CA ASP C 213 22.04 -23.19 -9.77
C ASP C 213 21.65 -24.44 -8.99
N ALA C 214 22.51 -25.45 -9.06
CA ALA C 214 22.43 -26.66 -8.22
C ALA C 214 23.36 -26.51 -7.05
N TYR C 215 24.37 -25.64 -7.22
CA TYR C 215 25.31 -25.26 -6.16
C TYR C 215 24.66 -24.85 -4.86
N HIS C 216 23.50 -24.18 -4.95
CA HIS C 216 22.83 -23.61 -3.77
C HIS C 216 22.14 -24.66 -2.91
N THR C 217 21.82 -25.81 -3.50
CA THR C 217 21.12 -26.86 -2.80
C THR C 217 21.63 -27.11 -1.39
N MET C 218 22.91 -26.87 -1.15
CA MET C 218 23.54 -27.32 0.10
C MET C 218 23.45 -26.35 1.27
N MET C 219 23.51 -25.05 1.01
CA MET C 219 23.39 -24.07 2.09
C MET C 219 21.96 -23.65 2.33
N THR C 220 21.27 -23.18 1.29
CA THR C 220 19.89 -22.73 1.43
C THR C 220 18.92 -23.90 1.70
N HIS C 221 19.13 -25.03 1.04
CA HIS C 221 18.32 -26.23 1.30
C HIS C 221 19.03 -27.23 2.25
N ARG C 222 19.85 -26.68 3.15
CA ARG C 222 20.55 -27.45 4.16
C ARG C 222 19.58 -28.14 5.12
N SER C 223 18.48 -27.46 5.40
CA SER C 223 17.41 -27.98 6.24
C SER C 223 16.97 -29.31 5.68
N MET C 224 16.79 -29.35 4.36
CA MET C 224 16.33 -30.53 3.65
C MET C 224 17.42 -31.60 3.46
N VAL C 225 18.69 -31.20 3.58
CA VAL C 225 19.80 -32.15 3.50
C VAL C 225 19.82 -32.96 4.78
N GLU C 226 19.49 -32.30 5.88
CA GLU C 226 19.49 -32.89 7.21
C GLU C 226 18.35 -33.90 7.37
N LEU C 227 17.24 -33.66 6.68
CA LEU C 227 16.07 -34.52 6.79
C LEU C 227 16.11 -35.70 5.83
N GLY C 228 17.03 -35.67 4.88
CA GLY C 228 17.19 -36.73 3.92
C GLY C 228 16.31 -36.54 2.70
N LEU C 229 15.93 -35.29 2.45
CA LEU C 229 15.11 -34.96 1.28
C LEU C 229 15.94 -34.34 0.18
N ALA C 230 17.16 -33.92 0.54
CA ALA C 230 18.12 -33.44 -0.43
C ALA C 230 19.36 -34.35 -0.45
N PRO C 231 20.06 -34.44 -1.59
CA PRO C 231 21.32 -35.18 -1.66
C PRO C 231 22.34 -34.76 -0.58
N PRO C 232 22.76 -35.70 0.26
CA PRO C 232 23.70 -35.44 1.37
C PRO C 232 25.16 -35.24 0.94
N ASP C 233 25.52 -35.68 -0.26
CA ASP C 233 26.89 -35.61 -0.73
C ASP C 233 27.21 -34.24 -1.29
N PRO C 234 28.16 -33.52 -0.67
CA PRO C 234 28.50 -32.14 -1.05
C PRO C 234 28.95 -31.97 -2.50
N GLN C 235 29.15 -33.08 -3.21
CA GLN C 235 29.58 -33.03 -4.61
C GLN C 235 28.59 -33.80 -5.48
N PHE C 236 27.31 -33.73 -5.10
CA PHE C 236 26.25 -34.43 -5.83
C PHE C 236 25.99 -33.85 -7.23
N ALA C 237 26.27 -32.56 -7.42
CA ALA C 237 26.08 -31.90 -8.70
C ALA C 237 27.16 -32.24 -9.70
N LEU C 238 28.33 -32.63 -9.18
CA LEU C 238 29.48 -33.01 -9.99
C LEU C 238 29.13 -34.15 -10.96
N TYR C 239 28.24 -35.04 -10.52
CA TYR C 239 27.62 -36.02 -11.42
C TYR C 239 26.43 -35.35 -12.09
N GLY C 240 26.74 -34.47 -13.05
CA GLY C 240 25.73 -33.74 -13.80
C GLY C 240 26.29 -33.13 -15.06
N GLU C 241 25.52 -32.25 -15.68
CA GLU C 241 25.84 -31.70 -17.00
C GLU C 241 25.28 -30.29 -17.13
N HIS C 242 26.03 -29.40 -17.75
CA HIS C 242 25.69 -27.98 -17.75
C HIS C 242 25.46 -27.46 -19.17
N ILE C 243 24.26 -27.71 -19.69
CA ILE C 243 23.92 -27.35 -21.06
C ILE C 243 23.29 -25.96 -21.22
N HIS C 244 23.63 -25.26 -22.30
CA HIS C 244 22.88 -24.08 -22.72
C HIS C 244 22.85 -23.83 -24.23
N THR C 245 21.88 -23.04 -24.64
CA THR C 245 21.60 -22.77 -26.03
C THR C 245 21.85 -21.29 -26.27
N GLY C 246 21.57 -20.82 -27.48
CA GLY C 246 21.48 -19.41 -27.77
C GLY C 246 20.11 -18.96 -27.30
N HIS C 247 19.86 -17.65 -27.38
CA HIS C 247 18.60 -17.05 -26.91
C HIS C 247 18.43 -17.13 -25.39
N GLY C 248 19.55 -17.23 -24.67
CA GLY C 248 19.56 -17.21 -23.21
C GLY C 248 19.12 -18.48 -22.51
N HIS C 249 18.55 -19.45 -23.22
CA HIS C 249 18.09 -20.68 -22.57
C HIS C 249 19.22 -21.41 -21.86
N GLY C 250 18.92 -22.55 -21.25
CA GLY C 250 19.92 -23.33 -20.54
C GLY C 250 19.26 -24.16 -19.47
N LEU C 251 19.86 -25.31 -19.15
CA LEU C 251 19.32 -26.25 -18.17
C LEU C 251 20.46 -26.93 -17.44
N GLY C 252 20.16 -27.94 -16.63
CA GLY C 252 21.17 -28.63 -15.87
C GLY C 252 20.66 -30.00 -15.49
N ILE C 253 21.41 -31.04 -15.86
CA ILE C 253 21.00 -32.42 -15.56
C ILE C 253 21.91 -33.00 -14.47
N ILE C 254 21.30 -33.60 -13.45
CA ILE C 254 22.03 -34.30 -12.39
C ILE C 254 21.52 -35.72 -12.24
N GLY C 255 22.44 -36.68 -12.24
CA GLY C 255 22.11 -38.07 -11.96
C GLY C 255 22.78 -38.51 -10.66
N PRO C 256 22.63 -39.77 -10.29
CA PRO C 256 23.20 -40.28 -9.03
C PRO C 256 24.65 -40.73 -9.19
N PRO C 257 25.39 -40.85 -8.08
CA PRO C 257 26.78 -41.34 -8.10
C PRO C 257 26.89 -42.75 -8.70
N PRO C 258 28.06 -43.12 -9.23
CA PRO C 258 28.25 -44.41 -9.91
C PRO C 258 27.74 -45.60 -9.09
N GLY C 259 28.05 -45.60 -7.80
CA GLY C 259 27.62 -46.67 -6.92
C GLY C 259 26.12 -46.64 -6.68
N MET C 260 25.66 -45.56 -6.04
CA MET C 260 24.25 -45.38 -5.71
C MET C 260 23.29 -45.79 -6.85
N PRO C 261 22.48 -46.81 -6.60
CA PRO C 261 21.52 -47.29 -7.60
C PRO C 261 20.14 -46.65 -7.48
N LEU C 262 19.73 -45.93 -8.51
CA LEU C 262 18.38 -45.40 -8.58
C LEU C 262 17.71 -45.95 -9.84
N PRO C 263 16.43 -46.26 -9.75
CA PRO C 263 15.71 -46.83 -10.90
C PRO C 263 16.02 -46.08 -12.19
N GLU C 264 16.09 -46.82 -13.29
CA GLU C 264 16.32 -46.24 -14.60
C GLU C 264 15.15 -45.33 -14.90
N PHE C 265 15.45 -44.17 -15.49
CA PHE C 265 14.47 -43.10 -15.61
C PHE C 265 14.04 -42.74 -14.19
N MET C 266 13.30 -41.66 -14.00
CA MET C 266 13.06 -41.16 -12.64
C MET C 266 12.20 -42.09 -11.79
N GLY C 267 12.01 -43.32 -12.24
CA GLY C 267 11.16 -44.27 -11.56
C GLY C 267 9.76 -44.18 -12.12
N LEU C 268 9.65 -43.56 -13.29
CA LEU C 268 8.37 -43.34 -13.96
C LEU C 268 7.69 -44.68 -14.21
N PRO C 269 6.36 -44.68 -14.26
CA PRO C 269 5.59 -45.92 -14.37
C PRO C 269 6.03 -46.79 -15.55
N GLU C 270 6.11 -48.09 -15.28
CA GLU C 270 6.43 -49.11 -16.27
C GLU C 270 5.85 -48.79 -17.64
N ASN C 271 4.56 -48.39 -17.66
CA ASN C 271 3.83 -48.13 -18.89
C ASN C 271 4.23 -46.87 -19.65
N ILE C 272 4.99 -45.98 -19.02
CA ILE C 272 5.37 -44.73 -19.70
C ILE C 272 6.84 -44.69 -20.17
N VAL C 273 7.70 -45.48 -19.51
CA VAL C 273 9.09 -45.67 -19.96
C VAL C 273 9.12 -46.53 -21.22
N GLU C 274 8.11 -47.38 -21.38
CA GLU C 274 7.92 -48.16 -22.60
C GLU C 274 7.58 -47.20 -23.75
N GLU C 275 6.81 -46.16 -23.43
CA GLU C 275 6.36 -45.20 -24.42
C GLU C 275 7.43 -44.16 -24.71
N LEU C 276 8.30 -43.93 -23.73
CA LEU C 276 9.37 -42.94 -23.85
C LEU C 276 10.59 -43.47 -24.57
N GLU C 277 10.77 -44.79 -24.53
CA GLU C 277 11.88 -45.43 -25.22
C GLU C 277 11.74 -45.32 -26.74
N ARG C 278 10.50 -45.34 -27.23
CA ARG C 278 10.24 -45.26 -28.67
C ARG C 278 9.91 -43.86 -29.17
N ARG C 279 9.46 -42.98 -28.26
CA ARG C 279 9.03 -41.61 -28.61
C ARG C 279 10.20 -40.63 -28.74
N LEU C 280 11.26 -40.91 -27.99
CA LEU C 280 12.45 -40.07 -28.00
C LEU C 280 13.63 -40.70 -28.75
N THR C 281 14.37 -39.84 -29.46
CA THR C 281 15.66 -40.14 -30.05
C THR C 281 16.44 -41.13 -29.18
N PRO C 282 17.08 -42.13 -29.80
CA PRO C 282 17.85 -43.13 -29.05
C PRO C 282 18.91 -42.48 -28.15
N GLU C 283 19.38 -41.30 -28.53
CA GLU C 283 20.33 -40.57 -27.70
C GLU C 283 19.63 -39.96 -26.49
N GLN C 284 18.52 -39.26 -26.74
CA GLN C 284 17.71 -38.62 -25.70
C GLN C 284 17.39 -39.58 -24.55
N VAL C 285 17.10 -40.84 -24.88
CA VAL C 285 16.73 -41.82 -23.87
C VAL C 285 17.93 -42.12 -22.98
N GLU C 286 19.13 -42.11 -23.58
CA GLU C 286 20.34 -42.40 -22.83
C GLU C 286 20.75 -41.27 -21.87
N ILE C 287 20.46 -40.03 -22.25
CA ILE C 287 20.63 -38.88 -21.38
C ILE C 287 19.63 -38.97 -20.23
N PHE C 288 18.44 -39.46 -20.53
CA PHE C 288 17.38 -39.52 -19.51
C PHE C 288 17.41 -40.76 -18.60
N ARG C 289 18.20 -41.77 -18.97
CA ARG C 289 18.21 -43.04 -18.24
C ARG C 289 18.69 -42.88 -16.78
N PRO C 290 19.81 -42.18 -16.56
CA PRO C 290 20.34 -42.05 -15.20
C PRO C 290 19.81 -40.82 -14.46
N THR C 291 19.37 -39.78 -15.18
CA THR C 291 19.03 -38.49 -14.57
C THR C 291 18.05 -38.56 -13.38
N ALA C 292 18.22 -37.62 -12.45
CA ALA C 292 17.42 -37.55 -11.22
C ALA C 292 16.89 -36.14 -10.94
N PHE C 293 17.57 -35.12 -11.47
CA PHE C 293 17.12 -33.72 -11.42
C PHE C 293 17.39 -33.04 -12.76
N ILE C 294 16.35 -32.45 -13.34
CA ILE C 294 16.53 -31.58 -14.51
C ILE C 294 15.98 -30.21 -14.16
N HIS C 295 16.83 -29.19 -14.23
CA HIS C 295 16.42 -27.84 -13.87
C HIS C 295 16.87 -26.86 -14.92
N GLY C 296 15.94 -26.08 -15.49
CA GLY C 296 16.31 -25.11 -16.51
C GLY C 296 15.35 -23.95 -16.64
N THR C 297 15.72 -22.95 -17.44
CA THR C 297 14.74 -21.95 -17.84
C THR C 297 14.74 -21.76 -19.34
N VAL C 298 13.53 -21.56 -19.87
CA VAL C 298 13.28 -21.26 -21.26
C VAL C 298 13.24 -19.75 -21.29
N PHE C 299 14.39 -19.17 -21.62
CA PHE C 299 14.65 -17.75 -21.39
C PHE C 299 13.63 -17.05 -20.49
N PRO C 300 12.79 -16.16 -21.00
CA PRO C 300 12.47 -14.96 -20.21
C PRO C 300 12.28 -15.43 -18.76
N ASN C 301 11.12 -16.03 -18.48
CA ASN C 301 10.71 -16.26 -17.10
C ASN C 301 9.95 -17.56 -16.88
N LEU C 302 10.19 -18.53 -17.75
CA LEU C 302 9.59 -19.85 -17.53
C LEU C 302 10.68 -20.82 -17.09
N SER C 303 10.40 -21.58 -16.04
CA SER C 303 11.38 -22.52 -15.52
C SER C 303 10.78 -23.89 -15.41
N ILE C 304 11.57 -24.90 -15.78
CA ILE C 304 11.16 -26.30 -15.70
C ILE C 304 11.89 -26.98 -14.53
N GLY C 305 11.17 -27.85 -13.84
CA GLY C 305 11.75 -28.60 -12.76
C GLY C 305 11.27 -30.04 -12.83
N ASN C 306 12.19 -30.95 -13.10
CA ASN C 306 11.88 -32.37 -13.10
C ASN C 306 12.75 -33.01 -12.04
N PHE C 307 12.25 -33.07 -10.81
CA PHE C 307 13.07 -33.49 -9.67
C PHE C 307 12.54 -34.79 -9.09
N LEU C 308 13.46 -35.68 -8.76
CA LEU C 308 13.14 -36.92 -8.06
C LEU C 308 13.32 -36.64 -6.57
N MET C 309 12.21 -36.56 -5.84
CA MET C 309 12.25 -36.09 -4.46
C MET C 309 11.15 -36.71 -3.59
N GLY C 310 11.34 -36.69 -2.27
CA GLY C 310 10.39 -37.30 -1.35
C GLY C 310 9.29 -36.38 -0.83
N LYS C 311 8.12 -36.95 -0.60
CA LYS C 311 6.95 -36.21 -0.12
C LYS C 311 7.01 -35.91 1.36
N ASP C 312 7.92 -36.55 2.07
CA ASP C 312 8.18 -36.30 3.47
C ASP C 312 9.44 -37.05 3.90
N HIS C 313 9.84 -36.90 5.16
CA HIS C 313 11.10 -37.46 5.66
C HIS C 313 11.13 -39.00 5.77
N LEU C 314 9.98 -39.65 5.55
CA LEU C 314 9.83 -41.09 5.68
C LEU C 314 9.43 -41.80 4.38
N SER C 315 9.39 -41.08 3.27
CA SER C 315 8.95 -41.70 2.03
C SER C 315 10.07 -41.73 1.03
N ALA C 316 10.08 -42.77 0.20
CA ALA C 316 11.00 -42.90 -0.92
C ALA C 316 10.65 -41.86 -1.96
N PRO C 317 11.66 -41.32 -2.62
CA PRO C 317 11.45 -40.31 -3.66
C PRO C 317 10.57 -40.76 -4.83
N THR C 318 9.72 -39.86 -5.32
CA THR C 318 9.02 -40.03 -6.59
C THR C 318 9.06 -38.74 -7.43
N ALA C 319 9.09 -38.91 -8.76
CA ALA C 319 9.37 -37.83 -9.73
C ALA C 319 8.20 -36.88 -9.92
N PHE C 320 8.50 -35.61 -10.17
CA PHE C 320 7.46 -34.62 -10.45
C PHE C 320 7.94 -33.57 -11.46
N LEU C 321 7.02 -33.16 -12.34
CA LEU C 321 7.30 -32.12 -13.30
C LEU C 321 6.65 -30.87 -12.78
N THR C 322 7.27 -29.72 -13.01
CA THR C 322 6.71 -28.43 -12.66
C THR C 322 7.19 -27.36 -13.64
N LEU C 323 6.24 -26.64 -14.21
CA LEU C 323 6.54 -25.44 -15.01
C LEU C 323 6.14 -24.28 -14.14
N ARG C 324 6.86 -23.18 -14.20
CA ARG C 324 6.52 -22.04 -13.38
C ARG C 324 6.88 -20.74 -14.04
N LEU C 325 6.03 -19.75 -13.88
CA LEU C 325 6.29 -18.44 -14.44
C LEU C 325 6.78 -17.53 -13.33
N TRP C 326 7.86 -16.80 -13.60
CA TRP C 326 8.28 -15.71 -12.75
C TRP C 326 7.69 -14.43 -13.37
N HIS C 327 6.41 -14.18 -13.12
CA HIS C 327 5.75 -13.02 -13.72
C HIS C 327 6.24 -11.73 -13.06
N PRO C 328 6.71 -10.78 -13.88
CA PRO C 328 7.22 -9.50 -13.38
C PRO C 328 6.10 -8.51 -13.08
N LEU C 329 5.99 -8.11 -11.81
CA LEU C 329 4.98 -7.16 -11.38
C LEU C 329 5.60 -5.78 -11.23
N GLY C 330 6.86 -5.70 -10.82
CA GLY C 330 7.58 -4.44 -10.76
C GLY C 330 9.07 -4.73 -10.58
N PRO C 331 9.89 -3.70 -10.34
CA PRO C 331 11.33 -3.87 -10.11
C PRO C 331 11.67 -4.83 -8.98
N ASP C 332 10.85 -4.83 -7.94
CA ASP C 332 11.10 -5.57 -6.72
C ASP C 332 9.91 -6.43 -6.33
N LYS C 333 9.26 -7.03 -7.33
CA LYS C 333 8.06 -7.82 -7.10
C LYS C 333 7.91 -8.76 -8.28
N MET C 334 7.47 -9.97 -7.99
CA MET C 334 7.04 -10.90 -9.02
C MET C 334 5.87 -11.70 -8.51
N GLU C 335 5.16 -12.36 -9.41
CA GLU C 335 4.09 -13.28 -9.04
C GLU C 335 4.43 -14.67 -9.55
N VAL C 336 4.69 -15.60 -8.65
CA VAL C 336 5.00 -16.94 -9.11
C VAL C 336 3.71 -17.60 -9.60
N MET C 337 3.77 -18.24 -10.75
CA MET C 337 2.64 -19.04 -11.21
C MET C 337 3.18 -20.44 -11.40
N SER C 338 3.17 -21.25 -10.33
CA SER C 338 3.81 -22.56 -10.40
C SER C 338 2.86 -23.69 -10.77
N PHE C 339 3.04 -24.25 -11.97
CA PHE C 339 2.21 -25.36 -12.45
C PHE C 339 2.76 -26.71 -12.03
N PHE C 340 1.90 -27.73 -12.01
CA PHE C 340 2.34 -29.11 -11.81
C PHE C 340 1.76 -30.04 -12.87
N LEU C 341 2.65 -30.65 -13.66
CA LEU C 341 2.25 -31.49 -14.78
C LEU C 341 2.57 -32.95 -14.50
N VAL C 342 1.73 -33.84 -15.02
CA VAL C 342 1.92 -35.27 -14.90
C VAL C 342 1.39 -35.90 -16.19
N GLU C 343 1.98 -37.03 -16.60
CA GLU C 343 1.53 -37.76 -17.77
C GLU C 343 0.09 -38.25 -17.59
N LYS C 344 -0.72 -38.06 -18.63
CA LYS C 344 -2.14 -38.39 -18.57
C LYS C 344 -2.38 -39.87 -18.22
N ASP C 345 -1.64 -40.74 -18.92
CA ASP C 345 -1.83 -42.19 -18.83
C ASP C 345 -1.11 -42.82 -17.66
N ALA C 346 -0.43 -42.01 -16.84
CA ALA C 346 0.26 -42.51 -15.66
C ALA C 346 -0.77 -42.98 -14.64
N PRO C 347 -0.47 -44.01 -13.86
CA PRO C 347 -1.44 -44.57 -12.93
C PRO C 347 -1.86 -43.53 -11.91
N ASP C 348 -3.05 -43.68 -11.33
CA ASP C 348 -3.55 -42.73 -10.34
C ASP C 348 -2.62 -42.69 -9.15
N TRP C 349 -2.14 -43.85 -8.72
CA TRP C 349 -1.22 -43.89 -7.57
C TRP C 349 0.00 -43.00 -7.81
N PHE C 350 0.54 -43.02 -9.03
CA PHE C 350 1.73 -42.23 -9.32
C PHE C 350 1.37 -40.77 -9.49
N LYS C 351 0.17 -40.51 -10.02
CA LYS C 351 -0.31 -39.14 -10.17
C LYS C 351 -0.42 -38.50 -8.80
N ASP C 352 -0.95 -39.25 -7.84
CA ASP C 352 -1.14 -38.78 -6.48
C ASP C 352 0.19 -38.64 -5.74
N GLU C 353 1.08 -39.62 -5.92
CA GLU C 353 2.37 -39.63 -5.25
C GLU C 353 3.31 -38.58 -5.83
N SER C 354 3.22 -38.36 -7.13
CA SER C 354 4.05 -37.35 -7.77
C SER C 354 3.67 -35.95 -7.30
N TYR C 355 2.38 -35.74 -7.05
CA TYR C 355 1.83 -34.44 -6.67
C TYR C 355 2.24 -34.06 -5.25
N LYS C 356 2.28 -35.05 -4.36
CA LYS C 356 2.73 -34.83 -2.98
C LYS C 356 4.25 -34.62 -2.83
N SER C 357 5.01 -35.10 -3.80
CA SER C 357 6.43 -34.81 -3.84
C SER C 357 6.69 -33.37 -4.30
N TYR C 358 5.81 -32.86 -5.15
CA TYR C 358 5.88 -31.48 -5.64
C TYR C 358 5.48 -30.53 -4.51
N LEU C 359 4.30 -30.78 -3.94
CA LEU C 359 3.75 -29.93 -2.91
C LEU C 359 4.70 -29.69 -1.74
N ARG C 360 5.17 -30.78 -1.13
CA ARG C 360 5.90 -30.71 0.13
C ARG C 360 7.32 -30.23 -0.08
N THR C 361 7.76 -30.16 -1.32
CA THR C 361 9.11 -29.66 -1.58
C THR C 361 9.10 -28.30 -2.28
N PHE C 362 8.38 -28.18 -3.40
CA PHE C 362 8.33 -26.92 -4.13
C PHE C 362 6.96 -26.29 -4.08
N GLY C 363 6.80 -25.13 -4.70
CA GLY C 363 5.55 -24.40 -4.58
C GLY C 363 5.49 -23.43 -3.40
N ILE C 364 4.29 -22.93 -3.11
CA ILE C 364 4.10 -21.91 -2.08
C ILE C 364 4.54 -22.32 -0.67
N SER C 365 4.17 -23.53 -0.26
CA SER C 365 4.44 -24.07 1.08
C SER C 365 5.52 -25.16 1.13
N GLY C 366 6.31 -25.30 0.06
CA GLY C 366 7.35 -26.31 -0.01
C GLY C 366 8.45 -26.08 1.00
N GLY C 367 9.15 -27.15 1.39
CA GLY C 367 10.29 -27.04 2.31
C GLY C 367 11.53 -26.51 1.61
N PHE C 368 11.55 -26.63 0.29
CA PHE C 368 12.66 -26.19 -0.52
C PHE C 368 12.34 -24.77 -0.96
N GLU C 369 11.24 -24.58 -1.69
CA GLU C 369 11.00 -23.30 -2.37
C GLU C 369 10.73 -22.14 -1.46
N GLN C 370 10.22 -22.39 -0.25
CA GLN C 370 9.96 -21.31 0.71
C GLN C 370 11.28 -20.64 1.18
N ASP C 371 12.38 -21.39 1.14
CA ASP C 371 13.70 -20.81 1.41
C ASP C 371 14.25 -20.08 0.19
N ASP C 372 13.85 -20.54 -0.98
CA ASP C 372 14.29 -19.86 -2.19
C ASP C 372 13.63 -18.48 -2.24
N ALA C 373 12.34 -18.43 -1.90
CA ALA C 373 11.61 -17.16 -1.89
C ALA C 373 12.12 -16.17 -0.82
N GLU C 374 12.77 -16.67 0.22
CA GLU C 374 13.30 -15.80 1.26
C GLU C 374 14.64 -15.21 0.85
N ASN C 375 15.36 -15.96 0.02
CA ASN C 375 16.68 -15.53 -0.40
C ASN C 375 16.56 -14.52 -1.48
N TRP C 376 15.68 -14.79 -2.45
CA TRP C 376 15.45 -13.86 -3.56
C TRP C 376 14.91 -12.54 -3.04
N ARG C 377 14.00 -12.59 -2.08
CA ARG C 377 13.32 -11.40 -1.60
C ARG C 377 14.24 -10.49 -0.79
N SER C 378 15.36 -11.05 -0.35
CA SER C 378 16.33 -10.33 0.45
C SER C 378 17.47 -9.76 -0.40
N ILE C 379 17.77 -10.45 -1.51
CA ILE C 379 18.75 -9.97 -2.49
C ILE C 379 18.20 -8.68 -3.08
N THR C 380 16.95 -8.74 -3.55
CA THR C 380 16.23 -7.61 -4.07
C THR C 380 16.20 -6.42 -3.14
N ARG C 381 16.01 -6.65 -1.84
CA ARG C 381 15.92 -5.56 -0.87
C ARG C 381 17.18 -4.72 -0.90
N VAL C 382 18.31 -5.39 -0.67
CA VAL C 382 19.60 -4.73 -0.49
C VAL C 382 20.19 -4.24 -1.82
N MET C 383 19.82 -4.90 -2.92
CA MET C 383 20.23 -4.50 -4.26
C MET C 383 19.41 -3.31 -4.77
N GLY C 384 18.80 -2.57 -3.85
CA GLY C 384 17.95 -1.46 -4.21
C GLY C 384 18.48 -0.12 -3.74
N GLY C 385 19.72 -0.10 -3.30
CA GLY C 385 20.36 1.14 -2.88
C GLY C 385 21.45 1.47 -3.87
N GLN C 386 21.92 2.72 -3.84
CA GLN C 386 22.85 3.23 -4.85
C GLN C 386 24.26 2.68 -4.74
N PHE C 387 24.75 2.49 -3.53
CA PHE C 387 26.11 2.01 -3.36
C PHE C 387 26.18 0.55 -3.74
N ALA C 388 25.06 -0.16 -3.60
CA ALA C 388 25.03 -1.59 -3.93
C ALA C 388 24.93 -1.80 -5.43
N LYS C 389 24.18 -0.95 -6.11
CA LYS C 389 23.97 -1.06 -7.56
C LYS C 389 25.26 -0.73 -8.32
N THR C 390 26.20 -0.18 -7.57
CA THR C 390 27.54 0.14 -8.02
C THR C 390 28.40 -1.11 -8.16
N GLY C 391 28.23 -2.06 -7.25
CA GLY C 391 28.95 -3.33 -7.27
C GLY C 391 28.64 -4.26 -8.42
N GLU C 392 28.95 -5.54 -8.24
CA GLU C 392 28.78 -6.55 -9.28
C GLU C 392 28.46 -7.95 -8.74
N LEU C 393 27.67 -8.70 -9.49
CA LEU C 393 27.36 -10.09 -9.18
C LEU C 393 28.48 -10.97 -9.69
N ASN C 394 28.89 -11.95 -8.90
CA ASN C 394 30.03 -12.78 -9.23
C ASN C 394 29.57 -14.06 -9.87
N TYR C 395 30.00 -14.30 -11.11
CA TYR C 395 29.69 -15.52 -11.83
C TYR C 395 30.96 -16.21 -12.32
N GLN C 396 31.89 -16.45 -11.39
CA GLN C 396 33.24 -16.89 -11.74
C GLN C 396 33.50 -18.38 -11.52
N MET C 397 32.43 -19.17 -11.42
CA MET C 397 32.58 -20.57 -11.08
C MET C 397 33.09 -21.35 -12.27
N GLY C 398 34.32 -21.85 -12.15
CA GLY C 398 34.92 -22.64 -13.22
C GLY C 398 35.92 -21.88 -14.07
N ARG C 399 36.10 -20.58 -13.77
CA ARG C 399 37.04 -19.77 -14.55
C ARG C 399 38.40 -20.47 -14.60
N GLY C 400 38.82 -20.81 -15.82
CA GLY C 400 40.04 -21.58 -16.06
C GLY C 400 39.91 -23.04 -15.69
N VAL C 401 38.78 -23.66 -15.98
CA VAL C 401 38.56 -25.10 -15.76
C VAL C 401 37.43 -25.64 -16.66
N LEU C 402 36.55 -24.74 -17.11
CA LEU C 402 35.40 -25.16 -17.91
C LEU C 402 35.82 -25.56 -19.30
N GLU C 403 35.88 -26.87 -19.52
CA GLU C 403 36.19 -27.45 -20.84
C GLU C 403 34.92 -28.14 -21.37
N PRO C 404 34.39 -27.66 -22.50
CA PRO C 404 33.22 -28.27 -23.14
C PRO C 404 33.36 -29.77 -23.31
N ASP C 405 32.27 -30.50 -23.08
CA ASP C 405 32.27 -31.96 -23.13
C ASP C 405 32.36 -32.51 -24.56
N PRO C 406 33.45 -33.20 -24.88
CA PRO C 406 33.60 -33.88 -26.18
C PRO C 406 32.73 -35.13 -26.29
N ASN C 407 32.35 -35.70 -25.15
CA ASN C 407 31.58 -36.94 -25.11
C ASN C 407 30.07 -36.73 -24.99
N TRP C 408 29.64 -35.46 -24.93
CA TRP C 408 28.21 -35.16 -24.81
C TRP C 408 27.51 -35.41 -26.13
N THR C 409 26.34 -36.01 -26.02
CA THR C 409 25.60 -36.57 -27.15
C THR C 409 24.37 -35.74 -27.52
N GLY C 410 24.30 -34.50 -27.00
CA GLY C 410 23.18 -33.61 -27.26
C GLY C 410 23.66 -32.21 -27.63
N PRO C 411 22.78 -31.39 -28.23
CA PRO C 411 23.19 -30.10 -28.81
C PRO C 411 23.46 -29.05 -27.73
N GLY C 412 23.99 -27.90 -28.16
CA GLY C 412 24.28 -26.79 -27.26
C GLY C 412 25.63 -26.94 -26.59
N GLU C 413 26.01 -25.96 -25.78
CA GLU C 413 27.32 -25.97 -25.16
C GLU C 413 27.22 -26.66 -23.81
N ALA C 414 27.77 -27.86 -23.71
CA ALA C 414 27.66 -28.62 -22.48
C ALA C 414 28.96 -28.63 -21.70
N TYR C 415 28.86 -28.73 -20.38
CA TYR C 415 30.04 -28.96 -19.53
C TYR C 415 29.79 -30.23 -18.70
N PRO C 416 30.84 -30.94 -18.29
CA PRO C 416 30.68 -32.29 -17.73
C PRO C 416 30.58 -32.32 -16.20
N LEU C 417 29.85 -31.37 -15.62
CA LEU C 417 29.52 -31.29 -14.18
C LEU C 417 28.34 -30.33 -14.05
N ASP C 418 27.74 -30.20 -12.86
CA ASP C 418 26.69 -29.18 -12.66
C ASP C 418 27.06 -27.99 -11.78
N TYR C 419 28.26 -28.01 -11.21
CA TYR C 419 28.76 -26.85 -10.48
C TYR C 419 29.40 -25.87 -11.45
N ALA C 420 28.56 -25.11 -12.14
CA ALA C 420 29.02 -24.09 -13.09
C ALA C 420 28.01 -22.96 -13.14
N GLU C 421 28.40 -21.84 -13.75
CA GLU C 421 27.55 -20.66 -13.83
C GLU C 421 27.65 -20.08 -15.25
N ALA C 422 27.93 -20.96 -16.20
CA ALA C 422 28.03 -20.53 -17.59
C ALA C 422 26.64 -20.46 -18.23
N ASN C 423 25.69 -21.24 -17.68
CA ASN C 423 24.28 -21.10 -18.02
C ASN C 423 23.74 -19.71 -17.65
N GLN C 424 24.02 -19.30 -16.40
CA GLN C 424 23.50 -18.06 -15.85
C GLN C 424 24.09 -16.86 -16.56
N ARG C 425 25.38 -16.98 -16.94
CA ARG C 425 26.07 -15.88 -17.63
C ARG C 425 25.50 -15.69 -19.02
N ASN C 426 25.24 -16.80 -19.71
CA ASN C 426 24.66 -16.78 -21.04
C ASN C 426 23.23 -16.21 -21.01
N PHE C 427 22.48 -16.59 -19.96
CA PHE C 427 21.14 -16.08 -19.71
C PHE C 427 21.16 -14.58 -19.58
N LEU C 428 22.16 -14.05 -18.86
CA LEU C 428 22.23 -12.60 -18.68
C LEU C 428 22.81 -11.88 -19.92
N GLU C 429 23.64 -12.59 -20.67
CA GLU C 429 24.19 -12.07 -21.91
C GLU C 429 23.08 -11.80 -22.93
N TYR C 430 22.22 -12.80 -23.16
CA TYR C 430 21.07 -12.59 -24.03
C TYR C 430 20.19 -11.50 -23.47
N TRP C 431 20.07 -11.46 -22.15
CA TRP C 431 19.26 -10.46 -21.50
C TRP C 431 19.79 -9.09 -21.92
N MET C 432 21.11 -8.91 -21.82
CA MET C 432 21.75 -7.62 -22.12
C MET C 432 21.73 -7.29 -23.62
N GLN C 433 21.88 -8.31 -24.45
CA GLN C 433 21.84 -8.10 -25.89
C GLN C 433 20.50 -7.51 -26.30
N LEU C 434 19.41 -8.16 -25.88
CA LEU C 434 18.04 -7.65 -26.08
C LEU C 434 17.80 -6.23 -25.50
N MET C 435 18.45 -5.95 -24.37
CA MET C 435 18.31 -4.67 -23.70
C MET C 435 18.82 -3.49 -24.54
N LEU C 436 19.99 -3.68 -25.16
CA LEU C 436 20.68 -2.63 -25.91
C LEU C 436 20.15 -2.46 -27.34
N ALA C 437 19.68 -3.56 -27.91
CA ALA C 437 19.08 -3.59 -29.25
C ALA C 437 18.19 -2.38 -29.58
N GLU C 438 18.77 -1.40 -30.28
CA GLU C 438 18.01 -0.22 -30.74
C GLU C 438 16.99 -0.66 -31.79
N SER C 439 17.42 -1.55 -32.68
CA SER C 439 16.52 -2.27 -33.56
C SER C 439 16.47 -3.74 -33.14
N PRO C 440 15.26 -4.26 -32.89
CA PRO C 440 15.05 -5.63 -32.40
C PRO C 440 16.13 -6.65 -32.77
N SER D 8 -24.89 -26.72 22.29
CA SER D 8 -23.68 -27.32 22.92
C SER D 8 -23.40 -26.76 24.33
N ASP D 9 -23.05 -25.48 24.37
CA ASP D 9 -22.62 -24.74 25.59
C ASP D 9 -21.56 -25.44 26.44
N THR D 10 -20.67 -24.65 27.04
CA THR D 10 -19.54 -25.18 27.84
C THR D 10 -18.55 -26.02 27.03
N THR D 11 -19.05 -26.61 25.96
CA THR D 11 -18.23 -27.23 24.93
C THR D 11 -17.82 -26.13 23.96
N VAL D 12 -18.69 -25.11 23.85
CA VAL D 12 -18.36 -23.87 23.18
C VAL D 12 -17.25 -23.15 23.94
N ARG D 13 -17.43 -22.94 25.24
CA ARG D 13 -16.41 -22.30 26.06
C ARG D 13 -15.08 -23.02 25.99
N GLU D 14 -15.10 -24.31 25.69
CA GLU D 14 -13.90 -25.14 25.74
C GLU D 14 -13.21 -25.26 24.41
N ILE D 15 -14.00 -25.33 23.33
CA ILE D 15 -13.45 -25.35 21.98
C ILE D 15 -12.93 -23.96 21.59
N THR D 16 -13.66 -22.93 22.00
CA THR D 16 -13.27 -21.54 21.78
C THR D 16 -11.92 -21.25 22.43
N GLU D 17 -11.75 -21.62 23.69
CA GLU D 17 -10.50 -21.41 24.39
C GLU D 17 -9.37 -22.35 23.93
N TRP D 18 -9.74 -23.44 23.25
CA TRP D 18 -8.78 -24.32 22.59
C TRP D 18 -8.17 -23.57 21.43
N LEU D 19 -9.05 -23.01 20.59
CA LEU D 19 -8.68 -22.26 19.39
C LEU D 19 -7.85 -21.02 19.67
N TYR D 20 -8.01 -20.45 20.86
CA TYR D 20 -7.19 -19.33 21.34
C TYR D 20 -5.84 -19.79 21.84
N MET D 21 -5.80 -20.97 22.45
CA MET D 21 -4.56 -21.57 22.95
C MET D 21 -3.71 -22.09 21.80
N GLU D 22 -4.39 -22.65 20.81
CA GLU D 22 -3.73 -23.08 19.57
C GLU D 22 -3.07 -21.88 18.89
N ALA D 23 -3.79 -20.75 18.82
CA ALA D 23 -3.30 -19.52 18.23
C ALA D 23 -2.16 -18.95 19.05
N GLU D 24 -2.27 -19.07 20.37
CA GLU D 24 -1.24 -18.56 21.31
C GLU D 24 0.07 -19.32 21.18
N LEU D 25 0.00 -20.57 20.74
CA LEU D 25 1.16 -21.43 20.55
C LEU D 25 1.79 -21.13 19.22
N LEU D 26 0.96 -20.86 18.23
CA LEU D 26 1.40 -20.59 16.86
C LEU D 26 2.10 -19.22 16.69
N ASP D 27 1.57 -18.20 17.35
CA ASP D 27 2.15 -16.85 17.36
C ASP D 27 3.39 -16.76 18.24
N ALA D 28 3.61 -17.80 19.05
CA ALA D 28 4.75 -17.86 19.97
C ALA D 28 5.87 -18.72 19.40
N GLY D 29 5.59 -19.32 18.24
CA GLY D 29 6.58 -20.09 17.53
C GLY D 29 6.71 -21.52 17.98
N LYS D 30 5.91 -21.88 18.97
CA LYS D 30 5.89 -23.22 19.54
C LYS D 30 5.11 -24.17 18.64
N TYR D 31 5.70 -24.51 17.49
CA TYR D 31 5.08 -25.39 16.53
C TYR D 31 5.11 -26.86 16.96
N ARG D 32 6.19 -27.27 17.62
CA ARG D 32 6.32 -28.64 18.15
C ARG D 32 5.26 -28.91 19.21
N GLU D 33 5.06 -27.95 20.10
CA GLU D 33 4.02 -28.03 21.11
C GLU D 33 2.64 -28.06 20.48
N TRP D 34 2.47 -27.37 19.35
CA TRP D 34 1.21 -27.38 18.59
C TRP D 34 0.93 -28.75 17.98
N LEU D 35 1.99 -29.50 17.70
CA LEU D 35 1.88 -30.78 17.02
C LEU D 35 1.37 -31.86 17.97
N ALA D 36 1.32 -31.52 19.26
CA ALA D 36 0.78 -32.38 20.30
C ALA D 36 -0.74 -32.36 20.22
N LEU D 37 -1.28 -31.25 19.72
CA LEU D 37 -2.63 -31.24 19.15
C LEU D 37 -2.50 -32.01 17.82
N VAL D 38 -3.50 -31.96 16.97
CA VAL D 38 -3.52 -32.81 15.75
C VAL D 38 -3.49 -34.33 16.02
N THR D 39 -3.98 -35.06 15.04
CA THR D 39 -4.41 -36.44 15.17
C THR D 39 -3.64 -37.25 14.13
N GLU D 40 -3.39 -38.53 14.39
CA GLU D 40 -2.60 -39.34 13.45
C GLU D 40 -3.20 -39.42 12.05
N ASP D 41 -4.52 -39.24 11.95
CA ASP D 41 -5.17 -39.09 10.64
C ASP D 41 -5.54 -37.63 10.32
N LEU D 42 -4.67 -36.71 10.73
CA LEU D 42 -4.82 -35.30 10.44
C LEU D 42 -4.89 -35.08 8.94
N SER D 43 -5.69 -34.09 8.53
CA SER D 43 -5.64 -33.56 7.18
C SER D 43 -5.70 -32.06 7.28
N TYR D 44 -4.59 -31.40 6.97
CA TYR D 44 -4.53 -29.95 6.94
C TYR D 44 -4.39 -29.50 5.49
N VAL D 45 -5.47 -28.92 4.93
CA VAL D 45 -5.45 -28.53 3.53
C VAL D 45 -5.77 -27.04 3.37
N VAL D 46 -5.09 -26.40 2.41
CA VAL D 46 -5.33 -25.01 2.03
C VAL D 46 -5.66 -24.99 0.54
N PRO D 47 -6.94 -25.05 0.16
CA PRO D 47 -7.33 -25.10 -1.25
C PRO D 47 -6.90 -23.89 -2.06
N ILE D 48 -6.86 -24.04 -3.38
CA ILE D 48 -6.57 -22.94 -4.30
C ILE D 48 -7.93 -22.43 -4.71
N ARG D 49 -8.02 -21.13 -4.98
CA ARG D 49 -9.25 -20.50 -5.42
C ARG D 49 -8.99 -19.79 -6.76
N VAL D 50 -10.01 -19.70 -7.59
CA VAL D 50 -9.91 -18.89 -8.82
C VAL D 50 -11.19 -18.08 -9.00
N THR D 51 -11.08 -16.89 -9.59
CA THR D 51 -12.25 -16.08 -9.90
C THR D 51 -13.08 -16.79 -10.92
N ARG D 52 -14.33 -17.09 -10.56
CA ARG D 52 -15.28 -17.65 -11.50
C ARG D 52 -16.55 -16.85 -11.31
N GLU D 53 -17.51 -17.03 -12.20
CA GLU D 53 -18.79 -16.32 -12.07
C GLU D 53 -19.69 -16.94 -10.99
N ARG D 54 -20.68 -16.19 -10.53
CA ARG D 54 -21.70 -16.70 -9.60
C ARG D 54 -22.39 -17.99 -10.08
N GLU D 55 -22.77 -18.01 -11.36
CA GLU D 55 -23.39 -19.16 -12.00
C GLU D 55 -22.63 -20.47 -11.73
N ALA D 56 -21.34 -20.49 -12.09
CA ALA D 56 -20.46 -21.68 -12.02
C ALA D 56 -20.56 -22.42 -10.69
N VAL D 57 -20.47 -23.75 -10.77
CA VAL D 57 -20.65 -24.64 -9.61
C VAL D 57 -19.84 -24.28 -8.36
N THR D 58 -18.57 -23.91 -8.54
CA THR D 58 -17.68 -23.65 -7.40
C THR D 58 -16.47 -22.76 -7.73
N ASP D 59 -15.84 -22.25 -6.67
CA ASP D 59 -14.69 -21.36 -6.72
C ASP D 59 -13.42 -22.15 -6.59
N VAL D 60 -13.48 -23.22 -5.79
CA VAL D 60 -12.32 -23.96 -5.31
C VAL D 60 -11.84 -24.96 -6.35
N VAL D 61 -10.57 -24.85 -6.71
CA VAL D 61 -9.88 -25.79 -7.59
C VAL D 61 -9.81 -27.21 -7.00
N GLU D 62 -10.22 -28.21 -7.77
CA GLU D 62 -10.05 -29.63 -7.38
C GLU D 62 -8.79 -30.27 -7.97
N GLY D 63 -8.12 -31.08 -7.15
CA GLY D 63 -6.92 -31.78 -7.55
C GLY D 63 -5.63 -31.08 -7.16
N MET D 64 -5.71 -29.78 -6.90
CA MET D 64 -4.53 -28.99 -6.57
C MET D 64 -4.82 -28.09 -5.38
N THR D 65 -3.76 -27.80 -4.64
CA THR D 65 -3.82 -27.23 -3.31
C THR D 65 -2.57 -26.37 -3.06
N HIS D 66 -2.64 -25.51 -2.05
CA HIS D 66 -1.51 -24.71 -1.61
C HIS D 66 -0.70 -25.44 -0.55
N MET D 67 -1.38 -26.32 0.18
CA MET D 67 -0.80 -27.06 1.29
C MET D 67 -1.75 -28.22 1.61
N ASP D 68 -1.24 -29.43 1.63
CA ASP D 68 -2.08 -30.62 1.79
C ASP D 68 -1.35 -31.66 2.61
N ASP D 69 -1.40 -31.49 3.93
CA ASP D 69 -0.60 -32.27 4.85
C ASP D 69 -1.41 -33.36 5.53
N ASP D 70 -0.74 -34.47 5.80
CA ASP D 70 -1.21 -35.43 6.80
C ASP D 70 -0.24 -35.30 7.97
N ALA D 71 -0.33 -36.19 8.97
CA ALA D 71 0.42 -36.01 10.22
C ALA D 71 1.91 -36.19 10.03
N ASP D 72 2.31 -37.06 9.11
CA ASP D 72 3.74 -37.31 8.83
C ASP D 72 4.32 -36.11 8.16
N SER D 73 3.59 -35.56 7.19
CA SER D 73 4.05 -34.44 6.39
C SER D 73 4.11 -33.19 7.23
N MET D 74 3.13 -33.05 8.11
CA MET D 74 3.07 -31.94 9.07
C MET D 74 4.21 -32.02 10.08
N GLU D 75 4.55 -33.24 10.52
CA GLU D 75 5.69 -33.46 11.41
C GLU D 75 6.99 -33.08 10.73
N MET D 76 7.07 -33.27 9.42
CA MET D 76 8.24 -32.86 8.66
C MET D 76 8.37 -31.35 8.69
N ARG D 77 7.21 -30.68 8.59
CA ARG D 77 7.17 -29.24 8.47
C ARG D 77 7.63 -28.59 9.76
N VAL D 78 7.33 -29.24 10.88
CA VAL D 78 7.78 -28.73 12.16
C VAL D 78 9.24 -29.14 12.38
N LEU D 79 9.58 -30.37 12.00
CA LEU D 79 10.96 -30.87 12.02
C LEU D 79 11.94 -29.94 11.28
N ARG D 80 11.49 -29.42 10.14
CA ARG D 80 12.28 -28.48 9.37
C ARG D 80 12.61 -27.21 10.13
N LEU D 81 11.63 -26.72 10.89
CA LEU D 81 11.75 -25.45 11.62
C LEU D 81 12.53 -25.60 12.92
N GLU D 82 12.75 -26.84 13.35
CA GLU D 82 13.48 -27.13 14.58
C GLU D 82 14.96 -27.26 14.29
N THR D 83 15.28 -27.45 13.01
CA THR D 83 16.64 -27.38 12.52
C THR D 83 17.06 -25.92 12.56
N GLU D 84 18.36 -25.65 12.55
CA GLU D 84 18.83 -24.25 12.62
C GLU D 84 19.22 -23.65 11.28
N TYR D 85 18.69 -24.23 10.19
CA TYR D 85 18.85 -23.71 8.82
C TYR D 85 17.50 -23.59 8.09
N ALA D 86 16.49 -23.08 8.80
CA ALA D 86 15.17 -22.81 8.22
C ALA D 86 15.05 -21.33 7.89
N TRP D 87 15.81 -20.89 6.89
CA TRP D 87 15.96 -19.49 6.56
C TRP D 87 14.66 -18.73 6.37
N ALA D 88 13.61 -19.42 5.95
CA ALA D 88 12.34 -18.76 5.67
C ALA D 88 11.73 -18.29 6.96
N GLU D 89 12.17 -18.85 8.07
CA GLU D 89 11.67 -18.45 9.38
C GLU D 89 12.76 -18.37 10.47
N ASP D 90 14.04 -18.30 10.12
CA ASP D 90 15.07 -18.43 11.16
C ASP D 90 15.56 -17.20 11.88
N PRO D 91 15.50 -16.03 11.25
CA PRO D 91 14.97 -14.87 11.96
C PRO D 91 13.46 -15.04 11.75
N PRO D 92 12.71 -15.33 12.81
CA PRO D 92 11.28 -15.65 12.69
C PRO D 92 10.39 -14.45 12.35
N SER D 93 9.27 -14.76 11.71
CA SER D 93 8.22 -13.80 11.46
C SER D 93 7.59 -13.34 12.76
N ARG D 94 6.93 -12.20 12.72
CA ARG D 94 5.99 -11.84 13.75
C ARG D 94 4.64 -12.09 13.15
N SER D 95 3.87 -12.99 13.76
CA SER D 95 2.53 -13.30 13.27
C SER D 95 1.53 -13.10 14.37
N ARG D 96 0.30 -12.75 13.98
CA ARG D 96 -0.82 -12.75 14.92
C ARG D 96 -1.97 -13.45 14.26
N HIS D 97 -2.53 -14.45 14.93
CA HIS D 97 -3.63 -15.24 14.39
C HIS D 97 -4.88 -14.67 15.05
N PHE D 98 -5.68 -13.92 14.29
CA PHE D 98 -6.88 -13.31 14.85
C PHE D 98 -8.08 -14.23 14.64
N VAL D 99 -8.37 -15.05 15.64
CA VAL D 99 -9.48 -16.02 15.57
C VAL D 99 -10.80 -15.37 15.98
N THR D 100 -11.67 -15.13 15.01
CA THR D 100 -12.94 -14.53 15.32
C THR D 100 -14.08 -15.41 14.81
N ASN D 101 -15.32 -14.96 15.00
CA ASN D 101 -16.50 -15.64 14.49
C ASN D 101 -16.50 -17.16 14.70
N VAL D 102 -16.21 -17.62 15.93
CA VAL D 102 -16.21 -19.06 16.21
C VAL D 102 -17.62 -19.65 16.22
N ARG D 103 -17.85 -20.64 15.36
CA ARG D 103 -19.12 -21.32 15.27
C ARG D 103 -18.94 -22.81 15.52
N VAL D 104 -19.41 -23.28 16.68
CA VAL D 104 -19.29 -24.69 17.05
C VAL D 104 -20.58 -25.44 16.76
N ALA D 105 -20.46 -26.58 16.08
CA ALA D 105 -21.60 -27.40 15.72
C ALA D 105 -21.22 -28.88 15.77
N THR D 106 -22.20 -29.74 16.12
CA THR D 106 -21.99 -31.18 16.30
C THR D 106 -21.46 -31.93 15.07
N GLY D 107 -20.70 -32.99 15.31
CA GLY D 107 -19.96 -33.64 14.24
C GLY D 107 -20.68 -34.78 13.57
N ASP D 108 -20.00 -35.45 12.64
CA ASP D 108 -20.55 -36.60 11.92
C ASP D 108 -20.66 -37.80 12.86
N SER D 109 -19.78 -37.82 13.87
CA SER D 109 -19.78 -38.82 14.92
C SER D 109 -20.07 -38.18 16.26
N GLU D 110 -20.04 -38.98 17.32
CA GLU D 110 -20.15 -38.45 18.67
C GLU D 110 -18.76 -38.03 19.11
N ASP D 111 -18.68 -36.98 19.93
CA ASP D 111 -17.40 -36.48 20.43
C ASP D 111 -16.55 -35.80 19.35
N GLU D 112 -17.16 -35.55 18.19
CA GLU D 112 -16.56 -34.74 17.12
C GLU D 112 -17.40 -33.50 16.90
N PHE D 113 -16.74 -32.40 16.57
CA PHE D 113 -17.40 -31.10 16.40
C PHE D 113 -16.83 -30.39 15.20
N LYS D 114 -17.71 -29.84 14.35
CA LYS D 114 -17.25 -29.04 13.21
C LYS D 114 -17.06 -27.59 13.65
N VAL D 115 -15.80 -27.16 13.73
CA VAL D 115 -15.48 -25.89 14.36
C VAL D 115 -15.01 -24.87 13.32
N THR D 116 -15.87 -23.90 13.02
CA THR D 116 -15.58 -22.91 11.99
C THR D 116 -15.16 -21.57 12.61
N SER D 117 -14.02 -21.04 12.18
CA SER D 117 -13.54 -19.74 12.64
C SER D 117 -13.14 -18.86 11.46
N ASN D 118 -13.08 -17.56 11.69
CA ASN D 118 -12.53 -16.64 10.73
C ASN D 118 -11.14 -16.30 11.17
N LEU D 119 -10.18 -16.44 10.26
CA LEU D 119 -8.81 -16.08 10.56
C LEU D 119 -8.36 -14.80 9.81
N LEU D 120 -7.66 -13.93 10.52
CA LEU D 120 -6.93 -12.83 9.90
C LEU D 120 -5.49 -12.96 10.40
N LEU D 121 -4.63 -13.54 9.57
CA LEU D 121 -3.22 -13.70 9.90
C LEU D 121 -2.47 -12.43 9.52
N TYR D 122 -1.80 -11.82 10.50
CA TYR D 122 -0.99 -10.64 10.28
C TYR D 122 0.47 -11.10 10.30
N ARG D 123 1.22 -10.82 9.25
CA ARG D 123 2.60 -11.29 9.15
C ARG D 123 3.55 -10.14 8.88
N THR D 124 4.67 -10.13 9.57
CA THR D 124 5.68 -9.10 9.40
C THR D 124 7.07 -9.75 9.37
N ARG D 125 7.99 -9.22 8.57
CA ARG D 125 9.32 -9.84 8.46
C ARG D 125 10.53 -8.88 8.50
N GLY D 126 10.95 -8.56 9.73
CA GLY D 126 12.24 -7.94 9.99
C GLY D 126 12.55 -6.56 9.50
N ASP D 127 12.07 -5.53 10.19
CA ASP D 127 12.60 -4.16 10.03
C ASP D 127 12.08 -3.32 8.86
N VAL D 128 11.81 -3.97 7.73
CA VAL D 128 11.13 -3.32 6.60
C VAL D 128 9.70 -2.87 6.99
N ALA D 129 9.26 -1.75 6.43
CA ALA D 129 7.99 -1.14 6.80
C ALA D 129 6.83 -1.59 5.91
N THR D 130 6.59 -2.90 5.94
CA THR D 130 5.52 -3.53 5.16
C THR D 130 4.94 -4.70 5.99
N TYR D 131 3.66 -5.02 5.76
CA TYR D 131 3.03 -6.15 6.44
C TYR D 131 2.18 -6.96 5.49
N ASP D 132 1.97 -8.23 5.81
CA ASP D 132 1.07 -9.07 5.02
C ASP D 132 -0.13 -9.47 5.85
N VAL D 133 -1.27 -9.67 5.20
CA VAL D 133 -2.50 -9.99 5.87
C VAL D 133 -3.15 -11.10 5.06
N LEU D 134 -3.31 -12.26 5.69
CA LEU D 134 -4.07 -13.36 5.10
C LEU D 134 -5.43 -13.45 5.78
N SER D 135 -6.49 -13.55 5.01
CA SER D 135 -7.83 -13.62 5.54
C SER D 135 -8.46 -14.86 4.99
N GLY D 136 -9.04 -15.68 5.86
CA GLY D 136 -9.60 -16.95 5.43
C GLY D 136 -10.61 -17.47 6.43
N GLU D 137 -11.20 -18.62 6.14
CA GLU D 137 -12.12 -19.24 7.08
C GLU D 137 -11.72 -20.68 7.30
N ARG D 138 -11.35 -21.03 8.52
CA ARG D 138 -10.98 -22.40 8.81
C ARG D 138 -12.23 -23.21 9.16
N THR D 139 -12.37 -24.38 8.55
CA THR D 139 -13.40 -25.34 8.91
C THR D 139 -12.72 -26.57 9.52
N ASP D 140 -12.76 -26.69 10.85
CA ASP D 140 -12.05 -27.74 11.56
C ASP D 140 -12.95 -28.92 11.91
N VAL D 141 -12.35 -30.02 12.40
CA VAL D 141 -13.07 -31.13 13.01
C VAL D 141 -12.29 -31.48 14.25
N LEU D 142 -12.80 -31.10 15.41
CA LEU D 142 -12.12 -31.36 16.67
C LEU D 142 -12.66 -32.61 17.35
N ARG D 143 -11.77 -33.58 17.56
CA ARG D 143 -12.09 -34.82 18.26
C ARG D 143 -11.93 -34.62 19.75
N ARG D 144 -12.56 -35.47 20.56
CA ARG D 144 -12.29 -35.42 21.98
C ARG D 144 -11.12 -36.34 22.30
N ALA D 145 -10.23 -35.87 23.16
CA ALA D 145 -9.13 -36.70 23.64
C ALA D 145 -8.84 -36.33 25.09
N GLY D 146 -9.44 -37.09 26.00
CA GLY D 146 -9.27 -36.84 27.42
C GLY D 146 -10.17 -35.72 27.91
N ASP D 147 -9.57 -34.72 28.54
CA ASP D 147 -10.32 -33.54 29.01
C ASP D 147 -10.08 -32.31 28.11
N SER D 148 -9.63 -32.57 26.90
CA SER D 148 -9.41 -31.53 25.91
C SER D 148 -9.73 -32.10 24.53
N PHE D 149 -9.25 -31.42 23.48
CA PHE D 149 -9.55 -31.83 22.13
C PHE D 149 -8.30 -32.10 21.32
N LEU D 150 -8.48 -32.72 20.17
CA LEU D 150 -7.42 -32.95 19.23
C LEU D 150 -7.96 -32.66 17.83
N MET D 151 -7.13 -32.14 16.94
CA MET D 151 -7.60 -31.71 15.64
C MET D 151 -7.52 -32.83 14.63
N ALA D 152 -8.67 -33.27 14.13
CA ALA D 152 -8.73 -34.31 13.12
C ALA D 152 -8.49 -33.78 11.72
N LYS D 153 -9.01 -32.59 11.43
CA LYS D 153 -8.94 -31.99 10.10
C LYS D 153 -9.06 -30.46 10.13
N ARG D 154 -8.47 -29.77 9.15
CA ARG D 154 -8.63 -28.33 8.95
C ARG D 154 -8.66 -27.99 7.48
N VAL D 155 -9.56 -27.10 7.08
CA VAL D 155 -9.53 -26.52 5.73
C VAL D 155 -9.47 -25.00 5.78
N VAL D 156 -8.28 -24.44 5.54
CA VAL D 156 -8.10 -23.00 5.51
C VAL D 156 -8.49 -22.47 4.13
N LEU D 157 -9.69 -21.91 4.01
CA LEU D 157 -10.07 -21.37 2.74
C LEU D 157 -9.90 -19.86 2.80
N LEU D 158 -8.83 -19.39 2.17
CA LEU D 158 -8.42 -17.98 2.15
C LEU D 158 -9.31 -17.17 1.20
N ASP D 159 -9.39 -15.86 1.42
CA ASP D 159 -10.25 -14.99 0.61
C ASP D 159 -9.48 -14.34 -0.51
N GLN D 160 -8.66 -15.15 -1.14
CA GLN D 160 -7.79 -14.65 -2.16
C GLN D 160 -7.68 -15.72 -3.21
N THR D 161 -7.46 -15.31 -4.44
CA THR D 161 -6.99 -16.22 -5.45
C THR D 161 -5.45 -16.14 -5.60
N THR D 162 -4.90 -14.96 -5.90
CA THR D 162 -3.46 -14.70 -5.85
C THR D 162 -3.05 -14.43 -4.42
N ILE D 163 -2.25 -15.30 -3.83
CA ILE D 163 -1.95 -15.21 -2.39
C ILE D 163 -0.98 -14.07 -2.08
N MET D 164 -1.35 -13.21 -1.13
CA MET D 164 -0.51 -12.10 -0.75
C MET D 164 0.46 -12.42 0.40
N THR D 165 1.32 -13.42 0.18
CA THR D 165 2.57 -13.59 0.93
C THR D 165 3.55 -14.36 0.07
N HIS D 166 4.85 -14.12 0.29
CA HIS D 166 5.91 -14.72 -0.50
C HIS D 166 6.02 -16.23 -0.32
N ASN D 167 5.54 -16.73 0.82
CA ASN D 167 5.44 -18.18 1.07
C ASN D 167 4.50 -18.49 2.22
N LEU D 168 4.10 -19.76 2.32
CA LEU D 168 3.17 -20.19 3.35
C LEU D 168 3.94 -20.98 4.40
N ALA D 169 4.95 -20.33 4.96
CA ALA D 169 5.78 -20.91 6.01
C ALA D 169 5.15 -20.87 7.40
N LEU D 170 4.02 -20.20 7.55
CA LEU D 170 3.29 -20.17 8.81
C LEU D 170 2.08 -21.11 8.78
N ILE D 171 1.84 -21.81 9.87
CA ILE D 171 0.65 -22.62 9.99
C ILE D 171 -0.46 -21.66 10.35
N MET D 172 -1.64 -21.88 9.79
CA MET D 172 -2.80 -21.06 10.08
C MET D 172 -3.76 -21.83 10.99
N MET E 1 8.86 19.25 -21.50
CA MET E 1 8.65 18.00 -20.81
C MET E 1 7.32 17.27 -21.24
N LEU E 2 6.95 17.16 -22.56
CA LEU E 2 5.85 16.36 -23.14
C LEU E 2 6.74 15.56 -24.07
N SER E 3 7.09 14.34 -23.66
CA SER E 3 7.99 13.49 -24.42
C SER E 3 7.73 13.52 -25.91
N ASN E 4 8.60 12.88 -26.67
CA ASN E 4 8.43 12.82 -28.12
C ASN E 4 7.38 11.79 -28.53
N GLU E 5 7.33 10.68 -27.80
CA GLU E 5 6.35 9.63 -28.11
C GLU E 5 4.91 10.05 -27.78
N LEU E 6 4.71 10.69 -26.63
CA LEU E 6 3.38 11.18 -26.22
C LEU E 6 2.88 12.31 -27.13
N ARG E 7 3.75 13.25 -27.50
CA ARG E 7 3.37 14.33 -28.40
C ARG E 7 2.85 13.77 -29.70
N GLN E 8 3.53 12.75 -30.21
CA GLN E 8 3.20 12.15 -31.50
C GLN E 8 1.85 11.43 -31.45
N THR E 9 1.59 10.74 -30.35
CA THR E 9 0.35 9.96 -30.24
C THR E 9 -0.83 10.85 -29.88
N LEU E 10 -0.55 12.00 -29.26
CA LEU E 10 -1.58 13.00 -29.00
C LEU E 10 -1.99 13.67 -30.29
N GLN E 11 -1.02 14.02 -31.14
CA GLN E 11 -1.26 14.60 -32.45
C GLN E 11 -1.95 13.63 -33.41
N LYS E 12 -1.55 12.35 -33.38
CA LYS E 12 -2.18 11.33 -34.20
C LYS E 12 -3.63 11.19 -33.80
N GLY E 13 -3.91 11.40 -32.51
CA GLY E 13 -5.25 11.25 -31.97
C GLY E 13 -6.14 12.40 -32.35
N LEU E 14 -5.60 13.61 -32.24
CA LEU E 14 -6.29 14.84 -32.62
C LEU E 14 -6.72 14.79 -34.07
N HIS E 15 -5.96 14.05 -34.87
CA HIS E 15 -6.30 13.78 -36.26
C HIS E 15 -7.44 12.76 -36.39
N ASP E 16 -7.37 11.70 -35.58
CA ASP E 16 -8.33 10.58 -35.64
C ASP E 16 -9.69 10.85 -35.00
N VAL E 17 -9.74 11.81 -34.08
CA VAL E 17 -10.96 12.11 -33.35
C VAL E 17 -12.05 12.74 -34.23
N ASN E 18 -11.68 13.24 -35.40
CA ASN E 18 -12.65 13.86 -36.31
C ASN E 18 -12.78 13.14 -37.65
N SER E 19 -11.79 12.29 -37.95
CA SER E 19 -11.70 11.59 -39.23
C SER E 19 -12.06 10.12 -39.12
N ASP E 20 -11.28 9.34 -38.38
CA ASP E 20 -11.56 7.91 -38.17
C ASP E 20 -12.63 7.71 -37.11
N TRP E 21 -12.78 8.72 -36.25
CA TRP E 21 -13.65 8.71 -35.07
C TRP E 21 -13.19 7.69 -34.02
N THR E 22 -11.89 7.63 -33.80
CA THR E 22 -11.32 6.88 -32.68
C THR E 22 -10.39 7.80 -31.89
N VAL E 23 -9.89 7.33 -30.75
CA VAL E 23 -8.93 8.06 -29.93
C VAL E 23 -7.86 7.07 -29.43
N PRO E 24 -6.59 7.48 -29.34
CA PRO E 24 -5.53 6.57 -28.88
C PRO E 24 -5.81 6.10 -27.46
N ALA E 25 -5.67 4.81 -27.20
CA ALA E 25 -5.99 4.23 -25.89
C ALA E 25 -4.94 4.54 -24.83
N ALA E 26 -3.78 5.04 -25.24
CA ALA E 26 -2.68 5.37 -24.34
C ALA E 26 -2.98 6.54 -23.39
N ILE E 27 -4.15 7.16 -23.58
CA ILE E 27 -4.51 8.34 -22.82
C ILE E 27 -5.24 8.04 -21.53
N ILE E 28 -5.48 6.77 -21.23
CA ILE E 28 -6.27 6.41 -20.05
C ILE E 28 -5.42 6.05 -18.83
N ASN E 29 -4.42 5.19 -18.99
CA ASN E 29 -3.64 4.76 -17.84
C ASN E 29 -2.11 4.90 -18.02
N ASP E 30 -1.64 6.14 -18.17
CA ASP E 30 -0.20 6.40 -18.39
C ASP E 30 0.32 7.33 -17.28
N PRO E 31 1.42 6.98 -16.64
CA PRO E 31 2.03 7.85 -15.63
C PRO E 31 2.49 9.15 -16.25
N GLU E 32 2.89 9.10 -17.52
CA GLU E 32 3.37 10.27 -18.26
C GLU E 32 2.21 11.16 -18.63
N VAL E 33 1.16 10.58 -19.20
CA VAL E 33 -0.08 11.32 -19.50
C VAL E 33 -0.61 12.01 -18.26
N HIS E 34 -0.54 11.35 -17.11
CA HIS E 34 -1.05 11.94 -15.89
C HIS E 34 -0.31 13.18 -15.44
N ASP E 35 1.02 13.15 -15.49
CA ASP E 35 1.81 14.27 -15.01
C ASP E 35 1.66 15.49 -15.90
N VAL E 36 1.62 15.25 -17.21
CA VAL E 36 1.37 16.31 -18.18
C VAL E 36 -0.03 16.90 -17.99
N GLU E 37 -0.99 16.01 -17.74
CA GLU E 37 -2.38 16.37 -17.44
C GLU E 37 -2.51 17.25 -16.20
N ARG E 38 -1.58 17.12 -15.26
CA ARG E 38 -1.63 17.88 -14.02
C ARG E 38 -1.50 19.36 -14.33
N GLU E 39 -0.50 19.73 -15.14
CA GLU E 39 -0.30 21.12 -15.55
C GLU E 39 -1.24 21.51 -16.68
N ARG E 40 -1.24 20.74 -17.76
CA ARG E 40 -1.96 21.12 -18.98
C ARG E 40 -3.47 21.26 -18.83
N ILE E 41 -4.11 20.30 -18.16
CA ILE E 41 -5.56 20.32 -17.91
C ILE E 41 -5.97 20.95 -16.57
N PHE E 42 -5.49 20.37 -15.48
CA PHE E 42 -5.87 20.78 -14.14
C PHE E 42 -5.14 22.00 -13.64
N GLY E 43 -4.07 22.39 -14.32
CA GLY E 43 -3.31 23.60 -13.99
C GLY E 43 -3.82 24.86 -14.68
N HIS E 44 -4.78 24.69 -15.58
CA HIS E 44 -5.34 25.79 -16.38
C HIS E 44 -6.87 25.81 -16.40
N ALA E 45 -7.51 24.68 -16.74
CA ALA E 45 -8.96 24.56 -16.82
C ALA E 45 -9.67 25.04 -15.57
N TRP E 46 -10.99 25.18 -15.64
CA TRP E 46 -11.77 25.65 -14.50
C TRP E 46 -12.35 24.46 -13.81
N VAL E 47 -11.81 24.17 -12.63
CA VAL E 47 -12.21 23.01 -11.83
C VAL E 47 -13.23 23.44 -10.76
N PHE E 48 -14.23 22.60 -10.50
CA PHE E 48 -15.31 22.87 -9.54
C PHE E 48 -14.77 22.63 -8.13
N LEU E 49 -15.32 23.31 -7.14
CA LEU E 49 -14.80 23.14 -5.79
C LEU E 49 -15.91 22.88 -4.77
N ALA E 50 -16.85 23.80 -4.68
CA ALA E 50 -17.93 23.73 -3.71
C ALA E 50 -19.21 24.30 -4.33
N HIS E 51 -20.31 24.22 -3.59
CA HIS E 51 -21.51 24.92 -3.96
C HIS E 51 -21.73 25.93 -2.89
N GLU E 52 -22.14 27.13 -3.29
CA GLU E 52 -22.33 28.25 -2.38
C GLU E 52 -23.22 27.94 -1.19
N SER E 53 -24.11 26.96 -1.33
CA SER E 53 -25.05 26.60 -0.24
C SER E 53 -24.44 25.69 0.81
N GLU E 54 -23.21 25.24 0.57
CA GLU E 54 -22.41 24.49 1.53
C GLU E 54 -21.86 25.46 2.56
N ILE E 55 -21.68 26.70 2.14
CA ILE E 55 -21.17 27.75 3.00
C ILE E 55 -22.12 28.97 3.03
N PRO E 56 -23.27 28.84 3.69
CA PRO E 56 -24.26 29.93 3.73
C PRO E 56 -23.86 31.08 4.62
N GLU E 57 -23.59 30.85 5.92
CA GLU E 57 -23.29 31.94 6.86
C GLU E 57 -21.80 32.29 6.88
N ARG E 58 -21.45 33.32 7.65
CA ARG E 58 -20.09 33.83 7.73
C ARG E 58 -19.23 32.94 8.60
N GLY E 59 -18.10 32.50 8.05
CA GLY E 59 -17.19 31.59 8.73
C GLY E 59 -17.15 30.17 8.16
N ASP E 60 -18.31 29.68 7.72
CA ASP E 60 -18.46 28.38 7.07
C ASP E 60 -17.44 28.13 6.00
N TYR E 61 -16.74 27.01 6.07
CA TYR E 61 -15.73 26.65 5.09
C TYR E 61 -15.82 25.20 4.74
N VAL E 62 -15.29 24.87 3.57
CA VAL E 62 -15.07 23.49 3.16
C VAL E 62 -13.63 23.40 2.65
N VAL E 63 -13.00 22.26 2.76
CA VAL E 63 -11.67 22.07 2.21
C VAL E 63 -11.73 21.22 0.93
N ARG E 64 -11.42 21.84 -0.20
CA ARG E 64 -11.55 21.23 -1.51
C ARG E 64 -10.28 21.36 -2.35
N TYR E 65 -10.21 20.67 -3.49
CA TYR E 65 -8.97 20.47 -4.21
C TYR E 65 -8.97 20.89 -5.68
N ILE E 66 -7.82 21.32 -6.16
CA ILE E 66 -7.51 21.19 -7.58
C ILE E 66 -6.30 20.24 -7.68
N SER E 67 -6.54 19.04 -8.20
CA SER E 67 -5.58 17.95 -8.10
C SER E 67 -5.08 17.81 -6.66
N GLU E 68 -3.76 17.85 -6.47
CA GLU E 68 -3.14 17.66 -5.15
C GLU E 68 -3.20 18.86 -4.24
N ASP E 69 -3.60 20.02 -4.78
CA ASP E 69 -3.61 21.29 -4.06
C ASP E 69 -4.85 21.43 -3.20
N GLN E 70 -4.64 21.72 -1.92
CA GLN E 70 -5.74 21.79 -0.99
C GLN E 70 -6.09 23.24 -0.70
N PHE E 71 -7.37 23.57 -0.86
CA PHE E 71 -7.84 24.94 -0.76
C PHE E 71 -8.99 25.04 0.20
N ILE E 72 -8.89 25.91 1.19
CA ILE E 72 -10.04 26.32 1.97
C ILE E 72 -10.99 27.16 1.11
N VAL E 73 -12.22 26.70 0.92
CA VAL E 73 -13.24 27.47 0.24
C VAL E 73 -14.24 27.94 1.28
N CYS E 74 -14.26 29.24 1.56
CA CYS E 74 -15.08 29.76 2.68
C CYS E 74 -15.75 31.10 2.45
N ARG E 75 -16.63 31.48 3.37
CA ARG E 75 -17.31 32.77 3.30
C ARG E 75 -16.76 33.65 4.43
N ASP E 76 -15.86 34.56 4.09
CA ASP E 76 -15.17 35.39 5.09
C ASP E 76 -16.12 36.30 5.84
N GLU E 77 -15.63 36.94 6.91
CA GLU E 77 -16.51 37.70 7.81
C GLU E 77 -17.11 38.96 7.20
N GLY E 78 -16.71 39.27 5.98
CA GLY E 78 -17.26 40.36 5.22
C GLY E 78 -18.41 39.92 4.34
N GLY E 79 -18.58 38.61 4.22
CA GLY E 79 -19.64 38.04 3.42
C GLY E 79 -19.24 37.44 2.08
N GLU E 80 -18.02 37.70 1.63
CA GLU E 80 -17.58 37.32 0.30
C GLU E 80 -17.05 35.89 0.29
N ILE E 81 -16.91 35.31 -0.91
CA ILE E 81 -16.41 33.95 -1.08
C ILE E 81 -14.92 34.01 -1.27
N ARG E 82 -14.19 33.27 -0.45
CA ARG E 82 -12.73 33.19 -0.54
C ARG E 82 -12.27 31.78 -0.88
N GLY E 83 -11.13 31.66 -1.55
CA GLY E 83 -10.51 30.39 -1.80
C GLY E 83 -9.04 30.48 -1.49
N HIS E 84 -8.68 30.22 -0.24
CA HIS E 84 -7.29 30.29 0.21
C HIS E 84 -6.57 28.99 -0.04
N LEU E 85 -5.28 29.03 -0.31
CA LEU E 85 -4.50 27.79 -0.32
C LEU E 85 -4.35 27.38 1.12
N ASN E 86 -4.34 26.07 1.39
CA ASN E 86 -4.31 25.58 2.74
C ASN E 86 -2.92 25.26 3.20
N ALA E 87 -2.00 26.20 2.99
CA ALA E 87 -0.61 26.05 3.40
C ALA E 87 -0.12 27.36 3.96
N CYS E 88 0.22 27.36 5.26
CA CYS E 88 0.77 28.53 5.94
C CYS E 88 1.89 29.23 5.16
N ARG E 89 2.06 30.52 5.42
CA ARG E 89 3.07 31.28 4.70
C ARG E 89 4.44 31.07 5.31
N HIS E 90 4.47 30.77 6.60
CA HIS E 90 5.72 30.54 7.31
C HIS E 90 6.45 29.28 6.82
N ARG E 91 5.99 28.10 7.25
CA ARG E 91 6.60 26.83 6.88
C ARG E 91 5.66 25.88 6.14
N GLY E 92 4.47 26.34 5.79
CA GLY E 92 3.63 25.61 4.86
C GLY E 92 2.81 24.51 5.48
N MET E 93 2.41 24.70 6.73
CA MET E 93 1.58 23.74 7.43
C MET E 93 0.11 23.94 7.06
N GLN E 94 -0.69 22.89 7.20
CA GLN E 94 -2.14 23.00 7.04
C GLN E 94 -2.65 23.95 8.10
N VAL E 95 -3.19 25.08 7.68
CA VAL E 95 -3.79 26.02 8.63
C VAL E 95 -5.14 25.47 9.11
N CYS E 96 -5.73 24.55 8.35
CA CYS E 96 -6.97 23.89 8.71
C CYS E 96 -6.94 22.40 8.38
N ARG E 97 -7.16 21.57 9.39
CA ARG E 97 -7.12 20.11 9.23
C ARG E 97 -8.46 19.36 9.27
N ALA E 98 -9.56 20.10 9.35
CA ALA E 98 -10.89 19.55 9.16
C ALA E 98 -11.20 19.56 7.68
N GLU E 99 -12.37 19.04 7.29
CA GLU E 99 -12.82 19.11 5.89
C GLU E 99 -14.00 20.03 5.73
N MET E 100 -14.64 20.35 6.85
CA MET E 100 -15.80 21.20 6.89
C MET E 100 -15.79 21.86 8.24
N GLY E 101 -16.42 23.03 8.31
CA GLY E 101 -16.66 23.65 9.59
C GLY E 101 -17.09 25.08 9.52
N ASN E 102 -17.03 25.75 10.66
CA ASN E 102 -17.24 27.18 10.78
C ASN E 102 -16.26 27.77 11.77
N THR E 103 -15.42 28.68 11.29
CA THR E 103 -14.46 29.38 12.13
C THR E 103 -14.28 30.81 11.67
N SER E 104 -14.03 31.71 12.61
CA SER E 104 -13.71 33.10 12.26
C SER E 104 -12.25 33.20 11.83
N HIS E 105 -11.36 32.59 12.61
CA HIS E 105 -9.93 32.62 12.35
C HIS E 105 -9.36 31.24 12.08
N PHE E 106 -8.18 31.21 11.47
CA PHE E 106 -7.43 29.99 11.19
C PHE E 106 -6.05 30.03 11.85
N ARG E 107 -5.94 29.62 13.10
CA ARG E 107 -4.65 29.57 13.78
C ARG E 107 -3.79 28.36 13.35
N CYS E 108 -2.63 28.64 12.77
CA CYS E 108 -1.70 27.59 12.35
C CYS E 108 -1.04 26.93 13.55
N PRO E 109 -1.12 25.61 13.65
CA PRO E 109 -0.62 24.90 14.84
C PRO E 109 0.89 24.96 15.04
N TYR E 110 1.68 25.03 13.97
CA TYR E 110 3.13 24.98 14.09
C TYR E 110 3.65 26.13 14.97
N HIS E 111 3.66 27.36 14.47
CA HIS E 111 4.24 28.49 15.23
C HIS E 111 3.21 29.49 15.81
N GLY E 112 2.02 29.54 15.22
CA GLY E 112 0.94 30.30 15.81
C GLY E 112 0.36 31.39 14.96
N TRP E 113 0.91 31.58 13.76
CA TRP E 113 0.43 32.61 12.84
C TRP E 113 -1.09 32.50 12.66
N THR E 114 -1.82 33.49 13.15
CA THR E 114 -3.29 33.49 13.07
C THR E 114 -3.71 34.22 11.84
N TYR E 115 -4.62 33.64 11.08
CA TYR E 115 -5.14 34.22 9.86
C TYR E 115 -6.63 34.47 10.06
N SER E 116 -7.17 35.54 9.49
CA SER E 116 -8.61 35.68 9.42
C SER E 116 -9.11 34.72 8.37
N ASN E 117 -10.42 34.42 8.36
CA ASN E 117 -10.99 33.66 7.26
C ASN E 117 -11.01 34.54 6.02
N THR E 118 -10.64 35.81 6.24
CA THR E 118 -10.52 36.82 5.19
C THR E 118 -9.26 36.60 4.36
N GLY E 119 -8.27 35.94 4.95
CA GLY E 119 -7.03 35.63 4.29
C GLY E 119 -5.83 36.29 4.92
N SER E 120 -6.01 37.49 5.47
CA SER E 120 -4.88 38.31 5.89
C SER E 120 -4.39 37.95 7.25
N LEU E 121 -3.07 37.83 7.35
CA LEU E 121 -2.39 37.52 8.60
C LEU E 121 -2.57 38.65 9.61
N VAL E 122 -3.23 38.31 10.71
CA VAL E 122 -3.65 39.26 11.73
C VAL E 122 -2.71 39.25 12.94
N GLY E 123 -2.13 38.09 13.22
CA GLY E 123 -1.28 37.95 14.39
C GLY E 123 -0.09 37.00 14.30
N VAL E 124 1.10 37.55 14.53
CA VAL E 124 2.31 36.76 14.63
C VAL E 124 2.84 36.78 16.05
N PRO E 125 2.75 35.63 16.73
CA PRO E 125 3.32 35.46 18.08
C PRO E 125 4.77 35.91 18.13
N ALA E 126 5.12 36.63 19.21
CA ALA E 126 6.45 37.21 19.38
C ALA E 126 6.79 38.17 18.22
N GLY E 127 5.91 39.16 18.03
CA GLY E 127 6.10 40.17 17.00
C GLY E 127 7.32 41.01 17.31
N LYS E 128 7.34 41.55 18.52
CA LYS E 128 8.51 42.29 19.04
C LYS E 128 9.66 41.34 19.39
N ASP E 129 9.36 40.26 20.12
CA ASP E 129 10.40 39.37 20.65
C ASP E 129 11.26 38.70 19.56
N ALA E 130 10.60 38.11 18.56
CA ALA E 130 11.31 37.37 17.53
C ALA E 130 11.71 38.27 16.37
N TYR E 131 10.70 38.86 15.71
CA TYR E 131 10.85 39.62 14.45
C TYR E 131 11.20 41.10 14.65
N GLY E 132 11.01 41.60 15.88
CA GLY E 132 11.24 43.00 16.22
C GLY E 132 10.41 43.98 15.40
N ASN E 133 9.12 43.65 15.23
CA ASN E 133 8.17 44.42 14.38
C ASN E 133 8.58 44.61 12.89
N GLN E 134 9.73 44.06 12.51
CA GLN E 134 10.21 44.18 11.12
C GLN E 134 9.47 43.25 10.15
N LEU E 135 8.53 42.47 10.67
CA LEU E 135 7.68 41.62 9.83
C LEU E 135 6.46 42.37 9.26
N LYS E 136 6.44 42.52 7.95
CA LYS E 136 5.27 43.07 7.26
C LYS E 136 4.24 41.95 6.99
N LYS E 137 3.09 42.05 7.66
CA LYS E 137 2.05 41.01 7.59
C LYS E 137 1.35 40.92 6.22
N SER E 138 0.88 42.05 5.69
CA SER E 138 0.22 42.16 4.38
C SER E 138 0.81 41.35 3.22
N ASP E 139 2.13 41.14 3.22
CA ASP E 139 2.80 40.33 2.17
C ASP E 139 2.76 38.82 2.42
N TRP E 140 2.22 38.40 3.56
CA TRP E 140 2.22 37.00 3.96
C TRP E 140 0.82 36.51 4.33
N ASN E 141 -0.12 36.69 3.39
CA ASN E 141 -1.49 36.21 3.53
C ASN E 141 -1.66 34.95 2.71
N LEU E 142 -2.63 34.12 3.09
CA LEU E 142 -2.89 32.86 2.43
C LEU E 142 -3.05 33.04 0.91
N ARG E 143 -2.23 32.34 0.14
CA ARG E 143 -2.20 32.55 -1.29
C ARG E 143 -3.62 32.45 -1.79
N PRO E 144 -4.14 33.48 -2.44
CA PRO E 144 -5.48 33.39 -2.99
C PRO E 144 -5.46 32.45 -4.17
N MET E 145 -6.47 31.60 -4.31
CA MET E 145 -6.67 30.83 -5.52
C MET E 145 -6.62 31.77 -6.73
N PRO E 146 -5.63 31.58 -7.61
CA PRO E 146 -5.39 32.52 -8.72
C PRO E 146 -6.65 33.12 -9.30
N ASN E 147 -7.55 32.28 -9.77
CA ASN E 147 -8.82 32.70 -10.33
C ASN E 147 -9.98 32.06 -9.58
N LEU E 148 -10.86 32.88 -9.04
CA LEU E 148 -12.01 32.41 -8.25
C LEU E 148 -13.32 33.10 -8.69
N ALA E 149 -14.33 32.29 -9.01
CA ALA E 149 -15.60 32.79 -9.52
C ALA E 149 -16.69 31.74 -9.33
N SER E 150 -17.93 32.18 -9.13
CA SER E 150 -19.04 31.27 -9.00
C SER E 150 -20.00 31.48 -10.17
N TYR E 151 -20.67 30.42 -10.59
CA TYR E 151 -21.76 30.53 -11.56
C TYR E 151 -23.06 29.97 -11.03
N LYS E 152 -24.02 30.85 -10.74
CA LYS E 152 -25.32 30.46 -10.19
C LYS E 152 -25.14 29.44 -9.09
N GLY E 153 -24.23 29.70 -8.16
CA GLY E 153 -23.99 28.83 -7.02
C GLY E 153 -22.74 27.99 -7.08
N LEU E 154 -22.29 27.65 -8.28
CA LEU E 154 -21.19 26.71 -8.47
C LEU E 154 -19.82 27.37 -8.38
N ILE E 155 -19.11 27.17 -7.26
CA ILE E 155 -17.80 27.82 -7.06
C ILE E 155 -16.69 27.11 -7.80
N PHE E 156 -16.31 27.61 -8.96
CA PHE E 156 -15.23 27.03 -9.75
C PHE E 156 -13.92 27.72 -9.40
N GLY E 157 -12.80 27.03 -9.59
CA GLY E 157 -11.49 27.59 -9.33
C GLY E 157 -10.50 27.22 -10.40
N SER E 158 -9.53 28.11 -10.64
CA SER E 158 -8.49 27.89 -11.66
C SER E 158 -7.14 28.37 -11.18
N LEU E 159 -6.10 27.66 -11.57
CA LEU E 159 -4.74 27.90 -11.09
C LEU E 159 -4.00 28.89 -11.97
N ASP E 160 -4.58 29.19 -13.13
CA ASP E 160 -4.01 30.06 -14.17
C ASP E 160 -4.64 31.45 -14.06
N PRO E 161 -3.84 32.48 -13.75
CA PRO E 161 -4.37 33.83 -13.54
C PRO E 161 -4.69 34.55 -14.85
N HIS E 162 -4.13 34.06 -15.97
CA HIS E 162 -4.36 34.59 -17.31
C HIS E 162 -5.28 33.65 -18.10
N ALA E 163 -6.39 33.27 -17.49
CA ALA E 163 -7.34 32.39 -18.17
C ALA E 163 -8.68 33.06 -18.29
N ASP E 164 -9.47 32.58 -19.25
CA ASP E 164 -10.79 33.12 -19.55
C ASP E 164 -11.65 33.18 -18.33
N SER E 165 -12.44 34.22 -18.20
CA SER E 165 -13.39 34.34 -17.10
C SER E 165 -14.29 33.10 -17.10
N LEU E 166 -14.79 32.73 -15.92
CA LEU E 166 -15.58 31.51 -15.77
C LEU E 166 -16.82 31.54 -16.67
N GLU E 167 -17.45 32.70 -16.79
CA GLU E 167 -18.60 32.87 -17.66
C GLU E 167 -18.27 32.60 -19.13
N ASP E 168 -17.15 33.12 -19.61
CA ASP E 168 -16.72 32.87 -20.99
C ASP E 168 -16.33 31.41 -21.21
N TYR E 169 -15.79 30.79 -20.16
CA TYR E 169 -15.29 29.42 -20.22
C TYR E 169 -16.42 28.41 -20.32
N LEU E 170 -17.48 28.63 -19.54
CA LEU E 170 -18.70 27.85 -19.65
C LEU E 170 -19.37 28.12 -20.98
N GLY E 171 -19.37 29.39 -21.39
CA GLY E 171 -19.82 29.78 -22.71
C GLY E 171 -21.28 29.48 -22.96
N ASP E 172 -21.56 28.72 -24.01
CA ASP E 172 -22.92 28.44 -24.45
C ASP E 172 -23.57 27.37 -23.61
N LEU E 173 -22.79 26.73 -22.74
CA LEU E 173 -23.33 25.73 -21.81
C LEU E 173 -24.21 26.37 -20.76
N LYS E 174 -23.87 27.60 -20.36
CA LYS E 174 -24.65 28.37 -19.39
C LYS E 174 -26.14 28.21 -19.64
N PHE E 175 -26.53 28.03 -20.90
CA PHE E 175 -27.93 27.86 -21.30
C PHE E 175 -28.56 26.61 -20.70
N TYR E 176 -27.76 25.55 -20.63
CA TYR E 176 -28.19 24.25 -20.11
C TYR E 176 -27.97 24.07 -18.62
N LEU E 177 -26.92 24.68 -18.06
CA LEU E 177 -26.69 24.73 -16.63
C LEU E 177 -27.84 25.44 -15.93
N ASP E 178 -28.44 26.40 -16.63
CA ASP E 178 -29.55 27.20 -16.12
C ASP E 178 -30.80 26.37 -15.87
N ILE E 179 -31.11 25.47 -16.80
CA ILE E 179 -32.32 24.64 -16.70
C ILE E 179 -32.25 23.65 -15.54
N VAL E 180 -31.07 23.56 -14.94
CA VAL E 180 -30.75 22.64 -13.86
C VAL E 180 -30.54 23.42 -12.55
N LEU E 181 -29.95 24.62 -12.65
CA LEU E 181 -29.58 25.41 -11.46
C LEU E 181 -30.48 26.60 -11.16
N ASP E 182 -31.12 27.14 -12.17
CA ASP E 182 -31.85 28.41 -12.02
C ASP E 182 -33.37 28.25 -12.02
N ARG E 183 -33.86 27.09 -11.58
CA ARG E 183 -35.28 26.75 -11.68
C ARG E 183 -36.14 27.43 -10.63
N SER E 184 -35.58 27.75 -9.47
CA SER E 184 -36.34 28.36 -8.37
C SER E 184 -35.72 29.65 -7.78
N ASP E 185 -36.55 30.43 -7.09
CA ASP E 185 -36.11 31.71 -6.49
C ASP E 185 -35.03 31.54 -5.41
N ALA E 186 -35.24 30.62 -4.47
CA ALA E 186 -34.35 30.48 -3.32
C ALA E 186 -33.03 29.82 -3.64
N GLY E 187 -32.98 29.15 -4.79
CA GLY E 187 -31.80 28.44 -5.27
C GLY E 187 -31.77 26.96 -4.91
N LEU E 188 -30.76 26.27 -5.41
CA LEU E 188 -30.48 24.86 -5.09
C LEU E 188 -29.74 24.73 -3.76
N GLN E 189 -29.84 23.58 -3.11
CA GLN E 189 -29.02 23.35 -1.93
C GLN E 189 -28.34 21.99 -1.90
N VAL E 190 -27.09 21.96 -1.45
CA VAL E 190 -26.35 20.71 -1.24
C VAL E 190 -26.73 20.17 0.11
N VAL E 191 -27.28 18.97 0.13
CA VAL E 191 -27.82 18.35 1.34
C VAL E 191 -26.76 17.60 2.10
N GLY E 192 -26.42 18.08 3.30
CA GLY E 192 -25.50 17.36 4.16
C GLY E 192 -24.03 17.48 3.83
N ALA E 193 -23.56 16.67 2.89
CA ALA E 193 -22.15 16.59 2.51
C ALA E 193 -22.04 15.61 1.33
N PRO E 194 -20.99 15.70 0.53
CA PRO E 194 -20.84 14.76 -0.60
C PRO E 194 -20.46 13.36 -0.13
N GLN E 195 -20.81 12.31 -0.86
CA GLN E 195 -20.19 11.02 -0.61
C GLN E 195 -18.81 11.05 -1.23
N ARG E 196 -17.79 10.73 -0.45
CA ARG E 196 -16.44 10.72 -0.94
C ARG E 196 -15.91 9.30 -0.83
N TRP E 197 -15.52 8.72 -1.96
CA TRP E 197 -14.94 7.37 -2.00
C TRP E 197 -13.89 7.18 -3.10
N VAL E 198 -13.12 6.09 -3.01
CA VAL E 198 -12.02 5.84 -3.94
C VAL E 198 -12.25 4.68 -4.92
N ILE E 199 -12.41 5.00 -6.20
CA ILE E 199 -12.49 3.99 -7.25
C ILE E 199 -11.10 3.87 -7.82
N ASP E 200 -10.72 2.66 -8.24
CA ASP E 200 -9.43 2.46 -8.89
C ASP E 200 -9.56 2.51 -10.40
N ALA E 201 -9.85 3.70 -10.90
CA ALA E 201 -10.18 3.94 -12.28
C ALA E 201 -9.74 5.34 -12.66
N ASN E 202 -9.28 5.54 -13.90
CA ASN E 202 -8.82 6.85 -14.34
C ASN E 202 -10.03 7.76 -14.39
N TRP E 203 -9.87 9.03 -13.99
CA TRP E 203 -11.03 9.93 -13.91
C TRP E 203 -11.80 10.15 -15.22
N LYS E 204 -11.10 10.10 -16.34
CA LYS E 204 -11.68 10.45 -17.64
C LYS E 204 -12.77 9.50 -18.04
N LEU E 205 -12.80 8.33 -17.40
CA LEU E 205 -13.75 7.27 -17.74
C LEU E 205 -15.14 7.55 -17.19
N GLY E 206 -15.21 8.18 -16.04
CA GLY E 206 -16.48 8.60 -15.49
C GLY E 206 -16.94 9.83 -16.22
N ALA E 207 -16.00 10.75 -16.49
CA ALA E 207 -16.25 12.01 -17.20
C ALA E 207 -16.73 11.76 -18.62
N ASP E 208 -16.10 10.80 -19.28
CA ASP E 208 -16.53 10.25 -20.55
C ASP E 208 -17.94 9.67 -20.50
N ASN E 209 -18.26 8.97 -19.41
CA ASN E 209 -19.58 8.34 -19.24
C ASN E 209 -20.77 9.30 -19.21
N PHE E 210 -20.63 10.43 -18.53
CA PHE E 210 -21.73 11.36 -18.38
C PHE E 210 -21.94 12.29 -19.57
N VAL E 211 -20.88 12.58 -20.34
CA VAL E 211 -20.98 13.59 -21.44
C VAL E 211 -22.04 13.21 -22.44
N GLY E 212 -22.12 11.91 -22.76
CA GLY E 212 -23.14 11.43 -23.67
C GLY E 212 -23.26 9.93 -23.79
N ASP E 213 -23.14 9.21 -22.68
CA ASP E 213 -23.25 7.76 -22.71
C ASP E 213 -24.55 7.34 -22.06
N ALA E 214 -25.61 7.33 -22.88
CA ALA E 214 -26.90 6.77 -22.52
C ALA E 214 -27.00 5.39 -23.11
N TYR E 215 -26.24 5.16 -24.19
CA TYR E 215 -26.10 3.85 -24.82
C TYR E 215 -25.81 2.70 -23.86
N HIS E 216 -25.01 2.95 -22.82
CA HIS E 216 -24.60 1.92 -21.85
C HIS E 216 -25.69 1.46 -20.91
N THR E 217 -26.68 2.32 -20.69
CA THR E 217 -27.81 1.98 -19.82
C THR E 217 -28.31 0.56 -19.94
N MET E 218 -28.25 -0.02 -21.14
CA MET E 218 -28.94 -1.29 -21.40
C MET E 218 -28.18 -2.56 -21.05
N MET E 219 -26.86 -2.55 -21.22
CA MET E 219 -26.05 -3.71 -20.83
C MET E 219 -25.55 -3.63 -19.40
N THR E 220 -24.90 -2.52 -19.05
CA THR E 220 -24.33 -2.39 -17.71
C THR E 220 -25.41 -2.24 -16.66
N HIS E 221 -26.44 -1.43 -16.95
CA HIS E 221 -27.58 -1.28 -16.06
C HIS E 221 -28.78 -2.15 -16.44
N ARG E 222 -28.48 -3.30 -17.04
CA ARG E 222 -29.46 -4.34 -17.39
C ARG E 222 -30.16 -4.92 -16.17
N SER E 223 -29.42 -5.05 -15.07
CA SER E 223 -29.99 -5.47 -13.80
C SER E 223 -31.18 -4.61 -13.48
N MET E 224 -31.02 -3.29 -13.64
CA MET E 224 -32.03 -2.28 -13.33
C MET E 224 -33.14 -2.19 -14.36
N VAL E 225 -32.87 -2.67 -15.58
CA VAL E 225 -33.89 -2.73 -16.64
C VAL E 225 -34.89 -3.83 -16.33
N GLU E 226 -34.39 -4.90 -15.73
CA GLU E 226 -35.18 -6.06 -15.31
C GLU E 226 -36.06 -5.77 -14.11
N LEU E 227 -35.63 -4.87 -13.25
CA LEU E 227 -36.39 -4.52 -12.05
C LEU E 227 -37.41 -3.39 -12.29
N GLY E 228 -37.36 -2.78 -13.47
CA GLY E 228 -38.23 -1.67 -13.81
C GLY E 228 -37.76 -0.33 -13.28
N LEU E 229 -36.46 -0.19 -13.05
CA LEU E 229 -35.89 1.06 -12.58
C LEU E 229 -35.19 1.81 -13.72
N ALA E 230 -34.92 1.09 -14.80
CA ALA E 230 -34.36 1.68 -16.02
C ALA E 230 -35.34 1.48 -17.18
N PRO E 231 -35.31 2.40 -18.16
CA PRO E 231 -36.19 2.31 -19.33
C PRO E 231 -36.05 0.96 -20.07
N PRO E 232 -37.15 0.22 -20.20
CA PRO E 232 -37.15 -1.12 -20.82
C PRO E 232 -37.04 -1.13 -22.34
N ASP E 233 -37.33 0.00 -22.98
CA ASP E 233 -37.30 0.10 -24.44
C ASP E 233 -35.87 0.31 -24.94
N PRO E 234 -35.38 -0.61 -25.76
CA PRO E 234 -34.00 -0.57 -26.27
C PRO E 234 -33.64 0.68 -27.09
N GLN E 235 -34.63 1.48 -27.41
CA GLN E 235 -34.39 2.69 -28.18
C GLN E 235 -34.92 3.91 -27.43
N PHE E 236 -34.74 3.88 -26.11
CA PHE E 236 -35.24 4.94 -25.24
C PHE E 236 -34.45 6.24 -25.39
N ALA E 237 -33.20 6.13 -25.82
CA ALA E 237 -32.30 7.27 -25.95
C ALA E 237 -32.53 7.97 -27.26
N LEU E 238 -33.17 7.27 -28.19
CA LEU E 238 -33.53 7.83 -29.50
C LEU E 238 -34.47 9.02 -29.38
N TYR E 239 -35.26 9.03 -28.31
CA TYR E 239 -36.07 10.18 -27.94
C TYR E 239 -35.22 11.01 -27.01
N GLY E 240 -34.25 11.72 -27.58
CA GLY E 240 -33.35 12.55 -26.82
C GLY E 240 -32.56 13.48 -27.72
N GLU E 241 -31.54 14.14 -27.17
CA GLU E 241 -30.80 15.16 -27.89
C GLU E 241 -29.35 15.14 -27.43
N HIS E 242 -28.43 15.39 -28.36
CA HIS E 242 -27.01 15.27 -28.11
C HIS E 242 -26.25 16.59 -28.30
N ILE E 243 -26.28 17.45 -27.28
CA ILE E 243 -25.70 18.78 -27.34
C ILE E 243 -24.27 18.85 -26.82
N HIS E 244 -23.43 19.66 -27.46
CA HIS E 244 -22.14 20.05 -26.89
C HIS E 244 -21.68 21.44 -27.26
N THR E 245 -20.73 21.94 -26.47
CA THR E 245 -20.20 23.27 -26.58
C THR E 245 -18.73 23.18 -26.95
N GLY E 246 -18.06 24.31 -26.98
CA GLY E 246 -16.62 24.35 -27.08
C GLY E 246 -16.13 24.17 -25.67
N HIS E 247 -14.81 24.11 -25.49
CA HIS E 247 -14.20 23.90 -24.19
C HIS E 247 -14.52 22.53 -23.63
N GLY E 248 -14.85 21.59 -24.51
CA GLY E 248 -15.01 20.20 -24.15
C GLY E 248 -16.32 19.81 -23.48
N HIS E 249 -17.12 20.78 -23.09
CA HIS E 249 -18.39 20.49 -22.42
C HIS E 249 -19.33 19.70 -23.30
N GLY E 250 -20.51 19.38 -22.78
CA GLY E 250 -21.48 18.61 -23.52
C GLY E 250 -22.43 17.90 -22.58
N LEU E 251 -23.63 17.63 -23.06
CA LEU E 251 -24.69 17.01 -22.26
C LEU E 251 -25.55 16.11 -23.10
N GLY E 252 -26.64 15.60 -22.53
CA GLY E 252 -27.54 14.74 -23.27
C GLY E 252 -28.89 14.74 -22.60
N ILE E 253 -29.94 14.99 -23.36
CA ILE E 253 -31.28 15.11 -22.79
C ILE E 253 -32.10 13.96 -23.34
N ILE E 254 -32.80 13.25 -22.47
CA ILE E 254 -33.72 12.20 -22.90
C ILE E 254 -35.09 12.45 -22.29
N GLY E 255 -36.13 12.34 -23.11
CA GLY E 255 -37.50 12.42 -22.64
C GLY E 255 -38.19 11.11 -22.96
N PRO E 256 -39.48 11.00 -22.66
CA PRO E 256 -40.23 9.75 -22.86
C PRO E 256 -40.79 9.62 -24.28
N PRO E 257 -41.15 8.39 -24.67
CA PRO E 257 -41.75 8.15 -25.99
C PRO E 257 -43.04 8.96 -26.20
N PRO E 258 -43.43 9.21 -27.45
CA PRO E 258 -44.61 10.03 -27.76
C PRO E 258 -45.88 9.59 -27.02
N GLY E 259 -46.11 8.28 -26.96
CA GLY E 259 -47.26 7.75 -26.25
C GLY E 259 -47.13 7.90 -24.75
N MET E 260 -46.15 7.20 -24.18
CA MET E 260 -45.88 7.23 -22.74
C MET E 260 -46.02 8.62 -22.13
N PRO E 261 -46.98 8.77 -21.22
CA PRO E 261 -47.21 10.04 -20.53
C PRO E 261 -46.47 10.15 -19.18
N LEU E 262 -45.57 11.13 -19.09
CA LEU E 262 -44.92 11.44 -17.84
C LEU E 262 -45.19 12.89 -17.51
N PRO E 263 -45.41 13.22 -16.23
CA PRO E 263 -45.74 14.58 -15.83
C PRO E 263 -44.84 15.58 -16.51
N GLU E 264 -45.37 16.77 -16.80
CA GLU E 264 -44.60 17.84 -17.41
C GLU E 264 -43.57 18.26 -16.40
N PHE E 265 -42.36 18.55 -16.88
CA PHE E 265 -41.18 18.74 -16.03
C PHE E 265 -41.01 17.45 -15.25
N MET E 266 -39.89 17.25 -14.57
CA MET E 266 -39.62 15.93 -14.01
C MET E 266 -40.57 15.51 -12.89
N GLY E 267 -41.72 16.17 -12.81
CA GLY E 267 -42.70 15.94 -11.77
C GLY E 267 -42.39 16.78 -10.56
N LEU E 268 -41.59 17.82 -10.78
CA LEU E 268 -41.14 18.73 -9.73
C LEU E 268 -42.33 19.42 -9.10
N PRO E 269 -42.22 19.76 -7.82
CA PRO E 269 -43.36 20.25 -7.06
C PRO E 269 -44.05 21.42 -7.75
N GLU E 270 -45.39 21.39 -7.69
CA GLU E 270 -46.26 22.44 -8.23
C GLU E 270 -45.70 23.85 -8.03
N ASN E 271 -45.15 24.10 -6.84
CA ASN E 271 -44.64 25.41 -6.46
C ASN E 271 -43.31 25.84 -7.08
N ILE E 272 -42.58 24.90 -7.68
CA ILE E 272 -41.30 25.25 -8.31
C ILE E 272 -41.35 25.24 -9.84
N VAL E 273 -42.34 24.57 -10.43
CA VAL E 273 -42.59 24.67 -11.88
C VAL E 273 -43.26 26.00 -12.24
N GLU E 274 -43.96 26.58 -11.25
CA GLU E 274 -44.49 27.93 -11.34
C GLU E 274 -43.38 28.96 -11.37
N GLU E 275 -42.33 28.72 -10.59
CA GLU E 275 -41.18 29.59 -10.51
C GLU E 275 -40.22 29.37 -11.67
N LEU E 276 -40.20 28.15 -12.23
CA LEU E 276 -39.29 27.82 -13.33
C LEU E 276 -39.81 28.26 -14.69
N GLU E 277 -41.13 28.40 -14.81
CA GLU E 277 -41.76 28.92 -16.02
C GLU E 277 -41.41 30.40 -16.30
N ARG E 278 -41.26 31.18 -15.23
CA ARG E 278 -40.90 32.59 -15.34
C ARG E 278 -39.39 32.89 -15.21
N ARG E 279 -38.64 31.97 -14.59
CA ARG E 279 -37.22 32.19 -14.34
C ARG E 279 -36.36 31.87 -15.56
N LEU E 280 -36.86 30.97 -16.39
CA LEU E 280 -36.11 30.50 -17.54
C LEU E 280 -36.70 30.98 -18.85
N THR E 281 -35.80 31.23 -19.80
CA THR E 281 -36.11 31.58 -21.18
C THR E 281 -37.29 30.76 -21.67
N PRO E 282 -38.24 31.38 -22.38
CA PRO E 282 -39.41 30.64 -22.87
C PRO E 282 -39.01 29.40 -23.65
N GLU E 283 -37.82 29.42 -24.26
CA GLU E 283 -37.33 28.26 -25.02
C GLU E 283 -36.83 27.17 -24.08
N GLN E 284 -36.05 27.57 -23.07
CA GLN E 284 -35.51 26.67 -22.05
C GLN E 284 -36.58 25.85 -21.39
N VAL E 285 -37.75 26.45 -21.15
CA VAL E 285 -38.85 25.75 -20.48
C VAL E 285 -39.41 24.65 -21.37
N GLU E 286 -39.41 24.88 -22.67
CA GLU E 286 -39.94 23.91 -23.64
C GLU E 286 -39.00 22.75 -23.87
N ILE E 287 -37.70 22.97 -23.67
CA ILE E 287 -36.71 21.89 -23.70
C ILE E 287 -36.85 21.04 -22.46
N PHE E 288 -37.17 21.68 -21.33
CA PHE E 288 -37.31 21.00 -20.04
C PHE E 288 -38.70 20.41 -19.78
N ARG E 289 -39.70 20.75 -20.58
CA ARG E 289 -41.07 20.27 -20.37
C ARG E 289 -41.19 18.75 -20.47
N PRO E 290 -40.64 18.14 -21.53
CA PRO E 290 -40.72 16.68 -21.69
C PRO E 290 -39.60 15.88 -21.02
N THR E 291 -38.43 16.47 -20.80
CA THR E 291 -37.23 15.77 -20.36
C THR E 291 -37.42 14.88 -19.14
N ALA E 292 -36.68 13.77 -19.11
CA ALA E 292 -36.69 12.79 -18.02
C ALA E 292 -35.30 12.44 -17.50
N PHE E 293 -34.27 12.60 -18.34
CA PHE E 293 -32.87 12.42 -17.93
C PHE E 293 -32.01 13.48 -18.58
N ILE E 294 -31.21 14.20 -17.81
CA ILE E 294 -30.22 15.12 -18.34
C ILE E 294 -28.89 14.69 -17.76
N HIS E 295 -27.94 14.35 -18.61
CA HIS E 295 -26.61 13.89 -18.17
C HIS E 295 -25.52 14.62 -18.93
N GLY E 296 -24.56 15.23 -18.24
CA GLY E 296 -23.51 15.95 -18.92
C GLY E 296 -22.26 16.10 -18.09
N THR E 297 -21.20 16.62 -18.69
CA THR E 297 -20.06 17.09 -17.91
C THR E 297 -19.64 18.51 -18.28
N VAL E 298 -19.24 19.27 -17.27
CA VAL E 298 -18.72 20.60 -17.43
C VAL E 298 -17.25 20.39 -17.47
N PHE E 299 -16.72 20.26 -18.66
CA PHE E 299 -15.37 19.76 -18.91
C PHE E 299 -14.74 19.05 -17.72
N PRO E 300 -13.70 19.60 -17.09
CA PRO E 300 -12.62 18.71 -16.65
C PRO E 300 -13.27 17.47 -16.04
N ASN E 301 -13.73 17.59 -14.81
CA ASN E 301 -14.20 16.43 -14.07
C ASN E 301 -15.48 16.62 -13.26
N LEU E 302 -16.33 17.58 -13.63
CA LEU E 302 -17.58 17.75 -12.92
C LEU E 302 -18.67 17.22 -13.80
N SER E 303 -19.56 16.41 -13.25
CA SER E 303 -20.65 15.82 -14.01
C SER E 303 -21.98 16.09 -13.34
N ILE E 304 -22.98 16.42 -14.15
CA ILE E 304 -24.32 16.66 -13.67
C ILE E 304 -25.25 15.48 -14.00
N GLY E 305 -26.13 15.15 -13.08
CA GLY E 305 -27.15 14.15 -13.35
C GLY E 305 -28.51 14.58 -12.85
N ASN E 306 -29.44 14.83 -13.76
CA ASN E 306 -30.81 15.15 -13.40
C ASN E 306 -31.68 14.03 -13.91
N PHE E 307 -31.91 13.00 -13.08
CA PHE E 307 -32.55 11.77 -13.54
C PHE E 307 -33.88 11.57 -12.84
N LEU E 308 -34.89 11.16 -13.61
CA LEU E 308 -36.19 10.75 -13.09
C LEU E 308 -36.17 9.24 -12.88
N MET E 309 -36.11 8.80 -11.63
CA MET E 309 -35.84 7.41 -11.31
C MET E 309 -36.50 7.00 -10.01
N GLY E 310 -36.69 5.69 -9.80
CA GLY E 310 -37.35 5.18 -8.61
C GLY E 310 -36.44 4.81 -7.46
N LYS E 311 -36.96 4.96 -6.24
CA LYS E 311 -36.18 4.68 -5.03
C LYS E 311 -36.08 3.21 -4.70
N ASP E 312 -36.91 2.41 -5.36
CA ASP E 312 -36.94 0.96 -5.24
C ASP E 312 -37.85 0.39 -6.33
N HIS E 313 -38.00 -0.93 -6.35
CA HIS E 313 -38.69 -1.62 -7.45
C HIS E 313 -40.20 -1.47 -7.41
N LEU E 314 -40.72 -0.86 -6.33
CA LEU E 314 -42.16 -0.72 -6.09
C LEU E 314 -42.63 0.73 -6.04
N SER E 315 -41.73 1.68 -6.23
CA SER E 315 -42.09 3.08 -6.14
C SER E 315 -42.03 3.75 -7.49
N ALA E 316 -42.93 4.72 -7.69
CA ALA E 316 -42.97 5.56 -8.88
C ALA E 316 -41.75 6.46 -8.85
N PRO E 317 -41.23 6.78 -10.02
CA PRO E 317 -40.04 7.64 -10.12
C PRO E 317 -40.23 9.05 -9.58
N THR E 318 -39.19 9.57 -8.91
CA THR E 318 -39.10 10.97 -8.56
C THR E 318 -37.72 11.54 -8.92
N ALA E 319 -37.67 12.81 -9.31
CA ALA E 319 -36.48 13.48 -9.83
C ALA E 319 -35.41 13.75 -8.79
N PHE E 320 -34.15 13.69 -9.20
CA PHE E 320 -33.03 14.09 -8.35
C PHE E 320 -31.91 14.78 -9.14
N LEU E 321 -31.29 15.77 -8.53
CA LEU E 321 -30.11 16.41 -9.07
C LEU E 321 -28.89 15.87 -8.36
N THR E 322 -27.81 15.70 -9.08
CA THR E 322 -26.52 15.33 -8.50
C THR E 322 -25.37 15.98 -9.27
N LEU E 323 -24.45 16.62 -8.53
CA LEU E 323 -23.19 17.08 -9.09
C LEU E 323 -22.14 16.18 -8.53
N ARG E 324 -21.15 15.80 -9.32
CA ARG E 324 -20.11 14.92 -8.82
C ARG E 324 -18.74 15.27 -9.36
N LEU E 325 -17.72 15.13 -8.55
CA LEU E 325 -16.36 15.38 -9.00
C LEU E 325 -15.66 14.06 -9.22
N TRP E 326 -15.04 13.90 -10.37
CA TRP E 326 -14.14 12.77 -10.59
C TRP E 326 -12.73 13.24 -10.27
N HIS E 327 -12.38 13.27 -8.97
CA HIS E 327 -11.11 13.83 -8.54
C HIS E 327 -9.96 12.88 -8.89
N PRO E 328 -8.94 13.38 -9.60
CA PRO E 328 -7.83 12.55 -10.05
C PRO E 328 -6.81 12.35 -8.96
N LEU E 329 -6.61 11.12 -8.54
CA LEU E 329 -5.64 10.79 -7.50
C LEU E 329 -4.33 10.25 -8.08
N GLY E 330 -4.43 9.58 -9.20
CA GLY E 330 -3.28 9.06 -9.91
C GLY E 330 -3.73 8.61 -11.30
N PRO E 331 -2.84 7.95 -12.05
CA PRO E 331 -3.17 7.43 -13.37
C PRO E 331 -4.35 6.44 -13.36
N ASP E 332 -4.43 5.65 -12.30
CA ASP E 332 -5.37 4.56 -12.20
C ASP E 332 -6.16 4.65 -10.91
N LYS E 333 -6.51 5.87 -10.52
CA LYS E 333 -7.21 6.10 -9.26
C LYS E 333 -7.95 7.39 -9.40
N MET E 334 -9.17 7.43 -8.87
CA MET E 334 -9.91 8.68 -8.67
C MET E 334 -10.63 8.65 -7.35
N GLU E 335 -11.11 9.80 -6.91
CA GLU E 335 -11.95 9.89 -5.74
C GLU E 335 -13.29 10.52 -6.14
N VAL E 336 -14.36 9.77 -6.08
CA VAL E 336 -15.64 10.38 -6.43
C VAL E 336 -16.12 11.24 -5.28
N MET E 337 -16.52 12.46 -5.58
CA MET E 337 -17.15 13.31 -4.59
C MET E 337 -18.54 13.62 -5.13
N SER E 338 -19.52 12.79 -4.79
CA SER E 338 -20.86 12.91 -5.37
C SER E 338 -21.85 13.69 -4.53
N PHE E 339 -22.27 14.85 -5.03
CA PHE E 339 -23.15 15.75 -4.28
C PHE E 339 -24.60 15.50 -4.65
N PHE E 340 -25.51 15.82 -3.73
CA PHE E 340 -26.93 15.77 -4.03
C PHE E 340 -27.58 17.09 -3.72
N LEU E 341 -28.17 17.70 -4.73
CA LEU E 341 -28.79 19.02 -4.60
C LEU E 341 -30.30 18.98 -4.78
N VAL E 342 -30.99 19.78 -3.98
CA VAL E 342 -32.44 19.90 -4.07
C VAL E 342 -32.83 21.38 -3.92
N GLU E 343 -33.90 21.81 -4.57
CA GLU E 343 -34.44 23.15 -4.43
C GLU E 343 -34.83 23.44 -3.00
N LYS E 344 -34.41 24.59 -2.48
CA LYS E 344 -34.60 24.94 -1.08
C LYS E 344 -36.08 24.95 -0.70
N ASP E 345 -36.90 25.56 -1.54
CA ASP E 345 -38.32 25.77 -1.26
C ASP E 345 -39.21 24.59 -1.65
N ALA E 346 -38.59 23.50 -2.12
CA ALA E 346 -39.31 22.25 -2.41
C ALA E 346 -39.85 21.66 -1.11
N PRO E 347 -41.00 21.00 -1.16
CA PRO E 347 -41.61 20.45 0.06
C PRO E 347 -40.69 19.42 0.69
N ASP E 348 -40.79 19.22 1.99
CA ASP E 348 -39.99 18.23 2.68
C ASP E 348 -40.24 16.83 2.13
N TRP E 349 -41.49 16.52 1.78
CA TRP E 349 -41.81 15.22 1.23
C TRP E 349 -41.01 14.95 -0.03
N PHE E 350 -40.91 15.95 -0.92
CA PHE E 350 -40.18 15.81 -2.16
C PHE E 350 -38.69 15.82 -1.91
N LYS E 351 -38.25 16.57 -0.90
CA LYS E 351 -36.84 16.61 -0.56
C LYS E 351 -36.38 15.23 -0.11
N ASP E 352 -37.23 14.55 0.64
CA ASP E 352 -36.94 13.23 1.17
C ASP E 352 -37.07 12.17 0.10
N GLU E 353 -38.11 12.28 -0.73
CA GLU E 353 -38.32 11.33 -1.82
C GLU E 353 -37.25 11.42 -2.90
N SER E 354 -36.83 12.64 -3.23
CA SER E 354 -35.80 12.87 -4.24
C SER E 354 -34.44 12.30 -3.81
N TYR E 355 -34.17 12.37 -2.51
CA TYR E 355 -32.91 11.92 -1.92
C TYR E 355 -32.79 10.41 -1.97
N LYS E 356 -33.91 9.72 -1.76
CA LYS E 356 -33.97 8.25 -1.80
C LYS E 356 -33.92 7.70 -3.22
N SER E 357 -34.41 8.45 -4.20
CA SER E 357 -34.17 8.08 -5.60
C SER E 357 -32.70 8.19 -5.98
N TYR E 358 -31.98 9.16 -5.43
CA TYR E 358 -30.54 9.33 -5.70
C TYR E 358 -29.78 8.19 -5.07
N LEU E 359 -29.94 8.04 -3.76
CA LEU E 359 -29.23 7.05 -2.97
C LEU E 359 -29.30 5.66 -3.55
N ARG E 360 -30.50 5.19 -3.86
CA ARG E 360 -30.71 3.80 -4.22
C ARG E 360 -30.29 3.49 -5.65
N THR E 361 -30.10 4.54 -6.44
CA THR E 361 -29.65 4.37 -7.82
C THR E 361 -28.20 4.84 -8.02
N PHE E 362 -27.88 6.07 -7.64
CA PHE E 362 -26.53 6.59 -7.84
C PHE E 362 -25.77 6.72 -6.53
N GLY E 363 -24.53 7.15 -6.58
CA GLY E 363 -23.72 7.22 -5.38
C GLY E 363 -22.97 5.94 -5.07
N ILE E 364 -22.42 5.88 -3.86
CA ILE E 364 -21.53 4.79 -3.47
C ILE E 364 -22.19 3.41 -3.56
N SER E 365 -23.40 3.30 -3.04
CA SER E 365 -24.14 2.05 -2.90
C SER E 365 -25.32 1.94 -3.87
N GLY E 366 -25.34 2.74 -4.91
CA GLY E 366 -26.45 2.72 -5.84
C GLY E 366 -26.51 1.43 -6.62
N GLY E 367 -27.66 1.14 -7.23
CA GLY E 367 -27.81 -0.05 -8.05
C GLY E 367 -27.29 0.23 -9.45
N PHE E 368 -27.29 1.50 -9.81
CA PHE E 368 -26.77 1.94 -11.09
C PHE E 368 -25.27 2.19 -10.99
N GLU E 369 -24.87 3.16 -10.17
CA GLU E 369 -23.49 3.58 -10.14
C GLU E 369 -22.48 2.53 -9.69
N GLN E 370 -22.89 1.55 -8.89
CA GLN E 370 -21.95 0.53 -8.41
C GLN E 370 -21.41 -0.36 -9.54
N ASP E 371 -22.22 -0.53 -10.59
CA ASP E 371 -21.82 -1.26 -11.79
C ASP E 371 -20.99 -0.36 -12.70
N ASP E 372 -21.21 0.95 -12.62
CA ASP E 372 -20.46 1.89 -13.41
C ASP E 372 -19.04 1.86 -12.89
N ALA E 373 -18.89 1.88 -11.56
CA ALA E 373 -17.58 1.88 -10.93
C ALA E 373 -16.77 0.61 -11.18
N GLU E 374 -17.47 -0.49 -11.48
CA GLU E 374 -16.83 -1.78 -11.74
C GLU E 374 -16.29 -1.86 -13.16
N ASN E 375 -16.99 -1.20 -14.08
CA ASN E 375 -16.61 -1.15 -15.47
C ASN E 375 -15.42 -0.20 -15.68
N TRP E 376 -15.49 0.98 -15.08
CA TRP E 376 -14.40 1.93 -15.15
C TRP E 376 -13.12 1.36 -14.56
N ARG E 377 -13.23 0.64 -13.45
CA ARG E 377 -12.05 0.13 -12.72
C ARG E 377 -11.37 -1.03 -13.44
N SER E 378 -12.10 -1.64 -14.35
CA SER E 378 -11.61 -2.78 -15.12
C SER E 378 -11.05 -2.33 -16.47
N ILE E 379 -11.60 -1.25 -17.05
CA ILE E 379 -11.02 -0.65 -18.24
C ILE E 379 -9.62 -0.21 -17.89
N THR E 380 -9.49 0.59 -16.84
CA THR E 380 -8.21 1.09 -16.32
C THR E 380 -7.16 0.00 -16.09
N ARG E 381 -7.58 -1.15 -15.57
CA ARG E 381 -6.67 -2.25 -15.28
C ARG E 381 -5.96 -2.69 -16.56
N VAL E 382 -6.76 -3.09 -17.53
CA VAL E 382 -6.26 -3.68 -18.78
C VAL E 382 -5.61 -2.63 -19.69
N MET E 383 -6.06 -1.38 -19.59
CA MET E 383 -5.52 -0.27 -20.38
C MET E 383 -4.21 0.22 -19.81
N GLY E 384 -3.57 -0.63 -19.00
CA GLY E 384 -2.33 -0.25 -18.35
C GLY E 384 -1.12 -1.07 -18.77
N GLY E 385 -1.28 -1.85 -19.83
CA GLY E 385 -0.20 -2.61 -20.41
C GLY E 385 0.19 -1.98 -21.72
N GLN E 386 1.39 -2.30 -22.20
CA GLN E 386 1.93 -1.67 -23.40
C GLN E 386 1.24 -2.06 -24.70
N PHE E 387 0.84 -3.32 -24.85
CA PHE E 387 0.19 -3.74 -26.09
C PHE E 387 -1.20 -3.14 -26.22
N ALA E 388 -1.83 -2.86 -25.08
CA ALA E 388 -3.16 -2.29 -25.04
C ALA E 388 -3.13 -0.81 -25.34
N LYS E 389 -2.10 -0.11 -24.85
CA LYS E 389 -1.96 1.34 -25.02
C LYS E 389 -1.62 1.69 -26.47
N THR E 390 -1.31 0.65 -27.23
CA THR E 390 -1.03 0.70 -28.65
C THR E 390 -2.33 0.88 -29.44
N GLY E 391 -3.39 0.19 -29.01
CA GLY E 391 -4.68 0.21 -29.68
C GLY E 391 -5.39 1.54 -29.64
N GLU E 392 -6.71 1.51 -29.78
CA GLU E 392 -7.54 2.72 -29.84
C GLU E 392 -8.97 2.53 -29.34
N LEU E 393 -9.53 3.59 -28.76
CA LEU E 393 -10.92 3.59 -28.30
C LEU E 393 -11.81 3.94 -29.46
N ASN E 394 -12.91 3.22 -29.61
CA ASN E 394 -13.79 3.42 -30.74
C ASN E 394 -14.93 4.39 -30.42
N TYR E 395 -15.00 5.49 -31.16
CA TYR E 395 -16.05 6.48 -30.97
C TYR E 395 -16.80 6.74 -32.27
N GLN E 396 -17.23 5.66 -32.92
CA GLN E 396 -17.71 5.73 -34.30
C GLN E 396 -19.21 5.72 -34.42
N MET E 397 -19.93 6.01 -33.34
CA MET E 397 -21.38 5.89 -33.34
C MET E 397 -22.02 7.04 -34.08
N GLY E 398 -22.66 6.74 -35.20
CA GLY E 398 -23.29 7.74 -36.02
C GLY E 398 -22.49 8.15 -37.25
N ARG E 399 -21.28 7.61 -37.42
CA ARG E 399 -20.46 7.95 -38.58
C ARG E 399 -21.26 7.77 -39.88
N GLY E 400 -21.44 8.89 -40.59
CA GLY E 400 -22.26 8.92 -41.78
C GLY E 400 -23.74 8.81 -41.50
N VAL E 401 -24.19 9.47 -40.43
CA VAL E 401 -25.62 9.58 -40.09
C VAL E 401 -25.89 10.83 -39.26
N LEU E 402 -24.88 11.31 -38.53
CA LEU E 402 -25.08 12.45 -37.65
C LEU E 402 -25.31 13.74 -38.43
N GLU E 403 -26.57 14.18 -38.47
CA GLU E 403 -26.95 15.44 -39.07
C GLU E 403 -27.41 16.40 -37.96
N PRO E 404 -26.71 17.52 -37.77
CA PRO E 404 -27.12 18.53 -36.78
C PRO E 404 -28.58 18.92 -36.89
N ASP E 405 -29.24 19.09 -35.75
CA ASP E 405 -30.67 19.42 -35.69
C ASP E 405 -31.01 20.85 -36.14
N PRO E 406 -31.73 20.99 -37.25
CA PRO E 406 -32.20 22.31 -37.72
C PRO E 406 -33.30 22.87 -36.82
N ASN E 407 -34.02 21.98 -36.14
CA ASN E 407 -35.18 22.34 -35.32
C ASN E 407 -34.87 22.59 -33.85
N TRP E 408 -33.59 22.43 -33.48
CA TRP E 408 -33.19 22.61 -32.08
C TRP E 408 -33.16 24.08 -31.76
N THR E 409 -33.62 24.38 -30.54
CA THR E 409 -33.95 25.74 -30.12
C THR E 409 -33.00 26.24 -29.06
N GLY E 410 -31.85 25.58 -28.91
CA GLY E 410 -30.82 25.94 -27.94
C GLY E 410 -29.44 25.95 -28.58
N PRO E 411 -28.45 26.58 -27.92
CA PRO E 411 -27.13 26.79 -28.53
C PRO E 411 -26.29 25.53 -28.56
N GLY E 412 -25.19 25.57 -29.30
CA GLY E 412 -24.25 24.46 -29.35
C GLY E 412 -24.63 23.50 -30.45
N GLU E 413 -23.81 22.48 -30.65
CA GLU E 413 -24.02 21.56 -31.76
C GLU E 413 -24.89 20.42 -31.29
N ALA E 414 -26.15 20.39 -31.74
CA ALA E 414 -27.08 19.38 -31.26
C ALA E 414 -27.35 18.33 -32.31
N TYR E 415 -27.68 17.13 -31.86
CA TYR E 415 -28.10 16.03 -32.75
C TYR E 415 -29.44 15.50 -32.24
N PRO E 416 -30.29 14.98 -33.11
CA PRO E 416 -31.69 14.70 -32.75
C PRO E 416 -31.95 13.29 -32.21
N LEU E 417 -31.05 12.80 -31.37
CA LEU E 417 -31.11 11.50 -30.72
C LEU E 417 -30.03 11.45 -29.63
N ASP E 418 -30.09 10.52 -28.69
CA ASP E 418 -29.04 10.41 -27.67
C ASP E 418 -28.08 9.24 -27.84
N TYR E 419 -28.28 8.43 -28.88
CA TYR E 419 -27.33 7.40 -29.21
C TYR E 419 -26.26 7.99 -30.14
N ALA E 420 -25.30 8.69 -29.55
CA ALA E 420 -24.22 9.31 -30.30
C ALA E 420 -23.00 9.42 -29.40
N GLU E 421 -21.83 9.66 -30.00
CA GLU E 421 -20.61 9.78 -29.23
C GLU E 421 -19.82 11.01 -29.68
N ALA E 422 -20.53 12.01 -30.16
CA ALA E 422 -19.93 13.22 -30.67
C ALA E 422 -19.60 14.14 -29.53
N ASN E 423 -20.30 13.93 -28.41
CA ASN E 423 -20.05 14.62 -27.14
C ASN E 423 -18.74 14.18 -26.54
N GLN E 424 -18.49 12.87 -26.55
CA GLN E 424 -17.31 12.25 -25.98
C GLN E 424 -16.06 12.53 -26.80
N ARG E 425 -16.23 12.64 -28.12
CA ARG E 425 -15.13 12.95 -29.02
C ARG E 425 -14.72 14.41 -28.86
N ASN E 426 -15.69 15.29 -28.78
CA ASN E 426 -15.40 16.70 -28.51
C ASN E 426 -14.72 16.92 -27.16
N PHE E 427 -15.16 16.17 -26.15
CA PHE E 427 -14.58 16.21 -24.82
C PHE E 427 -13.11 15.85 -24.88
N LEU E 428 -12.79 14.82 -25.66
CA LEU E 428 -11.39 14.37 -25.75
C LEU E 428 -10.56 15.27 -26.65
N GLU E 429 -11.19 15.84 -27.68
CA GLU E 429 -10.54 16.83 -28.53
C GLU E 429 -10.02 18.02 -27.73
N TYR E 430 -10.88 18.64 -26.93
CA TYR E 430 -10.43 19.75 -26.07
C TYR E 430 -9.39 19.25 -25.11
N TRP E 431 -9.54 18.01 -24.68
CA TRP E 431 -8.59 17.42 -23.75
C TRP E 431 -7.23 17.45 -24.40
N MET E 432 -7.18 16.98 -25.65
CA MET E 432 -5.94 16.88 -26.42
C MET E 432 -5.38 18.25 -26.82
N GLN E 433 -6.25 19.19 -27.16
CA GLN E 433 -5.82 20.54 -27.50
C GLN E 433 -5.07 21.18 -26.35
N LEU E 434 -5.64 21.14 -25.15
CA LEU E 434 -5.01 21.62 -23.93
C LEU E 434 -3.70 20.88 -23.62
N MET E 435 -3.63 19.60 -23.99
CA MET E 435 -2.48 18.77 -23.69
C MET E 435 -1.24 19.22 -24.44
N LEU E 436 -1.43 19.56 -25.71
CA LEU E 436 -0.32 19.90 -26.61
C LEU E 436 0.11 21.35 -26.47
N ALA E 437 -0.84 22.20 -26.10
CA ALA E 437 -0.61 23.64 -25.93
C ALA E 437 0.69 23.96 -25.20
N GLU E 438 1.73 24.29 -25.98
CA GLU E 438 3.02 24.75 -25.43
C GLU E 438 2.84 26.07 -24.71
N SER E 439 2.07 26.96 -25.34
CA SER E 439 1.60 28.17 -24.67
C SER E 439 0.09 28.02 -24.44
N PRO E 440 -0.36 28.18 -23.19
CA PRO E 440 -1.77 28.02 -22.80
C PRO E 440 -2.80 28.31 -23.90
N SER F 8 -27.88 -10.03 30.98
CA SER F 8 -28.68 -10.81 30.00
C SER F 8 -28.39 -12.33 30.07
N ASP F 9 -27.16 -12.71 29.73
CA ASP F 9 -26.69 -14.11 29.57
C ASP F 9 -27.60 -15.03 28.77
N THR F 10 -26.99 -15.95 28.03
CA THR F 10 -27.72 -16.92 27.19
C THR F 10 -28.50 -16.27 26.05
N THR F 11 -28.91 -15.01 26.28
CA THR F 11 -29.40 -14.12 25.24
C THR F 11 -28.18 -13.53 24.56
N VAL F 12 -27.10 -13.36 25.33
CA VAL F 12 -25.80 -13.04 24.76
C VAL F 12 -25.35 -14.18 23.84
N ARG F 13 -25.28 -15.40 24.36
CA ARG F 13 -24.88 -16.56 23.58
C ARG F 13 -25.70 -16.72 22.31
N GLU F 14 -26.92 -16.17 22.30
CA GLU F 14 -27.87 -16.37 21.20
C GLU F 14 -27.83 -15.26 20.17
N ILE F 15 -27.63 -14.03 20.65
CA ILE F 15 -27.45 -12.87 19.77
C ILE F 15 -26.05 -12.88 19.14
N THR F 16 -25.05 -13.29 19.90
CA THR F 16 -23.69 -13.44 19.40
C THR F 16 -23.61 -14.45 18.26
N GLU F 17 -24.27 -15.59 18.41
CA GLU F 17 -24.25 -16.65 17.40
C GLU F 17 -25.18 -16.32 16.23
N TRP F 18 -26.11 -15.40 16.46
CA TRP F 18 -26.96 -14.85 15.40
C TRP F 18 -26.06 -14.02 14.50
N LEU F 19 -25.26 -13.14 15.11
CA LEU F 19 -24.39 -12.23 14.39
C LEU F 19 -23.29 -12.94 13.63
N TYR F 20 -22.92 -14.14 14.06
CA TYR F 20 -21.94 -14.97 13.34
C TYR F 20 -22.58 -15.71 12.19
N MET F 21 -23.85 -16.08 12.34
CA MET F 21 -24.63 -16.78 11.32
C MET F 21 -25.02 -15.82 10.24
N GLU F 22 -25.28 -14.57 10.65
CA GLU F 22 -25.58 -13.49 9.71
C GLU F 22 -24.37 -13.23 8.84
N ALA F 23 -23.20 -13.13 9.47
CA ALA F 23 -21.92 -12.96 8.78
C ALA F 23 -21.59 -14.14 7.89
N GLU F 24 -21.95 -15.34 8.32
CA GLU F 24 -21.69 -16.58 7.58
C GLU F 24 -22.51 -16.66 6.29
N LEU F 25 -23.68 -16.04 6.32
CA LEU F 25 -24.60 -15.97 5.19
C LEU F 25 -24.13 -14.92 4.19
N LEU F 26 -23.62 -13.81 4.73
CA LEU F 26 -23.13 -12.69 3.94
C LEU F 26 -21.83 -12.98 3.18
N ASP F 27 -20.89 -13.67 3.83
CA ASP F 27 -19.63 -14.06 3.20
C ASP F 27 -19.79 -15.23 2.25
N ALA F 28 -20.96 -15.86 2.28
CA ALA F 28 -21.26 -17.01 1.43
C ALA F 28 -22.11 -16.60 0.24
N GLY F 29 -22.44 -15.31 0.17
CA GLY F 29 -23.17 -14.77 -0.95
C GLY F 29 -24.66 -14.94 -0.86
N LYS F 30 -25.13 -15.51 0.25
CA LYS F 30 -26.53 -15.85 0.42
C LYS F 30 -27.27 -14.65 0.97
N TYR F 31 -27.47 -13.66 0.12
CA TYR F 31 -28.15 -12.43 0.48
C TYR F 31 -29.66 -12.60 0.63
N ARG F 32 -30.25 -13.42 -0.25
CA ARG F 32 -31.69 -13.69 -0.18
C ARG F 32 -32.05 -14.37 1.11
N GLU F 33 -31.22 -15.31 1.54
CA GLU F 33 -31.38 -16.01 2.80
C GLU F 33 -31.20 -15.07 3.97
N TRP F 34 -30.34 -14.06 3.82
CA TRP F 34 -30.09 -13.02 4.83
C TRP F 34 -31.31 -12.11 5.00
N LEU F 35 -32.07 -11.93 3.93
CA LEU F 35 -33.23 -11.05 3.90
C LEU F 35 -34.40 -11.63 4.66
N ALA F 36 -34.29 -12.89 5.06
CA ALA F 36 -35.28 -13.58 5.88
C ALA F 36 -35.13 -13.10 7.30
N LEU F 37 -33.90 -12.74 7.68
CA LEU F 37 -33.65 -11.85 8.82
C LEU F 37 -34.19 -10.50 8.37
N VAL F 38 -33.92 -9.43 9.10
CA VAL F 38 -34.55 -8.11 8.80
C VAL F 38 -36.08 -8.07 8.91
N THR F 39 -36.58 -6.88 9.21
CA THR F 39 -37.93 -6.66 9.69
C THR F 39 -38.64 -5.76 8.67
N GLU F 40 -39.95 -5.81 8.59
CA GLU F 40 -40.65 -4.97 7.59
C GLU F 40 -40.45 -3.48 7.81
N ASP F 41 -40.13 -3.08 9.04
CA ASP F 41 -39.71 -1.71 9.31
C ASP F 41 -38.20 -1.55 9.52
N LEU F 42 -37.43 -2.32 8.74
CA LEU F 42 -35.98 -2.26 8.79
C LEU F 42 -35.52 -0.85 8.45
N SER F 43 -34.40 -0.46 9.04
CA SER F 43 -33.66 0.73 8.65
C SER F 43 -32.19 0.36 8.68
N TYR F 44 -31.59 0.28 7.50
CA TYR F 44 -30.17 -0.02 7.38
C TYR F 44 -29.50 1.22 6.85
N VAL F 45 -28.74 1.91 7.69
CA VAL F 45 -28.13 3.16 7.31
C VAL F 45 -26.62 3.13 7.50
N VAL F 46 -25.88 3.74 6.57
CA VAL F 46 -24.43 3.92 6.64
C VAL F 46 -24.10 5.43 6.57
N PRO F 47 -23.99 6.12 7.71
CA PRO F 47 -23.74 7.57 7.73
C PRO F 47 -22.44 8.02 7.09
N ILE F 48 -22.40 9.27 6.64
CA ILE F 48 -21.19 9.88 6.11
C ILE F 48 -20.48 10.53 7.28
N ARG F 49 -19.17 10.61 7.24
CA ARG F 49 -18.38 11.15 8.31
C ARG F 49 -17.47 12.18 7.68
N VAL F 50 -17.15 13.25 8.40
CA VAL F 50 -16.19 14.25 7.95
C VAL F 50 -15.27 14.55 9.10
N THR F 51 -14.01 14.92 8.81
CA THR F 51 -13.06 15.37 9.83
C THR F 51 -13.53 16.70 10.37
N ARG F 52 -13.73 16.74 11.68
CA ARG F 52 -14.05 17.96 12.38
C ARG F 52 -13.19 17.93 13.63
N GLU F 53 -13.17 19.03 14.36
CA GLU F 53 -12.38 19.11 15.58
C GLU F 53 -13.12 18.45 16.75
N ARG F 54 -12.37 18.08 17.80
CA ARG F 54 -12.95 17.56 19.03
C ARG F 54 -14.09 18.44 19.58
N GLU F 55 -13.83 19.75 19.66
CA GLU F 55 -14.81 20.74 20.11
C GLU F 55 -16.20 20.51 19.50
N ALA F 56 -16.27 20.52 18.16
CA ALA F 56 -17.51 20.47 17.37
C ALA F 56 -18.45 19.40 17.86
N VAL F 57 -19.76 19.68 17.76
CA VAL F 57 -20.79 18.79 18.30
C VAL F 57 -20.68 17.32 17.86
N THR F 58 -20.43 17.09 16.58
CA THR F 58 -20.46 15.75 16.01
C THR F 58 -19.67 15.59 14.71
N ASP F 59 -19.37 14.34 14.39
CA ASP F 59 -18.61 13.94 13.21
C ASP F 59 -19.52 13.64 12.05
N VAL F 60 -20.68 13.08 12.37
CA VAL F 60 -21.57 12.47 11.42
C VAL F 60 -22.41 13.50 10.69
N VAL F 61 -22.38 13.46 9.37
CA VAL F 61 -23.19 14.30 8.50
C VAL F 61 -24.70 14.01 8.66
N GLU F 62 -25.51 15.06 8.87
CA GLU F 62 -26.97 14.93 8.88
C GLU F 62 -27.60 15.30 7.54
N GLY F 63 -28.56 14.49 7.12
CA GLY F 63 -29.27 14.70 5.88
C GLY F 63 -28.75 13.86 4.73
N MET F 64 -27.55 13.34 4.86
CA MET F 64 -26.93 12.60 3.79
C MET F 64 -26.21 11.37 4.34
N THR F 65 -26.16 10.34 3.52
CA THR F 65 -25.84 8.98 3.90
C THR F 65 -25.17 8.26 2.72
N HIS F 66 -24.43 7.18 3.01
CA HIS F 66 -23.84 6.32 2.00
C HIS F 66 -24.82 5.27 1.54
N MET F 67 -25.75 4.91 2.42
CA MET F 67 -26.71 3.86 2.18
C MET F 67 -27.78 4.06 3.23
N ASP F 68 -29.04 4.14 2.80
CA ASP F 68 -30.15 4.37 3.74
C ASP F 68 -31.38 3.59 3.28
N ASP F 69 -31.43 2.32 3.67
CA ASP F 69 -32.42 1.38 3.15
C ASP F 69 -33.53 1.10 4.13
N ASP F 70 -34.73 0.89 3.61
CA ASP F 70 -35.81 0.28 4.36
C ASP F 70 -35.97 -1.10 3.76
N ALA F 71 -36.98 -1.85 4.15
CA ALA F 71 -37.12 -3.25 3.71
C ALA F 71 -37.37 -3.42 2.23
N ASP F 72 -38.15 -2.52 1.61
CA ASP F 72 -38.43 -2.57 0.16
C ASP F 72 -37.19 -2.30 -0.66
N SER F 73 -36.41 -1.31 -0.23
CA SER F 73 -35.21 -0.87 -0.92
C SER F 73 -34.12 -1.91 -0.77
N MET F 74 -34.06 -2.54 0.39
CA MET F 74 -33.14 -3.62 0.67
C MET F 74 -33.50 -4.87 -0.14
N GLU F 75 -34.80 -5.13 -0.29
CA GLU F 75 -35.25 -6.22 -1.17
C GLU F 75 -34.87 -5.98 -2.61
N MET F 76 -34.83 -4.72 -3.05
CA MET F 76 -34.39 -4.39 -4.41
C MET F 76 -32.92 -4.69 -4.54
N ARG F 77 -32.18 -4.46 -3.46
CA ARG F 77 -30.73 -4.60 -3.47
C ARG F 77 -30.33 -6.05 -3.62
N VAL F 78 -31.13 -6.94 -3.03
CA VAL F 78 -30.91 -8.37 -3.14
C VAL F 78 -31.47 -8.90 -4.46
N LEU F 79 -32.65 -8.41 -4.84
CA LEU F 79 -33.24 -8.64 -6.16
C LEU F 79 -32.30 -8.34 -7.32
N ARG F 80 -31.50 -7.28 -7.18
CA ARG F 80 -30.55 -6.90 -8.21
C ARG F 80 -29.48 -7.97 -8.39
N LEU F 81 -29.00 -8.51 -7.27
CA LEU F 81 -27.90 -9.45 -7.24
C LEU F 81 -28.33 -10.88 -7.64
N GLU F 82 -29.65 -11.12 -7.66
CA GLU F 82 -30.22 -12.40 -8.07
C GLU F 82 -30.41 -12.47 -9.56
N THR F 83 -30.39 -11.31 -10.20
CA THR F 83 -30.36 -11.19 -11.63
C THR F 83 -28.98 -11.64 -12.10
N GLU F 84 -28.82 -11.97 -13.39
CA GLU F 84 -27.52 -12.39 -13.87
C GLU F 84 -26.68 -11.30 -14.56
N TYR F 85 -27.04 -10.04 -14.34
CA TYR F 85 -26.31 -8.90 -14.89
C TYR F 85 -25.94 -7.89 -13.80
N ALA F 86 -25.49 -8.38 -12.66
CA ALA F 86 -25.05 -7.56 -11.55
C ALA F 86 -23.54 -7.50 -11.54
N TRP F 87 -23.01 -6.85 -12.57
CA TRP F 87 -21.57 -6.80 -12.85
C TRP F 87 -20.68 -6.45 -11.68
N ALA F 88 -21.17 -5.67 -10.74
CA ALA F 88 -20.36 -5.20 -9.62
C ALA F 88 -20.05 -6.34 -8.70
N GLU F 89 -20.84 -7.42 -8.80
CA GLU F 89 -20.65 -8.63 -8.00
C GLU F 89 -20.89 -9.95 -8.76
N ASP F 90 -20.83 -9.95 -10.10
CA ASP F 90 -21.22 -11.18 -10.83
C ASP F 90 -20.15 -12.21 -11.15
N PRO F 91 -18.89 -11.79 -11.29
CA PRO F 91 -17.81 -12.53 -10.63
C PRO F 91 -17.80 -11.92 -9.23
N PRO F 92 -18.22 -12.68 -8.21
CA PRO F 92 -18.42 -12.16 -6.86
C PRO F 92 -17.14 -11.84 -6.12
N SER F 93 -17.23 -10.89 -5.20
CA SER F 93 -16.15 -10.54 -4.29
C SER F 93 -15.86 -11.67 -3.34
N ARG F 94 -14.68 -11.66 -2.75
CA ARG F 94 -14.40 -12.53 -1.62
C ARG F 94 -14.41 -11.63 -0.41
N SER F 95 -15.37 -11.82 0.48
CA SER F 95 -15.48 -10.94 1.62
C SER F 95 -15.36 -11.75 2.89
N ARG F 96 -14.83 -11.15 3.93
CA ARG F 96 -14.91 -11.74 5.26
C ARG F 96 -15.41 -10.69 6.25
N HIS F 97 -16.48 -11.00 6.97
CA HIS F 97 -17.04 -10.06 7.93
C HIS F 97 -16.50 -10.48 9.28
N PHE F 98 -15.58 -9.69 9.82
CA PHE F 98 -14.98 -10.01 11.11
C PHE F 98 -15.75 -9.32 12.22
N VAL F 99 -16.72 -10.02 12.81
CA VAL F 99 -17.57 -9.48 13.88
C VAL F 99 -16.92 -9.70 15.25
N THR F 100 -16.46 -8.62 15.86
CA THR F 100 -15.78 -8.71 17.12
C THR F 100 -16.43 -7.76 18.12
N ASN F 101 -15.89 -7.67 19.33
CA ASN F 101 -16.41 -6.78 20.37
C ASN F 101 -17.95 -6.70 20.49
N VAL F 102 -18.63 -7.84 20.56
CA VAL F 102 -20.10 -7.83 20.66
C VAL F 102 -20.56 -7.46 22.06
N ARG F 103 -21.37 -6.41 22.12
CA ARG F 103 -21.89 -5.85 23.36
C ARG F 103 -23.40 -5.84 23.31
N VAL F 104 -24.03 -6.75 24.06
CA VAL F 104 -25.50 -6.84 24.08
C VAL F 104 -26.07 -6.12 25.30
N ALA F 105 -27.09 -5.31 25.06
CA ALA F 105 -27.74 -4.50 26.08
C ALA F 105 -29.23 -4.36 25.77
N THR F 106 -30.04 -4.25 26.82
CA THR F 106 -31.50 -4.25 26.70
C THR F 106 -32.07 -3.08 25.89
N GLY F 107 -33.18 -3.32 25.20
CA GLY F 107 -33.74 -2.37 24.27
C GLY F 107 -34.67 -1.33 24.85
N ASP F 108 -35.25 -0.52 23.97
CA ASP F 108 -36.19 0.53 24.35
C ASP F 108 -37.53 -0.09 24.73
N SER F 109 -37.78 -1.26 24.17
CA SER F 109 -38.94 -2.08 24.50
C SER F 109 -38.52 -3.39 25.13
N GLU F 110 -39.50 -4.25 25.40
CA GLU F 110 -39.22 -5.61 25.83
C GLU F 110 -38.99 -6.46 24.58
N ASP F 111 -38.11 -7.45 24.69
CA ASP F 111 -37.80 -8.35 23.58
C ASP F 111 -37.01 -7.67 22.45
N GLU F 112 -36.51 -6.46 22.73
CA GLU F 112 -35.60 -5.75 21.82
C GLU F 112 -34.26 -5.56 22.51
N PHE F 113 -33.19 -5.64 21.74
CA PHE F 113 -31.83 -5.54 22.28
C PHE F 113 -30.97 -4.67 21.39
N LYS F 114 -30.24 -3.72 21.98
CA LYS F 114 -29.29 -2.92 21.24
C LYS F 114 -27.95 -3.66 21.14
N VAL F 115 -27.65 -4.13 19.94
CA VAL F 115 -26.52 -5.03 19.70
C VAL F 115 -25.38 -4.33 18.95
N THR F 116 -24.30 -4.02 19.66
CA THR F 116 -23.17 -3.31 19.08
C THR F 116 -22.00 -4.23 18.78
N SER F 117 -21.52 -4.23 17.55
CA SER F 117 -20.35 -5.04 17.15
C SER F 117 -19.32 -4.19 16.43
N ASN F 118 -18.09 -4.66 16.40
CA ASN F 118 -17.06 -4.03 15.57
C ASN F 118 -16.90 -4.84 14.33
N LEU F 119 -16.93 -4.20 13.17
CA LEU F 119 -16.76 -4.93 11.92
C LEU F 119 -15.45 -4.55 11.25
N LEU F 120 -14.74 -5.54 10.73
CA LEU F 120 -13.59 -5.35 9.83
C LEU F 120 -13.90 -6.14 8.58
N LEU F 121 -14.48 -5.50 7.57
CA LEU F 121 -14.78 -6.17 6.30
C LEU F 121 -13.54 -6.26 5.41
N TYR F 122 -13.17 -7.46 5.03
CA TYR F 122 -12.07 -7.67 4.12
C TYR F 122 -12.64 -7.99 2.74
N ARG F 123 -12.26 -7.24 1.73
CA ARG F 123 -12.80 -7.41 0.39
C ARG F 123 -11.70 -7.65 -0.61
N THR F 124 -11.92 -8.60 -1.50
CA THR F 124 -10.98 -8.88 -2.56
C THR F 124 -11.74 -9.07 -3.88
N ARG F 125 -11.15 -8.68 -5.01
CA ARG F 125 -11.85 -8.76 -6.29
C ARG F 125 -11.02 -9.29 -7.48
N GLY F 126 -10.90 -10.59 -7.55
CA GLY F 126 -10.46 -11.27 -8.75
C GLY F 126 -9.04 -11.14 -9.25
N ASP F 127 -8.10 -11.82 -8.62
CA ASP F 127 -6.78 -12.09 -9.24
C ASP F 127 -5.74 -10.99 -9.13
N VAL F 128 -6.19 -9.74 -9.06
CA VAL F 128 -5.28 -8.61 -8.80
C VAL F 128 -4.75 -8.69 -7.35
N ALA F 129 -3.53 -8.25 -7.12
CA ALA F 129 -2.88 -8.39 -5.81
C ALA F 129 -3.10 -7.18 -4.90
N THR F 130 -4.37 -6.90 -4.61
CA THR F 130 -4.78 -5.79 -3.77
C THR F 130 -5.97 -6.22 -2.92
N TYR F 131 -6.15 -5.59 -1.76
CA TYR F 131 -7.33 -5.86 -0.94
C TYR F 131 -7.90 -4.61 -0.32
N ASP F 132 -9.20 -4.63 0.01
CA ASP F 132 -9.80 -3.49 0.70
C ASP F 132 -10.24 -3.91 2.10
N VAL F 133 -10.23 -2.97 3.02
CA VAL F 133 -10.56 -3.22 4.41
C VAL F 133 -11.47 -2.08 4.84
N LEU F 134 -12.70 -2.42 5.20
CA LEU F 134 -13.60 -1.48 5.82
C LEU F 134 -13.65 -1.77 7.30
N SER F 135 -13.52 -0.75 8.13
CA SER F 135 -13.60 -0.91 9.56
C SER F 135 -14.71 -0.01 10.05
N GLY F 136 -15.59 -0.53 10.88
CA GLY F 136 -16.72 0.24 11.37
C GLY F 136 -17.29 -0.31 12.63
N GLU F 137 -18.35 0.29 13.15
CA GLU F 137 -19.04 -0.23 14.31
C GLU F 137 -20.51 -0.25 14.07
N ARG F 138 -21.11 -1.44 14.03
CA ARG F 138 -22.54 -1.56 13.80
C ARG F 138 -23.30 -1.44 15.10
N THR F 139 -24.35 -0.61 15.12
CA THR F 139 -25.24 -0.50 16.26
C THR F 139 -26.60 -1.00 15.82
N ASP F 140 -26.94 -2.24 16.18
CA ASP F 140 -28.18 -2.90 15.74
C ASP F 140 -29.31 -2.79 16.76
N VAL F 141 -30.51 -3.19 16.34
CA VAL F 141 -31.65 -3.38 17.23
C VAL F 141 -32.29 -4.70 16.85
N LEU F 142 -32.04 -5.74 17.63
CA LEU F 142 -32.54 -7.07 17.33
C LEU F 142 -33.85 -7.35 18.06
N ARG F 143 -34.91 -7.61 17.29
CA ARG F 143 -36.22 -7.95 17.82
C ARG F 143 -36.30 -9.45 18.03
N ARG F 144 -37.21 -9.90 18.88
CA ARG F 144 -37.44 -11.34 19.01
C ARG F 144 -38.49 -11.75 18.00
N ALA F 145 -38.27 -12.88 17.35
CA ALA F 145 -39.27 -13.46 16.47
C ALA F 145 -39.16 -14.97 16.54
N GLY F 146 -40.00 -15.57 17.39
CA GLY F 146 -40.00 -17.00 17.60
C GLY F 146 -38.90 -17.40 18.55
N ASP F 147 -38.07 -18.34 18.12
CA ASP F 147 -36.96 -18.82 18.94
C ASP F 147 -35.62 -18.27 18.44
N SER F 148 -35.68 -17.17 17.70
CA SER F 148 -34.51 -16.49 17.18
C SER F 148 -34.83 -15.02 17.13
N PHE F 149 -34.04 -14.26 16.40
CA PHE F 149 -34.16 -12.82 16.31
C PHE F 149 -34.40 -12.33 14.88
N LEU F 150 -34.85 -11.09 14.77
CA LEU F 150 -34.98 -10.41 13.51
C LEU F 150 -34.39 -9.00 13.68
N MET F 151 -33.74 -8.48 12.64
CA MET F 151 -33.07 -7.17 12.71
C MET F 151 -34.02 -6.03 12.37
N ALA F 152 -34.25 -5.15 13.34
CA ALA F 152 -35.14 -4.01 13.16
C ALA F 152 -34.41 -2.83 12.57
N LYS F 153 -33.13 -2.68 12.88
CA LYS F 153 -32.34 -1.51 12.49
C LYS F 153 -30.83 -1.78 12.57
N ARG F 154 -30.05 -1.18 11.68
CA ARG F 154 -28.58 -1.22 11.77
C ARG F 154 -27.99 0.11 11.40
N VAL F 155 -26.96 0.55 12.11
CA VAL F 155 -26.21 1.74 11.73
C VAL F 155 -24.72 1.42 11.66
N VAL F 156 -24.23 1.13 10.46
CA VAL F 156 -22.82 0.91 10.23
C VAL F 156 -22.08 2.24 10.18
N LEU F 157 -21.41 2.58 11.27
CA LEU F 157 -20.58 3.79 11.29
C LEU F 157 -19.12 3.43 11.09
N LEU F 158 -18.62 3.67 9.88
CA LEU F 158 -17.28 3.30 9.45
C LEU F 158 -16.25 4.26 10.04
N ASP F 159 -15.00 3.83 10.12
CA ASP F 159 -13.92 4.66 10.67
C ASP F 159 -13.18 5.41 9.60
N GLN F 160 -13.92 5.99 8.68
CA GLN F 160 -13.32 6.63 7.57
C GLN F 160 -14.25 7.71 7.21
N THR F 161 -13.68 8.78 6.67
CA THR F 161 -14.45 9.79 5.97
C THR F 161 -14.44 9.46 4.46
N THR F 162 -13.27 9.42 3.83
CA THR F 162 -13.14 8.98 2.43
C THR F 162 -13.15 7.48 2.44
N ILE F 163 -14.16 6.87 1.82
CA ILE F 163 -14.35 5.43 1.87
C ILE F 163 -13.35 4.70 0.98
N MET F 164 -12.63 3.73 1.54
CA MET F 164 -11.66 2.98 0.78
C MET F 164 -12.22 1.71 0.12
N THR F 165 -13.25 1.88 -0.70
CA THR F 165 -13.68 0.87 -1.70
C THR F 165 -14.39 1.59 -2.84
N HIS F 166 -14.29 1.02 -4.03
CA HIS F 166 -14.85 1.57 -5.24
C HIS F 166 -16.37 1.63 -5.24
N ASN F 167 -17.01 0.76 -4.47
CA ASN F 167 -18.46 0.82 -4.25
C ASN F 167 -18.87 0.05 -3.01
N LEU F 168 -20.09 0.29 -2.54
CA LEU F 168 -20.62 -0.38 -1.36
C LEU F 168 -21.62 -1.46 -1.76
N ALA F 169 -21.14 -2.40 -2.57
CA ALA F 169 -21.97 -3.48 -3.13
C ALA F 169 -22.10 -4.70 -2.20
N LEU F 170 -21.40 -4.64 -1.07
CA LEU F 170 -21.56 -5.64 -0.04
C LEU F 170 -22.35 -5.08 1.14
N ILE F 171 -23.26 -5.89 1.66
CA ILE F 171 -23.94 -5.58 2.91
C ILE F 171 -22.96 -5.83 4.05
N MET F 172 -23.02 -4.98 5.06
CA MET F 172 -22.14 -5.07 6.21
C MET F 172 -22.93 -5.50 7.42
#